data_2LU1
#
_entry.id   2LU1
#
_entity_poly.entity_id   1
_entity_poly.type   'polypeptide(L)'
_entity_poly.pdbx_seq_one_letter_code
;TSNKKILLNVDKLVDQYLLNLKNNHTSKQELILVLKGELDLHSKNMKNVINNAKKNLEKYFKEHFKEFDKISYDISTPIN
FLCIFIPTLFDMNNMDLLKQALLILHNDLHEYVENWSFSSTYHTYEADYIKEQDSVYDRSPKKKYIKAS
;
_entity_poly.pdbx_strand_id   A
#
# COMPACT_ATOMS: atom_id res chain seq x y z
N THR A 26 0.82 17.26 -6.03
CA THR A 26 0.98 18.19 -4.91
C THR A 26 1.55 17.49 -3.69
N SER A 27 0.94 16.35 -3.33
CA SER A 27 1.40 15.59 -2.18
C SER A 27 1.90 14.21 -2.60
N LYS A 28 3.01 13.78 -2.00
CA LYS A 28 3.58 12.48 -2.32
C LYS A 28 3.90 11.71 -1.04
N GLN A 29 3.52 10.43 -1.02
CA GLN A 29 3.75 9.58 0.14
C GLN A 29 4.23 8.20 -0.30
N GLU A 30 5.14 7.64 0.49
CA GLU A 30 5.69 6.32 0.18
C GLU A 30 5.74 5.43 1.42
N LEU A 31 5.36 4.17 1.26
CA LEU A 31 5.38 3.23 2.37
C LEU A 31 6.48 2.19 2.18
N ILE A 32 7.48 2.24 3.05
CA ILE A 32 8.59 1.30 2.98
C ILE A 32 8.18 -0.08 3.47
N LEU A 33 7.74 -0.94 2.55
CA LEU A 33 7.32 -2.29 2.90
C LEU A 33 8.53 -3.19 3.10
N VAL A 34 8.30 -4.36 3.69
CA VAL A 34 9.37 -5.31 3.94
C VAL A 34 8.83 -6.72 4.04
N LEU A 35 9.34 -7.59 3.18
CA LEU A 35 8.91 -8.98 3.14
C LEU A 35 10.09 -9.92 3.39
N LYS A 36 9.90 -11.20 3.10
CA LYS A 36 10.95 -12.20 3.30
C LYS A 36 11.36 -12.82 1.96
N GLY A 37 12.54 -13.44 1.95
CA GLY A 37 13.03 -14.05 0.73
C GLY A 37 12.87 -15.56 0.75
N GLU A 38 11.83 -16.04 1.40
CA GLU A 38 11.57 -17.48 1.50
C GLU A 38 10.51 -17.90 0.49
N LEU A 39 10.47 -17.22 -0.65
CA LEU A 39 9.50 -17.53 -1.71
C LEU A 39 10.20 -17.72 -3.04
N ASP A 40 9.66 -18.61 -3.86
CA ASP A 40 10.22 -18.90 -5.18
C ASP A 40 9.13 -19.17 -6.19
N LEU A 41 8.02 -18.46 -6.06
CA LEU A 41 6.89 -18.63 -6.98
C LEU A 41 5.78 -17.63 -6.66
N HIS A 42 5.73 -16.54 -7.42
CA HIS A 42 4.71 -15.52 -7.23
C HIS A 42 4.86 -14.87 -5.86
N SER A 43 4.96 -13.54 -5.84
CA SER A 43 5.10 -12.80 -4.60
C SER A 43 3.76 -12.20 -4.16
N LYS A 44 3.32 -12.58 -2.98
CA LYS A 44 2.05 -12.07 -2.44
C LYS A 44 2.13 -10.58 -2.13
N ASN A 45 3.35 -10.07 -1.99
CA ASN A 45 3.56 -8.67 -1.68
C ASN A 45 2.86 -7.77 -2.70
N MET A 46 3.23 -7.92 -3.98
CA MET A 46 2.64 -7.13 -5.05
C MET A 46 1.13 -7.30 -5.07
N LYS A 47 0.67 -8.53 -4.86
CA LYS A 47 -0.76 -8.84 -4.85
C LYS A 47 -1.45 -8.16 -3.67
N ASN A 48 -0.69 -7.90 -2.61
CA ASN A 48 -1.23 -7.26 -1.42
C ASN A 48 -1.52 -5.79 -1.68
N VAL A 49 -0.65 -5.14 -2.44
CA VAL A 49 -0.82 -3.72 -2.76
C VAL A 49 -1.98 -3.51 -3.71
N ILE A 50 -2.07 -4.35 -4.74
CA ILE A 50 -3.14 -4.24 -5.72
C ILE A 50 -4.51 -4.49 -5.07
N ASN A 51 -4.55 -5.43 -4.13
CA ASN A 51 -5.79 -5.76 -3.44
C ASN A 51 -6.20 -4.64 -2.49
N ASN A 52 -5.21 -3.95 -1.91
CA ASN A 52 -5.47 -2.87 -0.99
C ASN A 52 -5.60 -1.54 -1.73
N ALA A 53 -4.54 -1.13 -2.41
CA ALA A 53 -4.55 0.12 -3.16
C ALA A 53 -5.81 0.25 -4.01
N LYS A 54 -6.32 -0.88 -4.48
CA LYS A 54 -7.52 -0.89 -5.31
C LYS A 54 -8.77 -0.88 -4.44
N LYS A 55 -8.83 -1.80 -3.48
CA LYS A 55 -9.97 -1.89 -2.58
C LYS A 55 -10.16 -0.57 -1.83
N ASN A 56 -9.04 0.03 -1.43
CA ASN A 56 -9.07 1.29 -0.70
C ASN A 56 -9.58 2.40 -1.61
N LEU A 57 -9.04 2.48 -2.81
CA LEU A 57 -9.45 3.49 -3.77
C LEU A 57 -10.97 3.52 -3.91
N GLU A 58 -11.52 2.41 -4.40
CA GLU A 58 -12.96 2.29 -4.58
C GLU A 58 -13.70 2.55 -3.28
N LYS A 59 -13.05 2.25 -2.16
CA LYS A 59 -13.66 2.45 -0.85
C LYS A 59 -14.05 3.92 -0.67
N TYR A 60 -13.23 4.81 -1.20
CA TYR A 60 -13.50 6.24 -1.11
C TYR A 60 -14.54 6.66 -2.14
N PHE A 61 -14.53 5.98 -3.29
CA PHE A 61 -15.47 6.27 -4.37
C PHE A 61 -16.84 5.68 -4.07
N LYS A 62 -16.86 4.58 -3.33
CA LYS A 62 -18.13 3.92 -2.99
C LYS A 62 -18.72 4.51 -1.72
N GLU A 63 -17.86 4.77 -0.73
CA GLU A 63 -18.31 5.32 0.53
C GLU A 63 -18.51 6.83 0.44
N HIS A 64 -17.49 7.53 -0.03
CA HIS A 64 -17.55 8.98 -0.18
C HIS A 64 -17.98 9.39 -1.58
N PHE A 65 -18.41 8.42 -2.37
CA PHE A 65 -18.86 8.67 -3.74
C PHE A 65 -17.68 9.08 -4.63
N LYS A 66 -17.09 10.23 -4.32
CA LYS A 66 -15.96 10.74 -5.10
C LYS A 66 -14.96 11.45 -4.19
N GLU A 67 -13.74 10.94 -4.17
CA GLU A 67 -12.68 11.53 -3.35
C GLU A 67 -11.51 11.98 -4.21
N PHE A 68 -10.38 12.27 -3.57
CA PHE A 68 -9.19 12.72 -4.28
C PHE A 68 -7.93 12.08 -3.69
N ASP A 69 -7.50 10.96 -4.27
CA ASP A 69 -6.31 10.27 -3.79
C ASP A 69 -6.01 9.05 -4.65
N LYS A 70 -4.78 8.98 -5.17
CA LYS A 70 -4.35 7.87 -6.00
C LYS A 70 -3.27 7.06 -5.29
N ILE A 71 -3.15 5.78 -5.63
CA ILE A 71 -2.15 4.92 -5.00
C ILE A 71 -1.38 4.10 -6.02
N SER A 72 -0.07 4.01 -5.78
CA SER A 72 0.82 3.25 -6.65
C SER A 72 1.82 2.45 -5.82
N TYR A 73 2.60 1.60 -6.47
CA TYR A 73 3.59 0.78 -5.77
C TYR A 73 4.67 0.28 -6.72
N ASP A 74 5.76 -0.21 -6.14
CA ASP A 74 6.88 -0.74 -6.92
C ASP A 74 7.74 -1.65 -6.06
N ILE A 75 8.51 -2.53 -6.72
CA ILE A 75 9.36 -3.46 -6.00
C ILE A 75 10.83 -3.02 -6.07
N SER A 76 11.45 -2.93 -4.89
CA SER A 76 12.85 -2.51 -4.81
C SER A 76 13.74 -3.72 -4.56
N THR A 77 14.11 -4.41 -5.64
CA THR A 77 14.96 -5.58 -5.55
C THR A 77 14.25 -6.71 -4.78
N PRO A 78 14.22 -7.93 -5.35
CA PRO A 78 13.57 -9.07 -4.70
C PRO A 78 14.29 -9.53 -3.43
N ILE A 79 15.54 -9.11 -3.29
CA ILE A 79 16.33 -9.47 -2.12
C ILE A 79 16.68 -8.24 -1.28
N ASN A 80 15.76 -7.28 -1.26
CA ASN A 80 15.97 -6.05 -0.48
C ASN A 80 14.67 -5.63 0.21
N PHE A 81 14.05 -4.54 -0.24
CA PHE A 81 12.82 -4.06 0.36
C PHE A 81 11.80 -3.64 -0.70
N LEU A 82 10.57 -3.42 -0.28
CA LEU A 82 9.51 -3.01 -1.19
C LEU A 82 9.36 -1.50 -1.17
N CYS A 83 9.09 -0.91 -2.34
CA CYS A 83 8.94 0.53 -2.45
C CYS A 83 7.53 0.92 -2.87
N ILE A 84 6.74 1.40 -1.92
CA ILE A 84 5.37 1.82 -2.21
C ILE A 84 5.31 3.34 -2.41
N PHE A 85 4.64 3.76 -3.47
CA PHE A 85 4.53 5.18 -3.77
C PHE A 85 3.08 5.58 -4.01
N ILE A 86 2.42 6.02 -2.95
CA ILE A 86 1.02 6.45 -3.03
C ILE A 86 0.92 7.95 -3.32
N PRO A 87 0.58 8.32 -4.57
CA PRO A 87 0.46 9.72 -4.97
C PRO A 87 -0.91 10.29 -4.65
N THR A 88 -0.95 11.28 -3.76
CA THR A 88 -2.21 11.90 -3.37
C THR A 88 -2.10 13.42 -3.39
N LEU A 89 -3.18 14.08 -3.80
CA LEU A 89 -3.21 15.54 -3.86
C LEU A 89 -3.36 16.14 -2.47
N PHE A 90 -4.05 15.40 -1.59
CA PHE A 90 -4.27 15.84 -0.23
C PHE A 90 -5.11 17.12 -0.21
N ASP A 91 -6.14 17.11 0.63
CA ASP A 91 -7.04 18.26 0.77
C ASP A 91 -8.29 17.88 1.57
N MET A 92 -8.82 16.69 1.29
CA MET A 92 -10.01 16.21 1.96
C MET A 92 -9.80 14.78 2.46
N ASN A 93 -8.58 14.46 2.86
CA ASN A 93 -8.26 13.12 3.35
C ASN A 93 -8.11 13.13 4.87
N ASN A 94 -7.55 14.22 5.40
CA ASN A 94 -7.34 14.34 6.84
C ASN A 94 -6.49 13.20 7.38
N MET A 95 -5.65 12.64 6.52
CA MET A 95 -4.78 11.54 6.91
C MET A 95 -5.59 10.35 7.44
N ASP A 96 -6.54 9.89 6.63
CA ASP A 96 -7.39 8.77 7.03
C ASP A 96 -7.41 7.70 5.95
N LEU A 97 -6.36 7.66 5.12
CA LEU A 97 -6.26 6.69 4.04
C LEU A 97 -5.06 5.77 4.25
N LEU A 98 -4.05 6.25 4.96
CA LEU A 98 -2.85 5.47 5.21
C LEU A 98 -3.10 4.39 6.27
N LYS A 99 -4.23 4.49 6.96
CA LYS A 99 -4.59 3.52 8.00
C LYS A 99 -4.57 2.10 7.45
N GLN A 100 -5.07 1.94 6.23
CA GLN A 100 -5.12 0.62 5.60
C GLN A 100 -3.76 0.24 5.02
N ALA A 101 -3.07 1.22 4.45
CA ALA A 101 -1.76 0.99 3.86
C ALA A 101 -0.74 0.64 4.94
N LEU A 102 -0.82 1.33 6.07
CA LEU A 102 0.09 1.10 7.19
C LEU A 102 -0.25 -0.23 7.88
N LEU A 103 -1.50 -0.64 7.77
CA LEU A 103 -1.94 -1.89 8.39
C LEU A 103 -1.61 -3.08 7.51
N ILE A 104 -1.90 -2.96 6.22
CA ILE A 104 -1.63 -4.05 5.27
C ILE A 104 -0.15 -4.41 5.25
N LEU A 105 0.71 -3.40 5.20
CA LEU A 105 2.16 -3.64 5.16
C LEU A 105 2.66 -4.12 6.53
N HIS A 106 2.20 -3.47 7.59
CA HIS A 106 2.61 -3.84 8.94
C HIS A 106 2.23 -5.28 9.25
N ASN A 107 0.94 -5.61 9.12
CA ASN A 107 0.47 -6.97 9.39
C ASN A 107 1.23 -7.98 8.54
N ASP A 108 1.63 -7.56 7.34
CA ASP A 108 2.37 -8.43 6.44
C ASP A 108 3.67 -8.90 7.08
N LEU A 109 4.38 -7.97 7.71
CA LEU A 109 5.65 -8.28 8.37
C LEU A 109 5.48 -8.45 9.88
N HIS A 110 4.25 -8.27 10.36
CA HIS A 110 3.96 -8.40 11.79
C HIS A 110 3.86 -9.87 12.19
N GLU A 111 2.78 -10.54 11.80
CA GLU A 111 2.58 -11.93 12.14
C GLU A 111 3.25 -12.85 11.11
N TYR A 112 2.74 -12.81 9.88
CA TYR A 112 3.29 -13.63 8.80
C TYR A 112 2.42 -13.53 7.54
N VAL A 113 1.17 -13.97 7.66
CA VAL A 113 0.22 -13.94 6.55
C VAL A 113 0.88 -14.41 5.25
N GLU A 114 1.65 -15.48 5.33
CA GLU A 114 2.33 -16.03 4.16
C GLU A 114 1.84 -17.44 3.86
N THR A 26 -0.56 19.45 -2.96
CA THR A 26 -0.56 17.99 -3.03
C THR A 26 0.45 17.40 -2.04
N SER A 27 0.12 16.22 -1.51
CA SER A 27 0.99 15.55 -0.56
C SER A 27 1.32 14.14 -1.03
N LYS A 28 2.60 13.81 -1.08
CA LYS A 28 3.04 12.49 -1.50
C LYS A 28 3.43 11.62 -0.30
N GLN A 29 3.05 10.34 -0.36
CA GLN A 29 3.37 9.41 0.72
C GLN A 29 3.88 8.09 0.16
N GLU A 30 4.90 7.55 0.82
CA GLU A 30 5.50 6.29 0.38
C GLU A 30 5.74 5.37 1.58
N LEU A 31 5.40 4.10 1.41
CA LEU A 31 5.58 3.10 2.46
C LEU A 31 6.66 2.10 2.09
N ILE A 32 7.43 1.66 3.08
CA ILE A 32 8.49 0.69 2.85
C ILE A 32 8.19 -0.64 3.53
N LEU A 33 7.75 -1.61 2.75
CA LEU A 33 7.43 -2.93 3.28
C LEU A 33 8.66 -3.83 3.29
N VAL A 34 8.74 -4.67 4.29
CA VAL A 34 9.88 -5.60 4.43
C VAL A 34 11.15 -4.84 4.77
N LEU A 35 11.84 -5.31 5.80
CA LEU A 35 13.08 -4.68 6.25
C LEU A 35 14.25 -5.67 6.14
N LYS A 36 14.00 -6.93 6.49
CA LYS A 36 15.02 -7.96 6.43
C LYS A 36 15.40 -8.26 4.99
N GLY A 37 14.44 -8.74 4.22
CA GLY A 37 14.70 -9.06 2.82
C GLY A 37 13.93 -10.28 2.36
N GLU A 38 14.04 -11.37 3.11
CA GLU A 38 13.36 -12.62 2.78
C GLU A 38 13.51 -12.96 1.30
N LEU A 39 12.74 -13.96 0.84
CA LEU A 39 12.80 -14.38 -0.55
C LEU A 39 11.48 -14.13 -1.24
N ASP A 40 11.46 -14.32 -2.56
CA ASP A 40 10.25 -14.13 -3.34
C ASP A 40 9.79 -15.44 -3.98
N LEU A 41 8.53 -15.80 -3.72
CA LEU A 41 7.96 -17.03 -4.27
C LEU A 41 7.13 -16.74 -5.52
N HIS A 42 5.93 -16.20 -5.32
CA HIS A 42 5.04 -15.89 -6.43
C HIS A 42 4.76 -14.39 -6.48
N SER A 43 5.64 -13.58 -5.89
CA SER A 43 5.47 -12.14 -5.88
C SER A 43 4.10 -11.75 -5.32
N LYS A 44 3.63 -12.53 -4.35
CA LYS A 44 2.34 -12.27 -3.73
C LYS A 44 2.29 -10.87 -3.13
N ASN A 45 3.46 -10.32 -2.80
CA ASN A 45 3.54 -9.00 -2.22
C ASN A 45 2.87 -7.95 -3.11
N MET A 46 3.23 -7.94 -4.38
CA MET A 46 2.65 -7.01 -5.34
C MET A 46 1.14 -7.18 -5.42
N LYS A 47 0.68 -8.41 -5.20
CA LYS A 47 -0.75 -8.71 -5.24
C LYS A 47 -1.44 -8.22 -3.98
N ASN A 48 -0.67 -8.10 -2.89
CA ASN A 48 -1.21 -7.64 -1.62
C ASN A 48 -1.50 -6.15 -1.66
N VAL A 49 -0.64 -5.40 -2.35
CA VAL A 49 -0.82 -3.96 -2.48
C VAL A 49 -1.94 -3.62 -3.45
N ILE A 50 -1.88 -4.23 -4.64
CA ILE A 50 -2.90 -3.98 -5.65
C ILE A 50 -4.30 -4.29 -5.11
N ASN A 51 -4.37 -5.23 -4.17
CA ASN A 51 -5.63 -5.62 -3.57
C ASN A 51 -6.11 -4.55 -2.59
N ASN A 52 -5.19 -4.08 -1.73
CA ASN A 52 -5.53 -3.08 -0.74
C ASN A 52 -5.70 -1.71 -1.41
N ALA A 53 -4.76 -1.35 -2.27
CA ALA A 53 -4.81 -0.08 -2.98
C ALA A 53 -6.10 0.03 -3.79
N LYS A 54 -6.62 -1.11 -4.24
CA LYS A 54 -7.85 -1.14 -5.02
C LYS A 54 -9.06 -0.89 -4.12
N LYS A 55 -9.09 -1.56 -2.97
CA LYS A 55 -10.18 -1.41 -2.02
C LYS A 55 -10.34 0.04 -1.60
N ASN A 56 -9.23 0.66 -1.20
CA ASN A 56 -9.24 2.05 -0.77
C ASN A 56 -9.79 2.95 -1.88
N LEU A 57 -9.17 2.90 -3.05
CA LEU A 57 -9.60 3.71 -4.18
C LEU A 57 -11.10 3.57 -4.40
N GLU A 58 -11.55 2.33 -4.56
CA GLU A 58 -12.97 2.07 -4.77
C GLU A 58 -13.79 2.51 -3.56
N LYS A 59 -13.17 2.47 -2.38
CA LYS A 59 -13.85 2.88 -1.15
C LYS A 59 -14.39 4.30 -1.28
N TYR A 60 -13.62 5.15 -1.95
CA TYR A 60 -14.02 6.54 -2.15
C TYR A 60 -15.03 6.65 -3.28
N PHE A 61 -14.79 5.90 -4.36
CA PHE A 61 -15.69 5.91 -5.51
C PHE A 61 -17.05 5.32 -5.14
N LYS A 62 -17.07 4.45 -4.14
CA LYS A 62 -18.31 3.82 -3.71
C LYS A 62 -19.04 4.67 -2.67
N GLU A 63 -18.29 5.54 -1.98
CA GLU A 63 -18.88 6.39 -0.96
C GLU A 63 -19.18 7.79 -1.49
N HIS A 64 -18.26 8.36 -2.25
CA HIS A 64 -18.45 9.70 -2.79
C HIS A 64 -18.69 9.69 -4.29
N PHE A 65 -18.89 8.51 -4.86
CA PHE A 65 -19.15 8.36 -6.30
C PHE A 65 -18.23 9.26 -7.12
N LYS A 66 -17.03 9.49 -6.61
CA LYS A 66 -16.05 10.34 -7.29
C LYS A 66 -14.68 9.66 -7.37
N GLU A 67 -14.30 8.98 -6.29
CA GLU A 67 -13.01 8.29 -6.22
C GLU A 67 -11.88 9.30 -6.02
N PHE A 68 -11.67 9.70 -4.77
CA PHE A 68 -10.63 10.65 -4.44
C PHE A 68 -9.34 9.93 -4.03
N ASP A 69 -8.23 10.66 -4.00
CA ASP A 69 -6.95 10.08 -3.63
C ASP A 69 -6.54 8.97 -4.60
N LYS A 70 -5.24 8.74 -4.70
CA LYS A 70 -4.72 7.71 -5.59
C LYS A 70 -3.66 6.87 -4.88
N ILE A 71 -3.45 5.64 -5.36
CA ILE A 71 -2.47 4.76 -4.75
C ILE A 71 -1.61 4.08 -5.80
N SER A 72 -0.31 4.03 -5.51
CA SER A 72 0.66 3.42 -6.41
C SER A 72 1.66 2.59 -5.61
N TYR A 73 2.39 1.71 -6.30
CA TYR A 73 3.38 0.87 -5.63
C TYR A 73 4.41 0.33 -6.62
N ASP A 74 5.57 -0.06 -6.08
CA ASP A 74 6.64 -0.60 -6.91
C ASP A 74 7.47 -1.59 -6.11
N ILE A 75 8.34 -2.32 -6.81
CA ILE A 75 9.19 -3.31 -6.16
C ILE A 75 10.66 -3.10 -6.53
N SER A 76 11.56 -3.63 -5.71
CA SER A 76 12.99 -3.50 -5.95
C SER A 76 13.69 -4.83 -5.74
N THR A 77 14.32 -5.34 -6.80
CA THR A 77 15.02 -6.62 -6.73
C THR A 77 16.47 -6.40 -6.29
N PRO A 78 17.22 -5.51 -6.97
CA PRO A 78 18.61 -5.23 -6.65
C PRO A 78 18.81 -4.91 -5.18
N ILE A 79 17.77 -4.38 -4.54
CA ILE A 79 17.83 -4.03 -3.13
C ILE A 79 17.04 -5.02 -2.28
N ASN A 80 16.07 -5.68 -2.89
CA ASN A 80 15.23 -6.65 -2.19
C ASN A 80 14.34 -5.96 -1.17
N PHE A 81 13.76 -4.83 -1.56
CA PHE A 81 12.89 -4.07 -0.69
C PHE A 81 11.61 -3.67 -1.42
N LEU A 82 10.51 -3.57 -0.67
CA LEU A 82 9.22 -3.20 -1.24
C LEU A 82 9.01 -1.70 -1.15
N CYS A 83 8.94 -1.03 -2.30
CA CYS A 83 8.74 0.42 -2.34
C CYS A 83 7.30 0.76 -2.71
N ILE A 84 6.60 1.37 -1.77
CA ILE A 84 5.22 1.76 -1.98
C ILE A 84 5.10 3.28 -2.10
N PHE A 85 4.38 3.74 -3.13
CA PHE A 85 4.20 5.17 -3.34
C PHE A 85 2.73 5.51 -3.53
N ILE A 86 2.06 5.87 -2.44
CA ILE A 86 0.65 6.22 -2.49
C ILE A 86 0.46 7.73 -2.53
N PRO A 87 0.06 8.28 -3.70
CA PRO A 87 -0.15 9.72 -3.87
C PRO A 87 -1.54 10.16 -3.44
N THR A 88 -1.59 11.11 -2.52
CA THR A 88 -2.86 11.61 -2.02
C THR A 88 -2.78 13.09 -1.68
N LEU A 89 -3.74 13.58 -0.90
CA LEU A 89 -3.77 14.99 -0.51
C LEU A 89 -3.63 15.15 1.00
N PHE A 90 -4.13 14.16 1.75
CA PHE A 90 -4.07 14.20 3.21
C PHE A 90 -4.77 15.44 3.75
N ASP A 91 -5.74 15.94 3.00
CA ASP A 91 -6.49 17.13 3.41
C ASP A 91 -7.91 17.09 2.86
N MET A 92 -8.38 15.90 2.51
CA MET A 92 -9.72 15.72 1.98
C MET A 92 -10.40 14.52 2.63
N ASN A 93 -9.75 13.38 2.55
CA ASN A 93 -10.27 12.15 3.14
C ASN A 93 -9.83 12.01 4.60
N ASN A 94 -9.00 12.94 5.05
CA ASN A 94 -8.50 12.92 6.43
C ASN A 94 -7.60 11.71 6.67
N MET A 95 -6.52 11.62 5.89
CA MET A 95 -5.56 10.52 6.00
C MET A 95 -6.28 9.17 6.17
N ASP A 96 -7.35 8.98 5.41
CA ASP A 96 -8.12 7.75 5.47
C ASP A 96 -7.64 6.76 4.40
N LEU A 97 -6.34 6.51 4.39
CA LEU A 97 -5.75 5.59 3.42
C LEU A 97 -4.45 4.98 3.97
N LEU A 98 -3.58 5.85 4.48
CA LEU A 98 -2.31 5.40 5.04
C LEU A 98 -2.52 4.41 6.17
N LYS A 99 -3.63 4.56 6.88
CA LYS A 99 -3.96 3.67 8.00
C LYS A 99 -4.05 2.23 7.54
N GLN A 100 -4.48 2.03 6.29
CA GLN A 100 -4.62 0.69 5.73
C GLN A 100 -3.28 0.18 5.22
N ALA A 101 -2.62 1.00 4.41
CA ALA A 101 -1.33 0.63 3.85
C ALA A 101 -0.30 0.40 4.95
N LEU A 102 -0.39 1.20 6.01
CA LEU A 102 0.53 1.09 7.13
C LEU A 102 0.21 -0.12 7.99
N LEU A 103 -1.08 -0.46 8.07
CA LEU A 103 -1.52 -1.60 8.85
C LEU A 103 -1.25 -2.92 8.14
N ILE A 104 -1.40 -2.92 6.82
CA ILE A 104 -1.17 -4.12 6.03
C ILE A 104 0.31 -4.50 6.00
N LEU A 105 1.16 -3.51 5.75
CA LEU A 105 2.60 -3.77 5.70
C LEU A 105 3.15 -4.18 7.06
N HIS A 106 2.70 -3.49 8.11
CA HIS A 106 3.15 -3.80 9.46
C HIS A 106 2.71 -5.21 9.86
N ASN A 107 1.42 -5.49 9.72
CA ASN A 107 0.87 -6.79 10.05
C ASN A 107 1.50 -7.89 9.20
N ASP A 108 2.18 -7.50 8.11
CA ASP A 108 2.80 -8.46 7.22
C ASP A 108 4.14 -8.95 7.79
N LEU A 109 5.11 -8.04 7.87
CA LEU A 109 6.43 -8.39 8.38
C LEU A 109 6.61 -7.98 9.84
N HIS A 110 6.26 -6.72 10.14
CA HIS A 110 6.40 -6.21 11.50
C HIS A 110 5.59 -7.03 12.51
N GLU A 111 4.63 -7.81 12.02
CA GLU A 111 3.79 -8.63 12.89
C GLU A 111 4.65 -9.48 13.83
N TYR A 112 5.43 -10.39 13.26
CA TYR A 112 6.29 -11.25 14.05
C TYR A 112 7.11 -12.17 13.15
N VAL A 113 6.43 -13.09 12.47
CA VAL A 113 7.10 -14.03 11.56
C VAL A 113 8.37 -14.60 12.17
N GLU A 114 8.36 -14.78 13.49
CA GLU A 114 9.52 -15.31 14.20
C GLU A 114 9.10 -16.41 15.17
N THR A 26 3.49 17.10 1.35
CA THR A 26 2.27 16.63 0.72
C THR A 26 2.50 16.34 -0.76
N SER A 27 1.41 16.22 -1.51
CA SER A 27 1.49 15.93 -2.95
C SER A 27 1.97 14.51 -3.19
N LYS A 28 3.21 14.23 -2.82
CA LYS A 28 3.77 12.90 -2.99
C LYS A 28 4.07 12.25 -1.64
N GLN A 29 3.53 11.07 -1.42
CA GLN A 29 3.74 10.35 -0.17
C GLN A 29 4.21 8.92 -0.43
N GLU A 30 5.14 8.46 0.40
CA GLU A 30 5.68 7.12 0.25
C GLU A 30 5.76 6.41 1.60
N LEU A 31 5.38 5.14 1.61
CA LEU A 31 5.41 4.34 2.84
C LEU A 31 6.51 3.30 2.78
N ILE A 32 7.34 3.27 3.82
CA ILE A 32 8.45 2.32 3.89
C ILE A 32 7.93 0.91 4.18
N LEU A 33 8.37 -0.06 3.37
CA LEU A 33 7.95 -1.44 3.54
C LEU A 33 9.12 -2.40 3.38
N VAL A 34 9.24 -3.34 4.30
CA VAL A 34 10.32 -4.32 4.26
C VAL A 34 9.95 -5.60 5.00
N LEU A 35 10.01 -6.71 4.28
CA LEU A 35 9.68 -8.00 4.84
C LEU A 35 10.94 -8.80 5.12
N LYS A 36 10.82 -9.82 5.97
CA LYS A 36 11.95 -10.68 6.31
C LYS A 36 11.84 -12.04 5.63
N GLY A 37 12.99 -12.68 5.44
CA GLY A 37 13.00 -13.99 4.79
C GLY A 37 14.27 -14.23 3.99
N GLU A 38 14.47 -15.48 3.58
CA GLU A 38 15.65 -15.84 2.80
C GLU A 38 15.29 -16.06 1.33
N LEU A 39 14.32 -16.93 1.10
CA LEU A 39 13.87 -17.23 -0.26
C LEU A 39 12.36 -17.05 -0.39
N ASP A 40 11.95 -16.06 -1.19
CA ASP A 40 10.54 -15.79 -1.39
C ASP A 40 10.18 -15.87 -2.88
N LEU A 41 10.91 -15.15 -3.71
CA LEU A 41 10.67 -15.14 -5.14
C LEU A 41 9.29 -14.56 -5.46
N HIS A 42 8.26 -15.37 -5.29
CA HIS A 42 6.90 -14.94 -5.56
C HIS A 42 6.41 -13.97 -4.48
N SER A 43 6.87 -12.73 -4.57
CA SER A 43 6.48 -11.71 -3.60
C SER A 43 4.98 -11.50 -3.60
N LYS A 44 4.33 -11.92 -2.52
CA LYS A 44 2.88 -11.78 -2.39
C LYS A 44 2.51 -10.38 -1.93
N ASN A 45 3.48 -9.64 -1.40
CA ASN A 45 3.24 -8.29 -0.91
C ASN A 45 2.62 -7.42 -2.01
N MET A 46 3.08 -7.61 -3.24
CA MET A 46 2.56 -6.83 -4.37
C MET A 46 1.05 -7.04 -4.52
N LYS A 47 0.60 -8.28 -4.29
CA LYS A 47 -0.81 -8.60 -4.40
C LYS A 47 -1.60 -8.02 -3.23
N ASN A 48 -0.90 -7.77 -2.13
CA ASN A 48 -1.53 -7.22 -0.93
C ASN A 48 -1.84 -5.74 -1.13
N VAL A 49 -0.94 -5.02 -1.78
CA VAL A 49 -1.11 -3.60 -2.03
C VAL A 49 -2.18 -3.36 -3.10
N ILE A 50 -2.09 -4.10 -4.20
CA ILE A 50 -3.05 -3.97 -5.28
C ILE A 50 -4.47 -4.25 -4.78
N ASN A 51 -4.57 -5.14 -3.80
CA ASN A 51 -5.86 -5.50 -3.21
C ASN A 51 -6.36 -4.39 -2.29
N ASN A 52 -5.46 -3.88 -1.46
CA ASN A 52 -5.81 -2.81 -0.52
C ASN A 52 -6.01 -1.49 -1.24
N ALA A 53 -5.02 -1.10 -2.03
CA ALA A 53 -5.07 0.14 -2.79
C ALA A 53 -6.31 0.18 -3.69
N LYS A 54 -6.76 -0.99 -4.11
CA LYS A 54 -7.93 -1.10 -4.98
C LYS A 54 -9.22 -1.04 -4.16
N LYS A 55 -9.26 -1.79 -3.06
CA LYS A 55 -10.42 -1.81 -2.19
C LYS A 55 -10.71 -0.41 -1.64
N ASN A 56 -9.66 0.34 -1.37
CA ASN A 56 -9.80 1.69 -0.84
C ASN A 56 -10.27 2.65 -1.92
N LEU A 57 -9.60 2.60 -3.08
CA LEU A 57 -9.95 3.47 -4.21
C LEU A 57 -11.45 3.40 -4.50
N GLU A 58 -11.95 2.18 -4.71
CA GLU A 58 -13.37 1.98 -5.01
C GLU A 58 -14.22 2.41 -3.82
N LYS A 59 -13.68 2.28 -2.62
CA LYS A 59 -14.39 2.66 -1.41
C LYS A 59 -14.84 4.11 -1.49
N TYR A 60 -14.00 4.96 -2.06
CA TYR A 60 -14.32 6.38 -2.21
C TYR A 60 -15.29 6.60 -3.37
N PHE A 61 -14.99 5.96 -4.50
CA PHE A 61 -15.83 6.08 -5.68
C PHE A 61 -17.21 5.48 -5.42
N LYS A 62 -17.29 4.56 -4.47
CA LYS A 62 -18.56 3.91 -4.15
C LYS A 62 -19.32 4.71 -3.10
N GLU A 63 -18.60 5.54 -2.36
CA GLU A 63 -19.22 6.34 -1.30
C GLU A 63 -19.56 7.76 -1.77
N HIS A 64 -18.64 8.38 -2.51
CA HIS A 64 -18.87 9.75 -2.99
C HIS A 64 -18.85 9.84 -4.51
N PHE A 65 -18.84 8.69 -5.18
CA PHE A 65 -18.83 8.67 -6.64
C PHE A 65 -17.63 9.41 -7.20
N LYS A 66 -16.63 9.67 -6.35
CA LYS A 66 -15.41 10.37 -6.75
C LYS A 66 -14.68 10.90 -5.52
N GLU A 67 -13.35 10.92 -5.60
CA GLU A 67 -12.54 11.41 -4.48
C GLU A 67 -11.14 11.78 -4.94
N PHE A 68 -10.49 12.67 -4.19
CA PHE A 68 -9.15 13.11 -4.53
C PHE A 68 -8.10 12.36 -3.70
N ASP A 69 -7.76 11.15 -4.15
CA ASP A 69 -6.78 10.34 -3.44
C ASP A 69 -6.38 9.11 -4.28
N LYS A 70 -5.11 9.04 -4.64
CA LYS A 70 -4.60 7.94 -5.44
C LYS A 70 -3.48 7.21 -4.71
N ILE A 71 -3.27 5.94 -5.05
CA ILE A 71 -2.23 5.15 -4.41
C ILE A 71 -1.44 4.35 -5.44
N SER A 72 -0.14 4.24 -5.20
CA SER A 72 0.75 3.51 -6.09
C SER A 72 1.76 2.69 -5.29
N TYR A 73 2.14 1.54 -5.85
CA TYR A 73 3.10 0.65 -5.20
C TYR A 73 4.11 0.10 -6.20
N ASP A 74 5.30 -0.22 -5.70
CA ASP A 74 6.36 -0.76 -6.56
C ASP A 74 7.38 -1.54 -5.73
N ILE A 75 8.15 -2.39 -6.41
CA ILE A 75 9.17 -3.19 -5.73
C ILE A 75 10.50 -3.10 -6.47
N SER A 76 11.59 -3.27 -5.73
CA SER A 76 12.93 -3.21 -6.33
C SER A 76 13.97 -3.81 -5.38
N THR A 77 15.24 -3.66 -5.74
CA THR A 77 16.34 -4.20 -4.93
C THR A 77 16.29 -5.73 -4.88
N PRO A 78 17.45 -6.39 -4.98
CA PRO A 78 17.53 -7.84 -4.94
C PRO A 78 17.35 -8.41 -3.53
N ILE A 79 17.31 -7.53 -2.54
CA ILE A 79 17.15 -7.94 -1.15
C ILE A 79 15.68 -7.86 -0.72
N ASN A 80 14.77 -8.02 -1.68
CA ASN A 80 13.34 -7.96 -1.40
C ASN A 80 12.98 -6.67 -0.69
N PHE A 81 13.11 -5.55 -1.40
CA PHE A 81 12.78 -4.24 -0.85
C PHE A 81 11.45 -3.74 -1.38
N LEU A 82 10.50 -3.50 -0.49
CA LEU A 82 9.18 -3.03 -0.87
C LEU A 82 9.03 -1.53 -0.62
N CYS A 83 8.81 -0.78 -1.68
CA CYS A 83 8.65 0.67 -1.57
C CYS A 83 7.32 1.11 -2.13
N ILE A 84 6.42 1.55 -1.25
CA ILE A 84 5.10 2.00 -1.66
C ILE A 84 5.08 3.50 -1.91
N PHE A 85 4.44 3.90 -3.00
CA PHE A 85 4.33 5.32 -3.35
C PHE A 85 2.87 5.71 -3.53
N ILE A 86 2.30 6.28 -2.48
CA ILE A 86 0.90 6.70 -2.51
C ILE A 86 0.77 8.20 -2.83
N PRO A 87 0.35 8.52 -4.07
CA PRO A 87 0.19 9.92 -4.51
C PRO A 87 -1.04 10.58 -3.89
N THR A 88 -0.83 11.65 -3.13
CA THR A 88 -1.93 12.36 -2.50
C THR A 88 -1.54 13.80 -2.17
N LEU A 89 -2.41 14.74 -2.53
CA LEU A 89 -2.16 16.16 -2.28
C LEU A 89 -2.77 16.60 -0.95
N PHE A 90 -3.66 15.77 -0.40
CA PHE A 90 -4.31 16.08 0.86
C PHE A 90 -5.18 17.33 0.73
N ASP A 91 -6.41 17.23 1.25
CA ASP A 91 -7.35 18.34 1.20
C ASP A 91 -8.68 17.93 1.81
N MET A 92 -9.24 16.83 1.29
CA MET A 92 -10.52 16.32 1.79
C MET A 92 -10.39 14.85 2.17
N ASN A 93 -9.95 14.60 3.39
CA ASN A 93 -9.78 13.25 3.88
C ASN A 93 -9.35 13.25 5.35
N ASN A 94 -8.51 14.23 5.71
CA ASN A 94 -8.03 14.35 7.09
C ASN A 94 -7.13 13.17 7.45
N MET A 95 -6.31 12.73 6.50
CA MET A 95 -5.41 11.61 6.71
C MET A 95 -6.18 10.35 7.10
N ASP A 96 -6.35 9.46 6.13
CA ASP A 96 -7.07 8.22 6.35
C ASP A 96 -6.80 7.23 5.21
N LEU A 97 -5.54 6.84 5.06
CA LEU A 97 -5.15 5.90 4.01
C LEU A 97 -3.85 5.19 4.37
N LEU A 98 -2.88 5.95 4.85
CA LEU A 98 -1.59 5.39 5.22
C LEU A 98 -1.75 4.29 6.26
N LYS A 99 -2.76 4.44 7.12
CA LYS A 99 -3.02 3.46 8.16
C LYS A 99 -3.28 2.08 7.56
N GLN A 100 -3.82 2.05 6.34
CA GLN A 100 -4.11 0.80 5.68
C GLN A 100 -2.83 0.18 5.14
N ALA A 101 -2.14 0.92 4.27
CA ALA A 101 -0.88 0.46 3.70
C ALA A 101 0.07 -0.03 4.78
N LEU A 102 0.25 0.80 5.81
CA LEU A 102 1.14 0.45 6.91
C LEU A 102 0.69 -0.85 7.55
N LEU A 103 -0.62 -1.08 7.59
CA LEU A 103 -1.17 -2.29 8.17
C LEU A 103 -0.86 -3.50 7.27
N ILE A 104 -0.75 -3.25 5.97
CA ILE A 104 -0.45 -4.30 5.02
C ILE A 104 0.93 -4.91 5.29
N LEU A 105 1.96 -4.06 5.25
CA LEU A 105 3.33 -4.53 5.49
C LEU A 105 3.50 -5.00 6.93
N HIS A 106 2.72 -4.41 7.84
CA HIS A 106 2.79 -4.78 9.24
C HIS A 106 2.46 -6.26 9.44
N ASN A 107 1.21 -6.61 9.16
CA ASN A 107 0.75 -7.99 9.30
C ASN A 107 1.59 -8.93 8.44
N ASP A 108 2.10 -8.41 7.32
CA ASP A 108 2.91 -9.22 6.43
C ASP A 108 4.28 -9.51 7.04
N LEU A 109 4.80 -8.54 7.79
CA LEU A 109 6.10 -8.69 8.44
C LEU A 109 5.97 -9.44 9.75
N HIS A 110 4.83 -9.24 10.43
CA HIS A 110 4.57 -9.89 11.70
C HIS A 110 4.61 -11.42 11.55
N GLU A 111 4.41 -11.90 10.33
CA GLU A 111 4.41 -13.33 10.06
C GLU A 111 5.84 -13.88 9.95
N TYR A 112 6.83 -13.03 10.14
CA TYR A 112 8.23 -13.44 10.07
C TYR A 112 8.95 -13.14 11.37
N VAL A 113 8.74 -11.93 11.89
CA VAL A 113 9.37 -11.52 13.13
C VAL A 113 8.71 -12.20 14.33
N GLU A 114 8.83 -13.52 14.40
CA GLU A 114 8.25 -14.29 15.48
C GLU A 114 9.32 -14.70 16.48
N THR A 26 0.02 18.83 -5.93
CA THR A 26 -0.23 17.45 -5.54
C THR A 26 0.91 16.91 -4.68
N SER A 27 0.56 16.03 -3.75
CA SER A 27 1.55 15.44 -2.85
C SER A 27 1.59 13.92 -3.01
N LYS A 28 2.23 13.24 -2.07
CA LYS A 28 2.33 11.79 -2.12
C LYS A 28 3.03 11.24 -0.87
N GLN A 29 2.91 9.94 -0.67
CA GLN A 29 3.52 9.28 0.49
C GLN A 29 3.89 7.85 0.14
N GLU A 30 5.01 7.39 0.67
CA GLU A 30 5.48 6.04 0.40
C GLU A 30 5.62 5.22 1.69
N LEU A 31 5.18 3.97 1.62
CA LEU A 31 5.24 3.07 2.77
C LEU A 31 6.34 2.04 2.60
N ILE A 32 6.94 1.61 3.70
CA ILE A 32 8.00 0.60 3.66
C ILE A 32 7.51 -0.75 4.14
N LEU A 33 7.64 -1.76 3.29
CA LEU A 33 7.21 -3.11 3.63
C LEU A 33 8.36 -4.11 3.46
N VAL A 34 8.33 -5.16 4.28
CA VAL A 34 9.35 -6.20 4.23
C VAL A 34 8.83 -7.51 4.77
N LEU A 35 8.88 -8.54 3.95
CA LEU A 35 8.41 -9.86 4.33
C LEU A 35 9.45 -10.59 5.16
N LYS A 36 10.61 -10.85 4.55
CA LYS A 36 11.70 -11.54 5.24
C LYS A 36 13.05 -11.06 4.72
N GLY A 37 13.39 -11.45 3.49
CA GLY A 37 14.65 -11.06 2.91
C GLY A 37 14.71 -11.35 1.43
N GLU A 38 15.34 -12.45 1.06
CA GLU A 38 15.47 -12.84 -0.34
C GLU A 38 14.74 -14.15 -0.62
N LEU A 39 14.14 -14.26 -1.80
CA LEU A 39 13.42 -15.46 -2.19
C LEU A 39 12.27 -15.73 -1.22
N ASP A 40 11.12 -15.11 -1.48
CA ASP A 40 9.94 -15.29 -0.64
C ASP A 40 8.68 -14.89 -1.37
N LEU A 41 7.94 -15.88 -1.86
CA LEU A 41 6.70 -15.65 -2.59
C LEU A 41 6.98 -14.94 -3.91
N HIS A 42 7.27 -13.65 -3.85
CA HIS A 42 7.55 -12.86 -5.05
C HIS A 42 6.35 -12.83 -5.99
N SER A 43 5.15 -12.88 -5.40
CA SER A 43 3.92 -12.86 -6.18
C SER A 43 2.77 -12.31 -5.35
N LYS A 44 2.64 -12.80 -4.12
CA LYS A 44 1.57 -12.34 -3.23
C LYS A 44 1.74 -10.87 -2.88
N ASN A 45 2.98 -10.41 -2.87
CA ASN A 45 3.27 -9.02 -2.56
C ASN A 45 2.51 -8.07 -3.48
N MET A 46 2.76 -8.17 -4.77
CA MET A 46 2.09 -7.34 -5.75
C MET A 46 0.57 -7.49 -5.66
N LYS A 47 0.13 -8.72 -5.40
CA LYS A 47 -1.28 -9.00 -5.28
C LYS A 47 -1.85 -8.36 -4.02
N ASN A 48 -1.00 -8.16 -3.03
CA ASN A 48 -1.41 -7.56 -1.77
C ASN A 48 -1.75 -6.09 -1.98
N VAL A 49 -0.91 -5.40 -2.75
CA VAL A 49 -1.13 -3.98 -3.02
C VAL A 49 -2.40 -3.77 -3.84
N ILE A 50 -2.43 -4.39 -5.03
CA ILE A 50 -3.57 -4.28 -5.92
C ILE A 50 -4.88 -4.53 -5.16
N ASN A 51 -4.81 -5.37 -4.15
CA ASN A 51 -5.98 -5.70 -3.34
C ASN A 51 -6.36 -4.53 -2.44
N ASN A 52 -5.37 -3.90 -1.84
CA ASN A 52 -5.60 -2.76 -0.96
C ASN A 52 -5.75 -1.47 -1.76
N ALA A 53 -4.75 -1.17 -2.58
CA ALA A 53 -4.77 0.04 -3.40
C ALA A 53 -6.09 0.16 -4.16
N LYS A 54 -6.67 -0.99 -4.53
CA LYS A 54 -7.93 -1.01 -5.24
C LYS A 54 -9.10 -0.83 -4.29
N LYS A 55 -9.03 -1.51 -3.15
CA LYS A 55 -10.08 -1.43 -2.14
C LYS A 55 -10.24 0.02 -1.67
N ASN A 56 -9.13 0.72 -1.58
CA ASN A 56 -9.13 2.11 -1.15
C ASN A 56 -9.72 3.01 -2.23
N LEU A 57 -9.29 2.78 -3.47
CA LEU A 57 -9.79 3.55 -4.61
C LEU A 57 -11.32 3.55 -4.64
N GLU A 58 -11.89 2.37 -4.76
CA GLU A 58 -13.34 2.22 -4.81
C GLU A 58 -13.98 2.77 -3.54
N LYS A 59 -13.26 2.69 -2.42
CA LYS A 59 -13.76 3.18 -1.14
C LYS A 59 -14.13 4.66 -1.26
N TYR A 60 -13.37 5.38 -2.07
CA TYR A 60 -13.62 6.81 -2.29
C TYR A 60 -14.79 7.00 -3.23
N PHE A 61 -14.81 6.23 -4.31
CA PHE A 61 -15.89 6.32 -5.30
C PHE A 61 -17.19 5.75 -4.75
N LYS A 62 -17.08 4.92 -3.72
CA LYS A 62 -18.25 4.31 -3.11
C LYS A 62 -18.83 5.22 -2.01
N GLU A 63 -17.99 6.10 -1.48
CA GLU A 63 -18.42 7.00 -0.42
C GLU A 63 -18.79 8.39 -0.94
N HIS A 64 -17.99 8.92 -1.86
CA HIS A 64 -18.26 10.25 -2.42
C HIS A 64 -18.48 10.23 -3.93
N PHE A 65 -18.60 9.03 -4.49
CA PHE A 65 -18.82 8.87 -5.93
C PHE A 65 -17.99 9.86 -6.74
N LYS A 66 -16.75 10.08 -6.31
CA LYS A 66 -15.84 10.99 -7.01
C LYS A 66 -14.44 10.40 -7.13
N GLU A 67 -13.94 9.85 -6.03
CA GLU A 67 -12.62 9.24 -6.03
C GLU A 67 -11.53 10.28 -6.32
N PHE A 68 -10.91 10.78 -5.25
CA PHE A 68 -9.85 11.77 -5.39
C PHE A 68 -8.56 11.29 -4.74
N ASP A 69 -8.20 10.03 -5.00
CA ASP A 69 -7.00 9.45 -4.44
C ASP A 69 -6.40 8.40 -5.38
N LYS A 70 -5.10 8.53 -5.63
CA LYS A 70 -4.40 7.60 -6.51
C LYS A 70 -3.38 6.78 -5.71
N ILE A 71 -3.29 5.49 -6.02
CA ILE A 71 -2.35 4.62 -5.33
C ILE A 71 -1.53 3.77 -6.29
N SER A 72 -0.23 3.69 -6.00
CA SER A 72 0.69 2.92 -6.82
C SER A 72 1.66 2.14 -5.93
N TYR A 73 2.43 1.23 -6.54
CA TYR A 73 3.39 0.43 -5.79
C TYR A 73 4.53 -0.05 -6.68
N ASP A 74 5.69 -0.28 -6.07
CA ASP A 74 6.85 -0.75 -6.80
C ASP A 74 7.94 -1.26 -5.85
N ILE A 75 8.94 -1.92 -6.41
CA ILE A 75 10.04 -2.45 -5.61
C ILE A 75 11.35 -1.74 -5.93
N SER A 76 12.40 -2.07 -5.19
CA SER A 76 13.71 -1.46 -5.42
C SER A 76 14.77 -2.07 -4.52
N THR A 77 16.02 -1.69 -4.75
CA THR A 77 17.14 -2.20 -3.97
C THR A 77 17.28 -3.71 -4.11
N PRO A 78 18.53 -4.23 -4.09
CA PRO A 78 18.79 -5.67 -4.20
C PRO A 78 18.37 -6.44 -2.96
N ILE A 79 18.12 -5.72 -1.87
CA ILE A 79 17.73 -6.35 -0.61
C ILE A 79 16.27 -6.79 -0.64
N ASN A 80 15.57 -6.49 -1.74
CA ASN A 80 14.17 -6.87 -1.90
C ASN A 80 13.28 -5.99 -1.02
N PHE A 81 13.47 -4.68 -1.13
CA PHE A 81 12.69 -3.72 -0.36
C PHE A 81 11.41 -3.34 -1.10
N LEU A 82 10.29 -3.36 -0.38
CA LEU A 82 9.01 -3.02 -0.97
C LEU A 82 8.70 -1.54 -0.80
N CYS A 83 8.96 -0.77 -1.85
CA CYS A 83 8.73 0.67 -1.83
C CYS A 83 7.38 1.02 -2.43
N ILE A 84 6.38 1.22 -1.58
CA ILE A 84 5.04 1.56 -2.03
C ILE A 84 4.95 3.07 -2.27
N PHE A 85 4.40 3.45 -3.42
CA PHE A 85 4.25 4.86 -3.76
C PHE A 85 2.80 5.20 -4.05
N ILE A 86 2.14 5.82 -3.08
CA ILE A 86 0.74 6.21 -3.23
C ILE A 86 0.62 7.71 -3.48
N PRO A 87 0.39 8.13 -4.75
CA PRO A 87 0.25 9.54 -5.11
C PRO A 87 -1.13 10.09 -4.76
N THR A 88 -1.16 11.04 -3.83
CA THR A 88 -2.43 11.65 -3.42
C THR A 88 -2.20 13.00 -2.76
N LEU A 89 -3.27 13.56 -2.19
CA LEU A 89 -3.19 14.86 -1.54
C LEU A 89 -3.65 14.75 -0.09
N PHE A 90 -2.69 14.64 0.83
CA PHE A 90 -3.00 14.53 2.25
C PHE A 90 -3.75 15.75 2.74
N ASP A 91 -5.07 15.70 2.59
CA ASP A 91 -5.93 16.81 3.01
C ASP A 91 -7.39 16.37 3.07
N MET A 92 -7.94 16.02 1.90
CA MET A 92 -9.33 15.59 1.83
C MET A 92 -9.54 14.31 2.63
N ASN A 93 -8.72 13.31 2.36
CA ASN A 93 -8.81 12.03 3.06
C ASN A 93 -7.70 11.91 4.10
N ASN A 94 -7.46 13.00 4.82
CA ASN A 94 -6.43 13.01 5.85
C ASN A 94 -7.00 12.61 7.22
N MET A 95 -7.96 11.70 7.20
CA MET A 95 -8.59 11.24 8.43
C MET A 95 -8.32 9.75 8.65
N ASP A 96 -8.30 8.99 7.56
CA ASP A 96 -8.05 7.55 7.64
C ASP A 96 -7.83 6.95 6.25
N LEU A 97 -6.56 6.77 5.90
CA LEU A 97 -6.20 6.20 4.60
C LEU A 97 -4.96 5.32 4.72
N LEU A 98 -3.83 5.93 5.04
CA LEU A 98 -2.58 5.19 5.19
C LEU A 98 -2.67 4.17 6.32
N LYS A 99 -3.61 4.39 7.24
CA LYS A 99 -3.80 3.50 8.38
C LYS A 99 -4.01 2.06 7.91
N GLN A 100 -4.54 1.89 6.71
CA GLN A 100 -4.78 0.57 6.15
C GLN A 100 -3.50 -0.01 5.59
N ALA A 101 -2.85 0.74 4.70
CA ALA A 101 -1.60 0.30 4.09
C ALA A 101 -0.55 0.03 5.16
N LEU A 102 -0.61 0.79 6.25
CA LEU A 102 0.34 0.64 7.35
C LEU A 102 0.04 -0.62 8.15
N LEU A 103 -1.24 -0.97 8.24
CA LEU A 103 -1.66 -2.16 8.99
C LEU A 103 -1.23 -3.43 8.27
N ILE A 104 -1.10 -3.35 6.95
CA ILE A 104 -0.69 -4.50 6.15
C ILE A 104 0.82 -4.72 6.21
N LEU A 105 1.57 -3.68 5.90
CA LEU A 105 3.03 -3.76 5.91
C LEU A 105 3.54 -4.21 7.28
N HIS A 106 2.97 -3.64 8.34
CA HIS A 106 3.36 -3.98 9.70
C HIS A 106 2.94 -5.41 10.02
N ASN A 107 1.77 -5.81 9.53
CA ASN A 107 1.27 -7.16 9.75
C ASN A 107 2.19 -8.20 9.12
N ASP A 108 2.75 -7.85 7.96
CA ASP A 108 3.66 -8.73 7.26
C ASP A 108 4.94 -8.94 8.05
N LEU A 109 5.44 -7.86 8.64
CA LEU A 109 6.66 -7.93 9.44
C LEU A 109 6.37 -8.55 10.81
N HIS A 110 5.16 -8.34 11.30
CA HIS A 110 4.74 -8.87 12.59
C HIS A 110 4.38 -10.35 12.50
N GLU A 111 4.34 -10.88 11.26
CA GLU A 111 4.00 -12.28 11.06
C GLU A 111 4.82 -13.21 11.95
N TYR A 112 6.00 -12.74 12.35
CA TYR A 112 6.87 -13.53 13.22
C TYR A 112 7.36 -12.68 14.39
N VAL A 113 8.46 -11.94 14.17
CA VAL A 113 9.03 -11.08 15.21
C VAL A 113 9.02 -11.76 16.58
N GLU A 114 9.44 -13.03 16.62
CA GLU A 114 9.48 -13.80 17.84
C GLU A 114 10.91 -14.19 18.19
N THR A 26 -0.21 19.15 -4.98
CA THR A 26 -0.27 17.71 -4.88
C THR A 26 0.77 17.19 -3.88
N SER A 27 0.44 16.10 -3.19
CA SER A 27 1.35 15.52 -2.21
C SER A 27 1.80 14.13 -2.66
N LYS A 28 2.82 13.60 -1.98
CA LYS A 28 3.34 12.29 -2.31
C LYS A 28 3.65 11.50 -1.03
N GLN A 29 2.98 10.37 -0.86
CA GLN A 29 3.19 9.53 0.31
C GLN A 29 3.77 8.18 -0.08
N GLU A 30 4.65 7.67 0.76
CA GLU A 30 5.30 6.40 0.51
C GLU A 30 5.33 5.53 1.76
N LEU A 31 5.03 4.24 1.59
CA LEU A 31 5.03 3.31 2.71
C LEU A 31 6.08 2.23 2.53
N ILE A 32 7.06 2.21 3.42
CA ILE A 32 8.13 1.22 3.36
C ILE A 32 7.69 -0.11 3.98
N LEU A 33 7.82 -1.18 3.21
CA LEU A 33 7.43 -2.51 3.68
C LEU A 33 8.47 -3.55 3.29
N VAL A 34 8.24 -4.79 3.67
CA VAL A 34 9.14 -5.89 3.35
C VAL A 34 8.41 -7.21 3.35
N LEU A 35 8.45 -7.88 2.21
CA LEU A 35 7.79 -9.18 2.04
C LEU A 35 8.81 -10.28 1.81
N LYS A 36 9.14 -11.00 2.89
CA LYS A 36 10.11 -12.08 2.81
C LYS A 36 9.67 -13.28 3.66
N GLY A 37 10.00 -14.49 3.22
CA GLY A 37 9.63 -15.68 3.95
C GLY A 37 8.58 -16.49 3.22
N GLU A 38 7.70 -15.83 2.49
CA GLU A 38 6.65 -16.51 1.74
C GLU A 38 7.24 -17.47 0.73
N LEU A 39 7.92 -16.92 -0.28
CA LEU A 39 8.53 -17.73 -1.33
C LEU A 39 9.69 -16.98 -1.99
N ASP A 40 10.63 -17.73 -2.55
CA ASP A 40 11.79 -17.14 -3.21
C ASP A 40 11.57 -17.09 -4.71
N LEU A 41 10.33 -16.94 -5.13
CA LEU A 41 10.00 -16.87 -6.55
C LEU A 41 8.81 -15.94 -6.79
N HIS A 42 9.03 -14.89 -7.56
CA HIS A 42 7.97 -13.93 -7.86
C HIS A 42 7.47 -13.24 -6.60
N SER A 43 7.60 -11.92 -6.57
CA SER A 43 7.17 -11.14 -5.41
C SER A 43 5.65 -11.16 -5.27
N LYS A 44 5.18 -11.57 -4.11
CA LYS A 44 3.74 -11.64 -3.85
C LYS A 44 3.19 -10.27 -3.45
N ASN A 45 4.06 -9.41 -2.94
CA ASN A 45 3.66 -8.07 -2.52
C ASN A 45 2.94 -7.34 -3.65
N MET A 46 3.36 -7.59 -4.88
CA MET A 46 2.75 -6.96 -6.05
C MET A 46 1.23 -7.12 -6.02
N LYS A 47 0.78 -8.36 -6.12
CA LYS A 47 -0.66 -8.66 -6.10
C LYS A 47 -1.29 -8.12 -4.83
N ASN A 48 -0.48 -7.96 -3.79
CA ASN A 48 -0.96 -7.45 -2.51
C ASN A 48 -1.40 -6.00 -2.63
N VAL A 49 -0.56 -5.18 -3.27
CA VAL A 49 -0.86 -3.77 -3.45
C VAL A 49 -2.08 -3.60 -4.35
N ILE A 50 -2.21 -4.47 -5.34
CA ILE A 50 -3.33 -4.40 -6.27
C ILE A 50 -4.65 -4.60 -5.54
N ASN A 51 -4.67 -5.57 -4.61
CA ASN A 51 -5.87 -5.85 -3.84
C ASN A 51 -6.11 -4.78 -2.78
N ASN A 52 -5.04 -4.35 -2.13
CA ASN A 52 -5.13 -3.34 -1.09
C ASN A 52 -5.40 -1.96 -1.71
N ALA A 53 -4.51 -1.52 -2.58
CA ALA A 53 -4.65 -0.23 -3.25
C ALA A 53 -6.03 -0.09 -3.87
N LYS A 54 -6.60 -1.22 -4.30
CA LYS A 54 -7.92 -1.23 -4.91
C LYS A 54 -9.00 -1.07 -3.84
N LYS A 55 -8.80 -1.74 -2.71
CA LYS A 55 -9.75 -1.67 -1.61
C LYS A 55 -9.88 -0.22 -1.10
N ASN A 56 -8.78 0.51 -1.18
CA ASN A 56 -8.76 1.90 -0.74
C ASN A 56 -9.54 2.77 -1.73
N LEU A 57 -9.16 2.69 -3.00
CA LEU A 57 -9.83 3.46 -4.04
C LEU A 57 -11.34 3.35 -3.92
N GLU A 58 -11.84 2.12 -3.98
CA GLU A 58 -13.27 1.86 -3.86
C GLU A 58 -13.81 2.42 -2.54
N LYS A 59 -12.95 2.48 -1.54
CA LYS A 59 -13.33 2.99 -0.23
C LYS A 59 -13.81 4.44 -0.35
N TYR A 60 -13.19 5.19 -1.24
CA TYR A 60 -13.57 6.59 -1.45
C TYR A 60 -14.78 6.68 -2.36
N PHE A 61 -14.92 5.71 -3.25
CA PHE A 61 -16.04 5.69 -4.19
C PHE A 61 -17.31 5.15 -3.53
N LYS A 62 -17.14 4.28 -2.55
CA LYS A 62 -18.28 3.69 -1.85
C LYS A 62 -18.71 4.56 -0.67
N GLU A 63 -17.78 5.30 -0.10
CA GLU A 63 -18.07 6.15 1.04
C GLU A 63 -18.35 7.59 0.62
N HIS A 64 -17.51 8.14 -0.25
CA HIS A 64 -17.67 9.51 -0.72
C HIS A 64 -18.16 9.56 -2.16
N PHE A 65 -18.55 8.41 -2.70
CA PHE A 65 -19.03 8.34 -4.08
C PHE A 65 -17.95 8.71 -5.09
N LYS A 66 -17.55 9.98 -5.07
CA LYS A 66 -16.51 10.47 -5.98
C LYS A 66 -15.18 9.79 -5.69
N GLU A 67 -14.30 9.77 -6.70
CA GLU A 67 -12.99 9.16 -6.56
C GLU A 67 -11.97 10.16 -6.02
N PHE A 68 -10.69 9.78 -6.07
CA PHE A 68 -9.63 10.64 -5.58
C PHE A 68 -8.37 10.49 -6.43
N ASP A 69 -7.22 10.87 -5.88
CA ASP A 69 -5.94 10.77 -6.59
C ASP A 69 -5.67 9.32 -7.00
N LYS A 70 -4.41 9.03 -7.34
CA LYS A 70 -4.03 7.69 -7.75
C LYS A 70 -3.03 7.07 -6.77
N ILE A 71 -2.81 5.77 -6.90
CA ILE A 71 -1.88 5.06 -6.04
C ILE A 71 -0.89 4.25 -6.85
N SER A 72 0.32 4.10 -6.32
CA SER A 72 1.36 3.35 -6.99
C SER A 72 2.14 2.48 -6.01
N TYR A 73 2.91 1.53 -6.55
CA TYR A 73 3.69 0.63 -5.73
C TYR A 73 4.84 0.03 -6.53
N ASP A 74 5.87 -0.46 -5.84
CA ASP A 74 7.02 -1.05 -6.51
C ASP A 74 7.84 -1.91 -5.55
N ILE A 75 8.59 -2.85 -6.12
CA ILE A 75 9.42 -3.75 -5.33
C ILE A 75 10.90 -3.55 -5.65
N SER A 76 11.74 -3.59 -4.62
CA SER A 76 13.17 -3.42 -4.78
C SER A 76 13.92 -4.69 -4.40
N THR A 77 14.15 -5.55 -5.38
CA THR A 77 14.86 -6.79 -5.15
C THR A 77 14.09 -7.70 -4.19
N PRO A 78 14.12 -9.02 -4.41
CA PRO A 78 13.42 -9.98 -3.54
C PRO A 78 14.14 -10.19 -2.22
N ILE A 79 15.45 -10.00 -2.21
CA ILE A 79 16.26 -10.18 -1.01
C ILE A 79 16.78 -8.83 -0.50
N ASN A 80 15.94 -7.81 -0.61
CA ASN A 80 16.34 -6.48 -0.16
C ASN A 80 15.17 -5.78 0.56
N PHE A 81 14.59 -4.74 -0.04
CA PHE A 81 13.49 -4.03 0.58
C PHE A 81 12.39 -3.73 -0.45
N LEU A 82 11.24 -3.27 0.05
CA LEU A 82 10.12 -2.92 -0.80
C LEU A 82 9.67 -1.49 -0.54
N CYS A 83 9.28 -0.78 -1.59
CA CYS A 83 8.83 0.60 -1.44
C CYS A 83 7.50 0.85 -2.13
N ILE A 84 6.66 1.67 -1.49
CA ILE A 84 5.35 1.99 -2.03
C ILE A 84 5.24 3.50 -2.25
N PHE A 85 4.64 3.89 -3.37
CA PHE A 85 4.47 5.30 -3.69
C PHE A 85 3.02 5.60 -4.07
N ILE A 86 2.31 6.25 -3.16
CA ILE A 86 0.90 6.59 -3.41
C ILE A 86 0.73 8.10 -3.68
N PRO A 87 0.59 8.49 -4.96
CA PRO A 87 0.41 9.90 -5.33
C PRO A 87 -0.96 10.42 -4.92
N THR A 88 -0.99 11.25 -3.89
CA THR A 88 -2.23 11.81 -3.39
C THR A 88 -1.96 13.06 -2.56
N LEU A 89 -3.03 13.77 -2.20
CA LEU A 89 -2.91 14.99 -1.41
C LEU A 89 -3.58 14.84 -0.04
N PHE A 90 -4.25 13.71 0.18
CA PHE A 90 -4.94 13.45 1.45
C PHE A 90 -5.71 14.67 1.93
N ASP A 91 -6.99 14.73 1.58
CA ASP A 91 -7.84 15.85 1.97
C ASP A 91 -9.32 15.44 1.98
N MET A 92 -9.73 14.71 0.96
CA MET A 92 -11.12 14.25 0.86
C MET A 92 -11.54 13.50 2.12
N ASN A 93 -11.02 12.29 2.28
CA ASN A 93 -11.33 11.47 3.43
C ASN A 93 -11.04 12.22 4.74
N ASN A 94 -10.14 13.20 4.66
CA ASN A 94 -9.76 14.00 5.82
C ASN A 94 -9.58 13.14 7.07
N MET A 95 -9.11 11.92 6.88
CA MET A 95 -8.89 11.01 8.01
C MET A 95 -8.24 9.70 7.53
N ASP A 96 -9.06 8.80 6.99
CA ASP A 96 -8.56 7.52 6.52
C ASP A 96 -8.01 7.63 5.11
N LEU A 97 -6.85 7.02 4.88
CA LEU A 97 -6.21 7.06 3.57
C LEU A 97 -5.04 6.07 3.50
N LEU A 98 -3.96 6.40 4.20
CA LEU A 98 -2.79 5.54 4.23
C LEU A 98 -2.88 4.51 5.35
N LYS A 99 -3.76 4.75 6.31
CA LYS A 99 -3.96 3.85 7.43
C LYS A 99 -4.23 2.42 6.96
N GLN A 100 -4.76 2.30 5.75
CA GLN A 100 -5.07 0.99 5.18
C GLN A 100 -3.81 0.32 4.64
N ALA A 101 -3.02 1.09 3.91
CA ALA A 101 -1.78 0.58 3.33
C ALA A 101 -0.78 0.19 4.42
N LEU A 102 -0.82 0.92 5.54
CA LEU A 102 0.07 0.66 6.64
C LEU A 102 -0.42 -0.53 7.47
N LEU A 103 -1.72 -0.76 7.46
CA LEU A 103 -2.31 -1.86 8.21
C LEU A 103 -2.01 -3.21 7.55
N ILE A 104 -1.85 -3.18 6.22
CA ILE A 104 -1.57 -4.40 5.48
C ILE A 104 -0.07 -4.72 5.48
N LEU A 105 0.75 -3.68 5.31
CA LEU A 105 2.19 -3.86 5.29
C LEU A 105 2.74 -4.10 6.70
N HIS A 106 2.11 -3.49 7.69
CA HIS A 106 2.53 -3.63 9.09
C HIS A 106 2.07 -4.98 9.64
N ASN A 107 0.79 -5.29 9.44
CA ASN A 107 0.22 -6.55 9.92
C ASN A 107 0.98 -7.74 9.36
N ASP A 108 1.37 -7.63 8.09
CA ASP A 108 2.10 -8.70 7.43
C ASP A 108 3.54 -8.80 7.94
N LEU A 109 4.08 -7.65 8.36
CA LEU A 109 5.44 -7.59 8.86
C LEU A 109 5.47 -7.68 10.40
N HIS A 110 4.29 -7.79 11.01
CA HIS A 110 4.20 -7.88 12.46
C HIS A 110 4.45 -9.30 12.94
N GLU A 111 4.10 -10.27 12.10
CA GLU A 111 4.28 -11.68 12.44
C GLU A 111 5.77 -11.99 12.68
N TYR A 112 6.62 -11.60 11.74
CA TYR A 112 8.05 -11.84 11.85
C TYR A 112 8.78 -11.33 10.61
N VAL A 113 8.59 -12.02 9.49
CA VAL A 113 9.22 -11.67 8.24
C VAL A 113 10.70 -11.33 8.43
N GLU A 114 11.36 -12.07 9.30
CA GLU A 114 12.76 -11.84 9.58
C GLU A 114 13.63 -12.98 9.06
N THR A 26 -0.67 19.17 -2.61
CA THR A 26 -0.25 17.83 -2.99
C THR A 26 0.44 17.12 -1.82
N SER A 27 -0.08 15.96 -1.45
CA SER A 27 0.48 15.19 -0.35
C SER A 27 1.01 13.85 -0.83
N LYS A 28 2.34 13.71 -0.83
CA LYS A 28 2.98 12.48 -1.28
C LYS A 28 3.24 11.55 -0.09
N GLN A 29 2.99 10.26 -0.29
CA GLN A 29 3.20 9.27 0.76
C GLN A 29 3.71 7.97 0.17
N GLU A 30 4.71 7.38 0.83
CA GLU A 30 5.29 6.13 0.37
C GLU A 30 5.50 5.16 1.52
N LEU A 31 4.98 3.95 1.37
CA LEU A 31 5.11 2.93 2.40
C LEU A 31 6.20 1.92 2.04
N ILE A 32 6.85 1.37 3.05
CA ILE A 32 7.91 0.39 2.82
C ILE A 32 7.50 -1.00 3.28
N LEU A 33 6.92 -1.77 2.37
CA LEU A 33 6.48 -3.12 2.69
C LEU A 33 7.66 -4.08 2.70
N VAL A 34 7.64 -5.03 3.63
CA VAL A 34 8.70 -6.01 3.75
C VAL A 34 10.02 -5.33 4.14
N LEU A 35 10.68 -5.91 5.14
CA LEU A 35 11.95 -5.38 5.62
C LEU A 35 13.13 -6.03 4.90
N LYS A 36 13.31 -7.33 5.11
CA LYS A 36 14.40 -8.07 4.49
C LYS A 36 13.88 -8.97 3.37
N GLY A 37 12.70 -9.54 3.56
CA GLY A 37 12.12 -10.41 2.56
C GLY A 37 11.69 -11.75 3.13
N GLU A 38 12.67 -12.62 3.38
CA GLU A 38 12.40 -13.94 3.94
C GLU A 38 11.63 -14.80 2.94
N LEU A 39 10.35 -14.50 2.77
CA LEU A 39 9.51 -15.25 1.84
C LEU A 39 9.53 -14.63 0.45
N ASP A 40 9.99 -15.39 -0.52
CA ASP A 40 10.08 -14.91 -1.90
C ASP A 40 9.75 -16.03 -2.88
N LEU A 41 8.77 -16.86 -2.53
CA LEU A 41 8.36 -17.97 -3.38
C LEU A 41 6.95 -17.73 -3.94
N HIS A 42 6.11 -17.07 -3.16
CA HIS A 42 4.75 -16.78 -3.57
C HIS A 42 4.67 -15.43 -4.28
N SER A 43 5.48 -14.48 -3.85
CA SER A 43 5.51 -13.15 -4.44
C SER A 43 4.13 -12.48 -4.33
N LYS A 44 3.51 -12.64 -3.16
CA LYS A 44 2.19 -12.05 -2.92
C LYS A 44 2.29 -10.55 -2.62
N ASN A 45 3.52 -10.04 -2.54
CA ASN A 45 3.74 -8.63 -2.24
C ASN A 45 3.03 -7.75 -3.27
N MET A 46 3.47 -7.82 -4.52
CA MET A 46 2.87 -7.03 -5.59
C MET A 46 1.36 -7.23 -5.63
N LYS A 47 0.94 -8.48 -5.52
CA LYS A 47 -0.48 -8.81 -5.54
C LYS A 47 -1.19 -8.17 -4.36
N ASN A 48 -0.45 -7.97 -3.27
CA ASN A 48 -1.00 -7.35 -2.07
C ASN A 48 -1.38 -5.91 -2.33
N VAL A 49 -0.53 -5.20 -3.07
CA VAL A 49 -0.79 -3.80 -3.39
C VAL A 49 -1.98 -3.66 -4.31
N ILE A 50 -2.05 -4.52 -5.33
CA ILE A 50 -3.15 -4.49 -6.28
C ILE A 50 -4.48 -4.66 -5.57
N ASN A 51 -4.49 -5.49 -4.54
CA ASN A 51 -5.70 -5.76 -3.76
C ASN A 51 -6.01 -4.59 -2.83
N ASN A 52 -5.03 -4.19 -2.04
CA ASN A 52 -5.20 -3.08 -1.11
C ASN A 52 -5.41 -1.77 -1.84
N ALA A 53 -4.49 -1.45 -2.74
CA ALA A 53 -4.57 -0.22 -3.52
C ALA A 53 -5.91 -0.14 -4.26
N LYS A 54 -6.44 -1.30 -4.62
CA LYS A 54 -7.72 -1.35 -5.32
C LYS A 54 -8.88 -1.18 -4.34
N LYS A 55 -8.79 -1.86 -3.20
CA LYS A 55 -9.83 -1.78 -2.17
C LYS A 55 -9.96 -0.35 -1.67
N ASN A 56 -8.84 0.38 -1.68
CA ASN A 56 -8.83 1.76 -1.23
C ASN A 56 -9.51 2.67 -2.26
N LEU A 57 -9.11 2.52 -3.52
CA LEU A 57 -9.69 3.32 -4.61
C LEU A 57 -11.21 3.28 -4.56
N GLU A 58 -11.76 2.07 -4.66
CA GLU A 58 -13.20 1.89 -4.61
C GLU A 58 -13.78 2.40 -3.30
N LYS A 59 -12.95 2.39 -2.26
CA LYS A 59 -13.37 2.87 -0.94
C LYS A 59 -13.82 4.32 -1.00
N TYR A 60 -13.14 5.10 -1.84
CA TYR A 60 -13.46 6.51 -2.00
C TYR A 60 -14.65 6.69 -2.95
N PHE A 61 -14.71 5.82 -3.95
CA PHE A 61 -15.79 5.87 -4.94
C PHE A 61 -17.08 5.28 -4.38
N LYS A 62 -16.95 4.40 -3.39
CA LYS A 62 -18.11 3.76 -2.78
C LYS A 62 -18.65 4.61 -1.63
N GLU A 63 -17.76 5.28 -0.92
CA GLU A 63 -18.16 6.10 0.21
C GLU A 63 -18.40 7.56 -0.22
N HIS A 64 -17.42 8.12 -0.92
CA HIS A 64 -17.54 9.51 -1.38
C HIS A 64 -18.15 9.58 -2.77
N PHE A 65 -18.67 8.46 -3.25
CA PHE A 65 -19.30 8.41 -4.57
C PHE A 65 -18.43 9.09 -5.62
N LYS A 66 -17.12 9.07 -5.42
CA LYS A 66 -16.18 9.69 -6.34
C LYS A 66 -14.74 9.36 -5.96
N GLU A 67 -13.79 9.95 -6.68
CA GLU A 67 -12.38 9.73 -6.42
C GLU A 67 -11.62 11.05 -6.34
N PHE A 68 -10.65 11.11 -5.44
CA PHE A 68 -9.85 12.33 -5.27
C PHE A 68 -8.45 11.98 -4.76
N ASP A 69 -7.92 10.85 -5.22
CA ASP A 69 -6.59 10.40 -4.81
C ASP A 69 -6.09 9.28 -5.71
N LYS A 70 -4.77 9.10 -5.74
CA LYS A 70 -4.17 8.06 -6.55
C LYS A 70 -3.22 7.20 -5.73
N ILE A 71 -3.11 5.92 -6.08
CA ILE A 71 -2.24 5.01 -5.36
C ILE A 71 -1.35 4.23 -6.32
N SER A 72 -0.07 4.13 -5.97
CA SER A 72 0.90 3.43 -6.79
C SER A 72 1.84 2.60 -5.91
N TYR A 73 2.68 1.79 -6.55
CA TYR A 73 3.63 0.96 -5.82
C TYR A 73 4.78 0.52 -6.74
N ASP A 74 5.90 0.15 -6.14
CA ASP A 74 7.06 -0.28 -6.91
C ASP A 74 7.89 -1.29 -6.12
N ILE A 75 8.77 -2.00 -6.82
CA ILE A 75 9.63 -2.99 -6.19
C ILE A 75 11.02 -3.00 -6.84
N SER A 76 12.05 -3.18 -6.03
CA SER A 76 13.41 -3.21 -6.53
C SER A 76 14.35 -3.85 -5.52
N THR A 77 15.65 -3.66 -5.72
CA THR A 77 16.66 -4.22 -4.83
C THR A 77 16.70 -5.75 -4.94
N PRO A 78 17.89 -6.36 -4.89
CA PRO A 78 18.05 -7.81 -4.99
C PRO A 78 17.63 -8.53 -3.72
N ILE A 79 17.42 -7.76 -2.64
CA ILE A 79 17.01 -8.35 -1.36
C ILE A 79 15.50 -8.31 -1.20
N ASN A 80 14.78 -8.17 -2.31
CA ASN A 80 13.33 -8.14 -2.30
C ASN A 80 12.81 -7.02 -1.38
N PHE A 81 12.67 -5.82 -1.93
CA PHE A 81 12.19 -4.68 -1.16
C PHE A 81 10.99 -4.05 -1.84
N LEU A 82 9.87 -3.97 -1.11
CA LEU A 82 8.65 -3.39 -1.65
C LEU A 82 8.56 -1.90 -1.33
N CYS A 83 8.68 -1.07 -2.36
CA CYS A 83 8.61 0.38 -2.18
C CYS A 83 7.26 0.92 -2.64
N ILE A 84 6.35 1.11 -1.69
CA ILE A 84 5.02 1.61 -1.99
C ILE A 84 5.02 3.13 -2.08
N PHE A 85 4.46 3.66 -3.17
CA PHE A 85 4.39 5.10 -3.37
C PHE A 85 2.96 5.52 -3.72
N ILE A 86 2.21 5.96 -2.72
CA ILE A 86 0.83 6.40 -2.92
C ILE A 86 0.75 7.92 -3.06
N PRO A 87 0.55 8.42 -4.30
CA PRO A 87 0.46 9.85 -4.58
C PRO A 87 -0.96 10.38 -4.49
N THR A 88 -1.19 11.30 -3.57
CA THR A 88 -2.52 11.89 -3.39
C THR A 88 -2.41 13.39 -3.13
N LEU A 89 -3.53 14.09 -3.27
CA LEU A 89 -3.55 15.53 -3.04
C LEU A 89 -3.89 15.85 -1.59
N PHE A 90 -4.74 15.02 -1.01
CA PHE A 90 -5.16 15.18 0.39
C PHE A 90 -5.67 16.60 0.65
N ASP A 91 -6.97 16.69 0.95
CA ASP A 91 -7.62 17.96 1.23
C ASP A 91 -9.14 17.82 1.18
N MET A 92 -9.68 17.79 -0.03
CA MET A 92 -11.12 17.66 -0.22
C MET A 92 -11.61 16.26 0.19
N ASN A 93 -10.69 15.30 0.22
CA ASN A 93 -11.03 13.93 0.59
C ASN A 93 -11.83 13.90 1.89
N ASN A 94 -11.39 14.69 2.87
CA ASN A 94 -12.08 14.76 4.16
C ASN A 94 -12.34 13.36 4.71
N MET A 95 -11.50 12.40 4.34
CA MET A 95 -11.64 11.03 4.80
C MET A 95 -10.45 10.18 4.39
N ASP A 96 -9.27 10.80 4.37
CA ASP A 96 -8.05 10.09 3.99
C ASP A 96 -7.50 9.30 5.17
N LEU A 97 -7.56 7.98 5.06
CA LEU A 97 -7.07 7.09 6.12
C LEU A 97 -5.96 6.18 5.61
N LEU A 98 -4.74 6.68 5.64
CA LEU A 98 -3.58 5.90 5.18
C LEU A 98 -3.22 4.80 6.20
N LYS A 99 -3.84 4.86 7.38
CA LYS A 99 -3.58 3.88 8.43
C LYS A 99 -3.84 2.45 7.93
N GLN A 100 -4.61 2.32 6.86
CA GLN A 100 -4.92 1.01 6.31
C GLN A 100 -3.68 0.42 5.65
N ALA A 101 -3.04 1.20 4.80
CA ALA A 101 -1.83 0.78 4.11
C ALA A 101 -0.73 0.47 5.11
N LEU A 102 -0.52 1.38 6.04
CA LEU A 102 0.50 1.21 7.07
C LEU A 102 0.22 -0.02 7.91
N LEU A 103 -1.05 -0.31 8.12
CA LEU A 103 -1.46 -1.47 8.91
C LEU A 103 -1.16 -2.77 8.17
N ILE A 104 -1.38 -2.75 6.86
CA ILE A 104 -1.14 -3.93 6.03
C ILE A 104 0.32 -4.37 6.12
N LEU A 105 1.24 -3.44 5.92
CA LEU A 105 2.67 -3.74 5.99
C LEU A 105 3.06 -4.16 7.40
N HIS A 106 2.67 -3.35 8.38
CA HIS A 106 2.98 -3.64 9.78
C HIS A 106 2.43 -5.01 10.19
N ASN A 107 1.12 -5.18 10.06
CA ASN A 107 0.47 -6.44 10.42
C ASN A 107 1.05 -7.60 9.62
N ASP A 108 1.67 -7.30 8.49
CA ASP A 108 2.26 -8.33 7.65
C ASP A 108 3.51 -8.92 8.29
N LEU A 109 4.30 -8.07 8.94
CA LEU A 109 5.53 -8.51 9.59
C LEU A 109 5.33 -8.68 11.09
N HIS A 110 4.59 -7.75 11.69
CA HIS A 110 4.33 -7.80 13.13
C HIS A 110 3.60 -9.08 13.52
N GLU A 111 2.84 -9.64 12.58
CA GLU A 111 2.09 -10.88 12.84
C GLU A 111 3.03 -12.01 13.23
N TYR A 112 3.90 -12.41 12.30
CA TYR A 112 4.85 -13.49 12.57
C TYR A 112 5.66 -13.80 11.32
N VAL A 113 4.97 -14.19 10.24
CA VAL A 113 5.62 -14.51 8.97
C VAL A 113 6.86 -15.37 9.19
N GLU A 114 6.75 -16.35 10.07
CA GLU A 114 7.87 -17.24 10.37
C GLU A 114 7.40 -18.70 10.43
N THR A 26 2.60 15.30 3.25
CA THR A 26 1.37 15.36 2.47
C THR A 26 1.67 15.34 0.98
N SER A 27 0.64 15.23 0.16
CA SER A 27 0.79 15.18 -1.29
C SER A 27 1.43 13.87 -1.73
N LYS A 28 2.67 13.64 -1.31
CA LYS A 28 3.39 12.43 -1.67
C LYS A 28 3.66 11.58 -0.43
N GLN A 29 3.40 10.28 -0.52
CA GLN A 29 3.62 9.37 0.59
C GLN A 29 4.14 8.04 0.09
N GLU A 30 5.05 7.44 0.86
CA GLU A 30 5.64 6.16 0.50
C GLU A 30 5.69 5.22 1.70
N LEU A 31 5.14 4.03 1.54
CA LEU A 31 5.13 3.04 2.62
C LEU A 31 6.03 1.85 2.26
N ILE A 32 6.88 1.46 3.21
CA ILE A 32 7.80 0.34 3.00
C ILE A 32 7.16 -0.97 3.42
N LEU A 33 7.52 -2.05 2.74
CA LEU A 33 6.99 -3.37 3.05
C LEU A 33 8.07 -4.43 2.96
N VAL A 34 7.86 -5.55 3.65
CA VAL A 34 8.82 -6.65 3.64
C VAL A 34 8.15 -7.97 3.95
N LEU A 35 8.27 -8.91 3.02
CA LEU A 35 7.66 -10.23 3.17
C LEU A 35 8.56 -11.14 3.97
N LYS A 36 8.11 -12.37 4.17
CA LYS A 36 8.87 -13.36 4.93
C LYS A 36 10.07 -13.86 4.13
N GLY A 37 9.83 -14.16 2.85
CA GLY A 37 10.90 -14.65 2.00
C GLY A 37 10.68 -16.08 1.55
N GLU A 38 9.42 -16.46 1.40
CA GLU A 38 9.08 -17.82 0.97
C GLU A 38 9.27 -17.97 -0.53
N LEU A 39 10.22 -18.81 -0.92
CA LEU A 39 10.50 -19.05 -2.33
C LEU A 39 10.89 -17.76 -3.04
N ASP A 40 11.32 -17.89 -4.29
CA ASP A 40 11.73 -16.72 -5.07
C ASP A 40 10.58 -16.20 -5.93
N LEU A 41 9.68 -15.44 -5.31
CA LEU A 41 8.52 -14.89 -6.01
C LEU A 41 8.09 -13.58 -5.37
N HIS A 42 8.00 -12.54 -6.20
CA HIS A 42 7.59 -11.22 -5.72
C HIS A 42 6.17 -10.89 -6.20
N SER A 43 5.34 -11.90 -6.33
CA SER A 43 3.97 -11.72 -6.78
C SER A 43 3.04 -11.47 -5.60
N LYS A 44 3.31 -12.15 -4.48
CA LYS A 44 2.50 -12.01 -3.28
C LYS A 44 2.54 -10.59 -2.76
N ASN A 45 3.69 -9.94 -2.91
CA ASN A 45 3.87 -8.57 -2.45
C ASN A 45 3.03 -7.61 -3.28
N MET A 46 3.26 -7.60 -4.59
CA MET A 46 2.52 -6.73 -5.49
C MET A 46 1.02 -7.01 -5.43
N LYS A 47 0.66 -8.29 -5.51
CA LYS A 47 -0.73 -8.69 -5.46
C LYS A 47 -1.39 -8.21 -4.16
N ASN A 48 -0.59 -8.08 -3.11
CA ASN A 48 -1.09 -7.63 -1.81
C ASN A 48 -1.45 -6.15 -1.87
N VAL A 49 -0.64 -5.37 -2.57
CA VAL A 49 -0.87 -3.93 -2.70
C VAL A 49 -2.06 -3.66 -3.59
N ILE A 50 -2.03 -4.19 -4.82
CA ILE A 50 -3.11 -4.00 -5.76
C ILE A 50 -4.46 -4.37 -5.16
N ASN A 51 -4.45 -5.32 -4.23
CA ASN A 51 -5.67 -5.75 -3.57
C ASN A 51 -6.13 -4.72 -2.55
N ASN A 52 -5.18 -4.15 -1.82
CA ASN A 52 -5.50 -3.14 -0.82
C ASN A 52 -5.71 -1.77 -1.45
N ALA A 53 -4.73 -1.33 -2.23
CA ALA A 53 -4.80 -0.04 -2.90
C ALA A 53 -6.06 0.07 -3.75
N LYS A 54 -6.55 -1.06 -4.23
CA LYS A 54 -7.77 -1.09 -5.05
C LYS A 54 -9.01 -1.05 -4.18
N LYS A 55 -8.98 -1.79 -3.08
CA LYS A 55 -10.11 -1.82 -2.15
C LYS A 55 -10.38 -0.45 -1.57
N ASN A 56 -9.31 0.30 -1.30
CA ASN A 56 -9.42 1.63 -0.75
C ASN A 56 -9.92 2.61 -1.80
N LEU A 57 -9.32 2.55 -2.99
CA LEU A 57 -9.70 3.42 -4.09
C LEU A 57 -11.22 3.42 -4.30
N GLU A 58 -11.77 2.22 -4.53
CA GLU A 58 -13.20 2.08 -4.74
C GLU A 58 -13.97 2.52 -3.49
N LYS A 59 -13.34 2.41 -2.33
CA LYS A 59 -13.97 2.80 -1.08
C LYS A 59 -14.38 4.28 -1.12
N TYR A 60 -13.57 5.09 -1.77
CA TYR A 60 -13.84 6.52 -1.90
C TYR A 60 -14.83 6.78 -3.03
N PHE A 61 -14.71 5.98 -4.08
CA PHE A 61 -15.59 6.11 -5.24
C PHE A 61 -17.01 5.71 -4.90
N LYS A 62 -17.15 4.78 -3.96
CA LYS A 62 -18.47 4.30 -3.55
C LYS A 62 -19.06 5.17 -2.44
N GLU A 63 -18.20 5.83 -1.68
CA GLU A 63 -18.64 6.68 -0.58
C GLU A 63 -18.72 8.15 -0.98
N HIS A 64 -17.70 8.62 -1.69
CA HIS A 64 -17.65 10.01 -2.13
C HIS A 64 -18.02 10.17 -3.61
N PHE A 65 -18.50 9.09 -4.21
CA PHE A 65 -18.90 9.09 -5.61
C PHE A 65 -17.88 9.84 -6.48
N LYS A 66 -16.62 9.79 -6.07
CA LYS A 66 -15.55 10.46 -6.81
C LYS A 66 -14.22 9.75 -6.62
N GLU A 67 -13.20 10.22 -7.34
CA GLU A 67 -11.87 9.62 -7.26
C GLU A 67 -10.80 10.70 -7.26
N PHE A 68 -9.91 10.64 -6.27
CA PHE A 68 -8.83 11.62 -6.16
C PHE A 68 -7.58 10.97 -5.56
N ASP A 69 -7.77 10.23 -4.47
CA ASP A 69 -6.66 9.55 -3.81
C ASP A 69 -6.13 8.40 -4.66
N LYS A 70 -4.95 8.59 -5.23
CA LYS A 70 -4.33 7.57 -6.07
C LYS A 70 -3.21 6.84 -5.32
N ILE A 71 -2.88 5.64 -5.78
CA ILE A 71 -1.83 4.85 -5.16
C ILE A 71 -0.89 4.26 -6.20
N SER A 72 0.38 4.16 -5.84
CA SER A 72 1.40 3.61 -6.73
C SER A 72 2.34 2.68 -5.96
N TYR A 73 2.40 1.42 -6.38
CA TYR A 73 3.25 0.45 -5.72
C TYR A 73 4.26 -0.15 -6.69
N ASP A 74 5.45 -0.46 -6.17
CA ASP A 74 6.51 -1.03 -6.99
C ASP A 74 7.48 -1.84 -6.13
N ILE A 75 8.11 -2.84 -6.76
CA ILE A 75 9.07 -3.70 -6.06
C ILE A 75 10.50 -3.30 -6.40
N SER A 76 11.42 -3.60 -5.48
CA SER A 76 12.82 -3.28 -5.68
C SER A 76 13.71 -4.48 -5.31
N THR A 77 14.11 -5.23 -6.32
CA THR A 77 14.96 -6.41 -6.11
C THR A 77 16.41 -6.01 -5.80
N PRO A 78 16.90 -4.86 -6.33
CA PRO A 78 18.27 -4.42 -6.08
C PRO A 78 18.56 -4.26 -4.59
N ILE A 79 17.56 -3.84 -3.83
CA ILE A 79 17.71 -3.66 -2.39
C ILE A 79 16.89 -4.68 -1.61
N ASN A 80 16.01 -5.40 -2.29
CA ASN A 80 15.18 -6.41 -1.66
C ASN A 80 14.18 -5.75 -0.71
N PHE A 81 13.60 -4.63 -1.15
CA PHE A 81 12.62 -3.91 -0.34
C PHE A 81 11.44 -3.47 -1.19
N LEU A 82 10.30 -3.27 -0.54
CA LEU A 82 9.09 -2.83 -1.25
C LEU A 82 8.80 -1.37 -0.97
N CYS A 83 8.61 -0.60 -2.04
CA CYS A 83 8.33 0.83 -1.91
C CYS A 83 6.99 1.19 -2.56
N ILE A 84 6.00 1.52 -1.74
CA ILE A 84 4.69 1.88 -2.23
C ILE A 84 4.52 3.39 -2.28
N PHE A 85 4.81 3.98 -3.43
CA PHE A 85 4.67 5.41 -3.59
C PHE A 85 3.21 5.77 -3.81
N ILE A 86 2.48 5.92 -2.71
CA ILE A 86 1.06 6.27 -2.76
C ILE A 86 0.85 7.78 -2.85
N PRO A 87 0.46 8.29 -4.03
CA PRO A 87 0.24 9.73 -4.24
C PRO A 87 -1.11 10.19 -3.70
N THR A 88 -1.07 11.03 -2.66
CA THR A 88 -2.30 11.52 -2.05
C THR A 88 -2.10 12.91 -1.44
N LEU A 89 -3.09 13.78 -1.63
CA LEU A 89 -3.03 15.13 -1.11
C LEU A 89 -3.74 15.22 0.25
N PHE A 90 -4.63 14.26 0.50
CA PHE A 90 -5.39 14.23 1.75
C PHE A 90 -6.23 15.48 1.92
N ASP A 91 -7.54 15.28 2.00
CA ASP A 91 -8.49 16.39 2.16
C ASP A 91 -9.92 15.93 1.89
N MET A 92 -10.12 15.27 0.76
CA MET A 92 -11.43 14.78 0.38
C MET A 92 -11.89 13.64 1.29
N ASN A 93 -10.97 12.73 1.60
CA ASN A 93 -11.27 11.60 2.47
C ASN A 93 -11.85 12.08 3.80
N ASN A 94 -11.38 13.25 4.25
CA ASN A 94 -11.85 13.83 5.51
C ASN A 94 -11.82 12.79 6.63
N MET A 95 -10.88 11.85 6.55
CA MET A 95 -10.75 10.80 7.56
C MET A 95 -9.34 10.23 7.57
N ASP A 96 -9.06 9.34 6.64
CA ASP A 96 -7.73 8.71 6.54
C ASP A 96 -7.67 7.78 5.35
N LEU A 97 -6.57 7.04 5.24
CA LEU A 97 -6.37 6.10 4.14
C LEU A 97 -5.10 5.29 4.33
N LEU A 98 -4.05 5.93 4.83
CA LEU A 98 -2.77 5.27 5.06
C LEU A 98 -2.91 4.17 6.12
N LYS A 99 -3.93 4.30 6.97
CA LYS A 99 -4.16 3.32 8.02
C LYS A 99 -4.27 1.91 7.47
N GLN A 100 -4.71 1.80 6.22
CA GLN A 100 -4.85 0.49 5.57
C GLN A 100 -3.52 0.02 5.00
N ALA A 101 -2.75 0.96 4.45
CA ALA A 101 -1.46 0.64 3.85
C ALA A 101 -0.41 0.38 4.93
N LEU A 102 -0.47 1.17 6.00
CA LEU A 102 0.48 1.02 7.11
C LEU A 102 0.15 -0.19 7.95
N LEU A 103 -1.13 -0.58 7.96
CA LEU A 103 -1.56 -1.74 8.74
C LEU A 103 -1.17 -3.04 8.05
N ILE A 104 -1.44 -3.12 6.75
CA ILE A 104 -1.13 -4.32 5.97
C ILE A 104 0.37 -4.59 5.94
N LEU A 105 1.16 -3.55 5.68
CA LEU A 105 2.62 -3.70 5.62
C LEU A 105 3.17 -4.11 6.98
N HIS A 106 2.66 -3.49 8.04
CA HIS A 106 3.10 -3.80 9.39
C HIS A 106 2.71 -5.22 9.78
N ASN A 107 1.50 -5.61 9.41
CA ASN A 107 1.00 -6.94 9.72
C ASN A 107 1.91 -8.02 9.13
N ASP A 108 2.55 -7.69 8.00
CA ASP A 108 3.45 -8.62 7.34
C ASP A 108 4.79 -8.68 8.06
N LEU A 109 5.25 -7.54 8.56
CA LEU A 109 6.51 -7.47 9.27
C LEU A 109 6.37 -8.02 10.68
N HIS A 110 5.20 -7.81 11.28
CA HIS A 110 4.94 -8.28 12.63
C HIS A 110 4.90 -9.81 12.69
N GLU A 111 4.80 -10.45 11.53
CA GLU A 111 4.74 -11.90 11.45
C GLU A 111 5.95 -12.53 12.15
N TYR A 112 7.07 -11.83 12.15
CA TYR A 112 8.28 -12.31 12.78
C TYR A 112 9.38 -11.25 12.75
N VAL A 113 9.91 -11.00 11.56
CA VAL A 113 10.97 -10.01 11.38
C VAL A 113 12.04 -10.13 12.46
N GLU A 114 12.33 -11.36 12.86
CA GLU A 114 13.33 -11.62 13.90
C GLU A 114 14.39 -12.59 13.39
N THR A 26 0.59 19.95 -2.75
CA THR A 26 0.26 18.55 -2.97
C THR A 26 0.83 17.68 -1.85
N SER A 27 0.26 16.48 -1.69
CA SER A 27 0.72 15.56 -0.66
C SER A 27 1.39 14.33 -1.29
N LYS A 28 2.42 13.82 -0.61
CA LYS A 28 3.13 12.66 -1.10
C LYS A 28 3.58 11.77 0.06
N GLN A 29 3.28 10.48 -0.04
CA GLN A 29 3.64 9.54 1.00
C GLN A 29 4.25 8.28 0.41
N GLU A 30 5.22 7.72 1.09
CA GLU A 30 5.90 6.52 0.62
C GLU A 30 6.02 5.48 1.72
N LEU A 31 5.32 4.37 1.56
CA LEU A 31 5.34 3.29 2.54
C LEU A 31 6.48 2.32 2.25
N ILE A 32 7.37 2.14 3.23
CA ILE A 32 8.50 1.24 3.08
C ILE A 32 8.15 -0.16 3.53
N LEU A 33 7.92 -1.05 2.57
CA LEU A 33 7.58 -2.44 2.87
C LEU A 33 8.82 -3.32 2.85
N VAL A 34 8.76 -4.40 3.62
CA VAL A 34 9.89 -5.34 3.70
C VAL A 34 11.05 -4.73 4.43
N LEU A 35 11.59 -5.46 5.41
CA LEU A 35 12.72 -4.99 6.20
C LEU A 35 13.96 -5.81 5.89
N LYS A 36 13.97 -7.07 6.31
CA LYS A 36 15.10 -7.95 6.09
C LYS A 36 14.65 -9.41 6.03
N GLY A 37 14.37 -9.90 4.83
CA GLY A 37 13.93 -11.27 4.67
C GLY A 37 14.98 -12.14 4.00
N GLU A 38 14.80 -13.45 4.06
CA GLU A 38 15.73 -14.39 3.45
C GLU A 38 15.24 -15.84 3.61
N LEU A 39 15.94 -16.76 2.98
CA LEU A 39 15.59 -18.18 3.04
C LEU A 39 14.30 -18.45 2.28
N ASP A 40 13.19 -17.91 2.79
CA ASP A 40 11.90 -18.09 2.16
C ASP A 40 11.54 -16.91 1.27
N LEU A 41 11.53 -15.72 1.86
CA LEU A 41 11.21 -14.50 1.12
C LEU A 41 9.79 -14.58 0.54
N HIS A 42 9.42 -13.55 -0.21
CA HIS A 42 8.09 -13.50 -0.83
C HIS A 42 7.94 -12.26 -1.70
N SER A 43 7.51 -12.46 -2.93
CA SER A 43 7.32 -11.36 -3.86
C SER A 43 5.83 -11.08 -4.09
N LYS A 44 5.02 -11.46 -3.10
CA LYS A 44 3.57 -11.25 -3.19
C LYS A 44 3.18 -9.86 -2.69
N ASN A 45 4.16 -9.10 -2.20
CA ASN A 45 3.90 -7.76 -1.70
C ASN A 45 3.15 -6.91 -2.71
N MET A 46 3.45 -7.13 -3.98
CA MET A 46 2.77 -6.39 -5.05
C MET A 46 1.30 -6.72 -5.10
N LYS A 47 0.98 -7.98 -4.83
CA LYS A 47 -0.40 -8.44 -4.85
C LYS A 47 -1.16 -7.91 -3.63
N ASN A 48 -0.42 -7.63 -2.57
CA ASN A 48 -1.02 -7.12 -1.34
C ASN A 48 -1.46 -5.67 -1.51
N VAL A 49 -0.66 -4.90 -2.24
CA VAL A 49 -0.97 -3.48 -2.47
C VAL A 49 -2.10 -3.34 -3.48
N ILE A 50 -2.01 -4.09 -4.57
CA ILE A 50 -3.03 -4.02 -5.60
C ILE A 50 -4.39 -4.40 -5.03
N ASN A 51 -4.39 -5.24 -4.00
CA ASN A 51 -5.63 -5.68 -3.35
C ASN A 51 -6.15 -4.58 -2.43
N ASN A 52 -5.30 -4.09 -1.53
CA ASN A 52 -5.68 -3.04 -0.59
C ASN A 52 -5.93 -1.73 -1.33
N ALA A 53 -5.16 -1.51 -2.39
CA ALA A 53 -5.30 -0.31 -3.19
C ALA A 53 -6.62 -0.32 -3.98
N LYS A 54 -7.10 -1.51 -4.28
CA LYS A 54 -8.35 -1.66 -5.02
C LYS A 54 -9.55 -1.36 -4.13
N LYS A 55 -9.59 -1.98 -2.96
CA LYS A 55 -10.68 -1.78 -2.01
C LYS A 55 -10.82 -0.30 -1.66
N ASN A 56 -9.69 0.37 -1.47
CA ASN A 56 -9.69 1.78 -1.13
C ASN A 56 -10.27 2.61 -2.27
N LEU A 57 -9.78 2.37 -3.47
CA LEU A 57 -10.26 3.09 -4.65
C LEU A 57 -11.78 3.07 -4.74
N GLU A 58 -12.33 1.86 -4.86
CA GLU A 58 -13.78 1.69 -4.94
C GLU A 58 -14.46 2.29 -3.72
N LYS A 59 -13.76 2.32 -2.59
CA LYS A 59 -14.31 2.87 -1.35
C LYS A 59 -14.72 4.32 -1.56
N TYR A 60 -13.94 5.04 -2.36
CA TYR A 60 -14.23 6.45 -2.64
C TYR A 60 -15.32 6.57 -3.69
N PHE A 61 -15.28 5.66 -4.67
CA PHE A 61 -16.27 5.67 -5.75
C PHE A 61 -17.64 5.23 -5.24
N LYS A 62 -17.65 4.41 -4.19
CA LYS A 62 -18.89 3.92 -3.62
C LYS A 62 -19.44 4.87 -2.57
N GLU A 63 -18.55 5.60 -1.91
CA GLU A 63 -18.96 6.53 -0.86
C GLU A 63 -19.05 7.97 -1.37
N HIS A 64 -18.03 8.42 -2.08
CA HIS A 64 -18.01 9.79 -2.60
C HIS A 64 -17.96 9.84 -4.12
N PHE A 65 -18.14 8.70 -4.76
CA PHE A 65 -18.14 8.63 -6.21
C PHE A 65 -16.82 9.15 -6.80
N LYS A 66 -16.23 8.37 -7.71
CA LYS A 66 -14.98 8.74 -8.35
C LYS A 66 -13.85 8.89 -7.31
N GLU A 67 -12.72 8.24 -7.60
CA GLU A 67 -11.57 8.31 -6.69
C GLU A 67 -10.94 9.69 -6.73
N PHE A 68 -10.10 9.98 -5.72
CA PHE A 68 -9.43 11.27 -5.64
C PHE A 68 -7.93 11.09 -5.41
N ASP A 69 -7.59 10.19 -4.49
CA ASP A 69 -6.18 9.93 -4.18
C ASP A 69 -5.64 8.79 -5.04
N LYS A 70 -4.35 8.88 -5.38
CA LYS A 70 -3.70 7.86 -6.19
C LYS A 70 -2.57 7.20 -5.42
N ILE A 71 -2.27 5.95 -5.75
CA ILE A 71 -1.20 5.23 -5.06
C ILE A 71 -0.34 4.43 -6.04
N SER A 72 0.94 4.77 -6.09
CA SER A 72 1.88 4.08 -6.95
C SER A 72 2.64 3.02 -6.16
N TYR A 73 2.65 1.80 -6.65
CA TYR A 73 3.34 0.71 -5.95
C TYR A 73 4.21 -0.10 -6.90
N ASP A 74 5.34 -0.54 -6.40
CA ASP A 74 6.28 -1.34 -7.19
C ASP A 74 7.21 -2.14 -6.28
N ILE A 75 7.78 -3.21 -6.83
CA ILE A 75 8.69 -4.07 -6.07
C ILE A 75 10.13 -3.80 -6.44
N SER A 76 10.95 -3.53 -5.41
CA SER A 76 12.38 -3.25 -5.62
C SER A 76 13.19 -4.55 -5.60
N THR A 77 13.80 -4.87 -6.74
CA THR A 77 14.59 -6.08 -6.86
C THR A 77 13.72 -7.31 -6.70
N PRO A 78 14.03 -8.38 -7.45
CA PRO A 78 13.26 -9.64 -7.40
C PRO A 78 13.08 -10.14 -5.96
N ILE A 79 14.10 -9.92 -5.14
CA ILE A 79 14.04 -10.37 -3.74
C ILE A 79 14.98 -9.53 -2.87
N ASN A 80 14.57 -8.31 -2.56
CA ASN A 80 15.38 -7.42 -1.74
C ASN A 80 14.51 -6.54 -0.86
N PHE A 81 13.91 -5.51 -1.45
CA PHE A 81 13.06 -4.60 -0.71
C PHE A 81 11.80 -4.25 -1.50
N LEU A 82 10.85 -3.60 -0.84
CA LEU A 82 9.59 -3.21 -1.47
C LEU A 82 9.41 -1.70 -1.38
N CYS A 83 9.20 -1.05 -2.52
CA CYS A 83 9.01 0.40 -2.55
C CYS A 83 7.58 0.76 -2.88
N ILE A 84 6.95 1.54 -2.01
CA ILE A 84 5.57 1.96 -2.22
C ILE A 84 5.42 3.47 -2.07
N PHE A 85 5.12 4.14 -3.17
CA PHE A 85 4.94 5.59 -3.16
C PHE A 85 3.51 5.94 -3.55
N ILE A 86 2.75 6.47 -2.59
CA ILE A 86 1.36 6.83 -2.84
C ILE A 86 1.20 8.34 -3.07
N PRO A 87 1.11 8.78 -4.33
CA PRO A 87 0.95 10.20 -4.66
C PRO A 87 -0.51 10.64 -4.62
N THR A 88 -0.79 11.67 -3.86
CA THR A 88 -2.15 12.18 -3.74
C THR A 88 -2.16 13.60 -3.18
N LEU A 89 -2.97 14.47 -3.78
CA LEU A 89 -3.07 15.86 -3.35
C LEU A 89 -3.53 15.96 -1.90
N PHE A 90 -4.14 14.88 -1.40
CA PHE A 90 -4.64 14.86 -0.03
C PHE A 90 -5.77 15.86 0.16
N ASP A 91 -6.86 15.41 0.77
CA ASP A 91 -8.01 16.25 1.02
C ASP A 91 -9.14 15.44 1.64
N MET A 92 -9.50 14.34 0.99
CA MET A 92 -10.57 13.47 1.48
C MET A 92 -10.06 12.57 2.60
N ASN A 93 -8.74 12.36 2.64
CA ASN A 93 -8.13 11.53 3.68
C ASN A 93 -7.63 12.37 4.84
N ASN A 94 -8.24 13.53 5.03
CA ASN A 94 -7.86 14.43 6.12
C ASN A 94 -7.94 13.73 7.47
N MET A 95 -8.72 12.66 7.54
CA MET A 95 -8.87 11.90 8.78
C MET A 95 -7.83 10.78 8.88
N ASP A 96 -6.81 10.85 8.04
CA ASP A 96 -5.75 9.84 8.05
C ASP A 96 -6.31 8.45 7.79
N LEU A 97 -6.13 7.97 6.56
CA LEU A 97 -6.62 6.64 6.18
C LEU A 97 -5.48 5.74 5.73
N LEU A 98 -4.27 6.28 5.69
CA LEU A 98 -3.09 5.51 5.28
C LEU A 98 -2.80 4.38 6.27
N LYS A 99 -3.39 4.47 7.45
CA LYS A 99 -3.19 3.46 8.49
C LYS A 99 -3.47 2.05 7.95
N GLN A 100 -4.29 1.96 6.91
CA GLN A 100 -4.63 0.68 6.32
C GLN A 100 -3.44 0.10 5.55
N ALA A 101 -2.65 1.00 4.97
CA ALA A 101 -1.47 0.60 4.21
C ALA A 101 -0.29 0.34 5.14
N LEU A 102 -0.17 1.15 6.17
CA LEU A 102 0.91 1.02 7.14
C LEU A 102 0.74 -0.21 8.01
N LEU A 103 -0.51 -0.58 8.27
CA LEU A 103 -0.80 -1.75 9.10
C LEU A 103 -0.66 -3.03 8.30
N ILE A 104 -1.22 -3.03 7.09
CA ILE A 104 -1.16 -4.21 6.22
C ILE A 104 0.29 -4.61 5.94
N LEU A 105 1.16 -3.64 5.76
CA LEU A 105 2.56 -3.91 5.49
C LEU A 105 3.29 -4.36 6.75
N HIS A 106 2.96 -3.73 7.88
CA HIS A 106 3.57 -4.06 9.15
C HIS A 106 3.09 -5.41 9.66
N ASN A 107 1.78 -5.53 9.87
CA ASN A 107 1.19 -6.77 10.36
C ASN A 107 1.61 -7.95 9.49
N ASP A 108 1.78 -7.71 8.20
CA ASP A 108 2.18 -8.75 7.27
C ASP A 108 3.59 -9.25 7.59
N LEU A 109 4.57 -8.36 7.46
CA LEU A 109 5.95 -8.71 7.73
C LEU A 109 6.15 -9.02 9.21
N HIS A 110 5.26 -8.53 10.05
CA HIS A 110 5.34 -8.74 11.50
C HIS A 110 5.29 -10.23 11.83
N GLU A 111 4.12 -10.85 11.61
CA GLU A 111 3.95 -12.26 11.89
C GLU A 111 4.38 -13.12 10.72
N TYR A 112 3.67 -13.01 9.60
CA TYR A 112 3.97 -13.79 8.40
C TYR A 112 2.85 -13.66 7.37
N VAL A 113 1.64 -14.06 7.78
CA VAL A 113 0.49 -14.01 6.90
C VAL A 113 0.81 -14.52 5.50
N GLU A 114 1.63 -15.56 5.43
CA GLU A 114 2.02 -16.14 4.16
C GLU A 114 1.64 -17.62 4.10
N THR A 26 2.24 15.53 2.44
CA THR A 26 1.07 15.92 1.64
C THR A 26 1.33 15.72 0.16
N SER A 27 0.29 15.38 -0.58
CA SER A 27 0.42 15.16 -2.02
C SER A 27 1.11 13.83 -2.31
N LYS A 28 2.35 13.71 -1.87
CA LYS A 28 3.12 12.49 -2.08
C LYS A 28 3.29 11.71 -0.78
N GLN A 29 2.98 10.43 -0.81
CA GLN A 29 3.10 9.57 0.36
C GLN A 29 3.70 8.23 -0.02
N GLU A 30 4.52 7.68 0.86
CA GLU A 30 5.17 6.41 0.60
C GLU A 30 5.12 5.49 1.81
N LEU A 31 4.82 4.22 1.57
CA LEU A 31 4.75 3.22 2.64
C LEU A 31 5.84 2.16 2.46
N ILE A 32 6.81 2.18 3.36
CA ILE A 32 7.91 1.22 3.30
C ILE A 32 7.48 -0.16 3.76
N LEU A 33 7.74 -1.16 2.93
CA LEU A 33 7.39 -2.54 3.26
C LEU A 33 8.59 -3.46 3.00
N VAL A 34 8.40 -4.76 3.23
CA VAL A 34 9.48 -5.72 3.03
C VAL A 34 8.94 -7.10 2.67
N LEU A 35 9.36 -7.58 1.51
CA LEU A 35 8.94 -8.89 1.03
C LEU A 35 9.72 -10.00 1.73
N LYS A 36 9.22 -11.22 1.61
CA LYS A 36 9.87 -12.37 2.23
C LYS A 36 9.83 -13.58 1.31
N GLY A 37 11.02 -14.13 1.00
CA GLY A 37 11.09 -15.27 0.13
C GLY A 37 10.62 -16.55 0.79
N GLU A 38 9.40 -16.96 0.46
CA GLU A 38 8.83 -18.18 1.05
C GLU A 38 8.51 -19.20 -0.05
N LEU A 39 9.44 -20.12 -0.25
CA LEU A 39 9.28 -21.17 -1.27
C LEU A 39 9.19 -20.56 -2.66
N ASP A 40 8.01 -20.07 -3.02
CA ASP A 40 7.79 -19.46 -4.33
C ASP A 40 8.08 -17.96 -4.28
N LEU A 41 9.30 -17.58 -4.62
CA LEU A 41 9.70 -16.19 -4.62
C LEU A 41 9.21 -15.48 -5.88
N HIS A 42 7.89 -15.37 -6.01
CA HIS A 42 7.30 -14.71 -7.17
C HIS A 42 6.70 -13.36 -6.80
N SER A 43 7.23 -12.76 -5.72
CA SER A 43 6.76 -11.45 -5.26
C SER A 43 5.24 -11.44 -5.12
N LYS A 44 4.75 -11.95 -4.00
CA LYS A 44 3.31 -12.00 -3.74
C LYS A 44 2.83 -10.70 -3.09
N ASN A 45 3.73 -10.05 -2.35
CA ASN A 45 3.40 -8.80 -1.68
C ASN A 45 2.82 -7.78 -2.65
N MET A 46 3.43 -7.68 -3.83
CA MET A 46 2.96 -6.73 -4.85
C MET A 46 1.48 -6.93 -5.13
N LYS A 47 1.08 -8.20 -5.30
CA LYS A 47 -0.31 -8.51 -5.57
C LYS A 47 -1.19 -8.06 -4.42
N ASN A 48 -0.62 -8.05 -3.21
CA ASN A 48 -1.35 -7.62 -2.02
C ASN A 48 -1.56 -6.11 -2.03
N VAL A 49 -0.58 -5.40 -2.57
CA VAL A 49 -0.67 -3.94 -2.64
C VAL A 49 -1.78 -3.52 -3.59
N ILE A 50 -1.78 -4.07 -4.80
CA ILE A 50 -2.80 -3.75 -5.78
C ILE A 50 -4.19 -4.09 -5.26
N ASN A 51 -4.25 -5.11 -4.40
CA ASN A 51 -5.51 -5.54 -3.81
C ASN A 51 -6.01 -4.50 -2.81
N ASN A 52 -5.11 -4.07 -1.93
CA ASN A 52 -5.46 -3.07 -0.92
C ASN A 52 -5.64 -1.70 -1.55
N ALA A 53 -4.82 -1.42 -2.57
CA ALA A 53 -4.89 -0.15 -3.27
C ALA A 53 -6.21 0.00 -4.00
N LYS A 54 -6.78 -1.12 -4.41
CA LYS A 54 -8.05 -1.12 -5.13
C LYS A 54 -9.21 -0.91 -4.15
N LYS A 55 -9.14 -1.59 -3.01
CA LYS A 55 -10.18 -1.47 -1.99
C LYS A 55 -10.30 -0.02 -1.52
N ASN A 56 -9.18 0.67 -1.46
CA ASN A 56 -9.16 2.06 -1.02
C ASN A 56 -9.77 2.96 -2.09
N LEU A 57 -9.30 2.82 -3.32
CA LEU A 57 -9.81 3.62 -4.44
C LEU A 57 -11.33 3.51 -4.52
N GLU A 58 -11.81 2.28 -4.67
CA GLU A 58 -13.25 2.05 -4.77
C GLU A 58 -13.96 2.49 -3.50
N LYS A 59 -13.24 2.48 -2.38
CA LYS A 59 -13.80 2.89 -1.10
C LYS A 59 -14.28 4.34 -1.17
N TYR A 60 -13.54 5.16 -1.90
CA TYR A 60 -13.89 6.57 -2.07
C TYR A 60 -15.02 6.72 -3.08
N PHE A 61 -14.98 5.90 -4.13
CA PHE A 61 -16.00 5.95 -5.16
C PHE A 61 -17.29 5.27 -4.69
N LYS A 62 -17.18 4.43 -3.67
CA LYS A 62 -18.33 3.72 -3.13
C LYS A 62 -19.02 4.56 -2.06
N GLU A 63 -18.23 5.35 -1.34
CA GLU A 63 -18.76 6.19 -0.27
C GLU A 63 -18.99 7.62 -0.73
N HIS A 64 -17.97 8.23 -1.32
CA HIS A 64 -18.08 9.61 -1.78
C HIS A 64 -18.28 9.71 -3.29
N PHE A 65 -18.53 8.59 -3.93
CA PHE A 65 -18.75 8.54 -5.38
C PHE A 65 -17.68 9.35 -6.11
N LYS A 66 -16.49 9.43 -5.54
CA LYS A 66 -15.39 10.16 -6.14
C LYS A 66 -14.04 9.58 -5.71
N GLU A 67 -13.04 9.74 -6.57
CA GLU A 67 -11.71 9.24 -6.28
C GLU A 67 -10.90 10.27 -5.50
N PHE A 68 -10.41 11.29 -6.19
CA PHE A 68 -9.63 12.34 -5.56
C PHE A 68 -8.42 11.76 -4.84
N ASP A 69 -7.91 10.64 -5.33
CA ASP A 69 -6.76 9.98 -4.73
C ASP A 69 -6.32 8.78 -5.55
N LYS A 70 -5.02 8.63 -5.72
CA LYS A 70 -4.47 7.51 -6.48
C LYS A 70 -3.42 6.77 -5.66
N ILE A 71 -3.10 5.54 -6.07
CA ILE A 71 -2.11 4.73 -5.38
C ILE A 71 -1.23 3.98 -6.35
N SER A 72 0.04 3.84 -5.97
CA SER A 72 1.00 3.14 -6.80
C SER A 72 1.90 2.24 -5.95
N TYR A 73 2.41 1.18 -6.54
CA TYR A 73 3.27 0.24 -5.83
C TYR A 73 4.36 -0.30 -6.72
N ASP A 74 5.53 -0.57 -6.15
CA ASP A 74 6.66 -1.09 -6.90
C ASP A 74 7.71 -1.66 -5.96
N ILE A 75 8.68 -2.38 -6.52
CA ILE A 75 9.75 -2.98 -5.73
C ILE A 75 11.12 -2.67 -6.32
N SER A 76 12.17 -2.92 -5.54
CA SER A 76 13.54 -2.66 -5.98
C SER A 76 14.55 -3.20 -4.98
N THR A 77 15.81 -2.89 -5.21
CA THR A 77 16.88 -3.34 -4.32
C THR A 77 17.01 -4.87 -4.35
N PRO A 78 18.24 -5.39 -4.31
CA PRO A 78 18.48 -6.84 -4.33
C PRO A 78 18.12 -7.53 -3.01
N ILE A 79 17.79 -6.74 -1.98
CA ILE A 79 17.42 -7.28 -0.69
C ILE A 79 15.90 -7.42 -0.55
N ASN A 80 15.22 -7.51 -1.68
CA ASN A 80 13.76 -7.65 -1.68
C ASN A 80 13.11 -6.51 -0.90
N PHE A 81 13.50 -5.28 -1.21
CA PHE A 81 12.96 -4.11 -0.53
C PHE A 81 11.68 -3.64 -1.23
N LEU A 82 10.63 -3.42 -0.45
CA LEU A 82 9.35 -2.97 -0.99
C LEU A 82 9.17 -1.47 -0.79
N CYS A 83 8.78 -0.79 -1.87
CA CYS A 83 8.55 0.65 -1.83
C CYS A 83 7.21 1.00 -2.46
N ILE A 84 6.29 1.50 -1.65
CA ILE A 84 4.96 1.87 -2.14
C ILE A 84 4.85 3.37 -2.36
N PHE A 85 4.62 3.76 -3.61
CA PHE A 85 4.48 5.17 -3.95
C PHE A 85 3.01 5.49 -4.13
N ILE A 86 2.34 5.80 -3.02
CA ILE A 86 0.92 6.12 -3.05
C ILE A 86 0.69 7.64 -3.12
N PRO A 87 0.29 8.15 -4.31
CA PRO A 87 0.03 9.58 -4.49
C PRO A 87 -1.29 10.00 -3.86
N THR A 88 -1.21 10.80 -2.80
CA THR A 88 -2.40 11.26 -2.10
C THR A 88 -2.19 12.65 -1.49
N LEU A 89 -3.21 13.49 -1.57
CA LEU A 89 -3.13 14.85 -1.04
C LEU A 89 -3.11 14.85 0.49
N PHE A 90 -3.69 13.82 1.09
CA PHE A 90 -3.75 13.70 2.54
C PHE A 90 -4.75 14.69 3.13
N ASP A 91 -5.46 14.23 4.16
CA ASP A 91 -6.47 15.05 4.83
C ASP A 91 -7.80 15.03 4.07
N MET A 92 -7.84 14.29 2.97
CA MET A 92 -9.06 14.18 2.17
C MET A 92 -10.01 13.15 2.77
N ASN A 93 -9.43 12.13 3.41
CA ASN A 93 -10.23 11.08 4.04
C ASN A 93 -10.28 11.26 5.55
N ASN A 94 -9.64 12.32 6.06
CA ASN A 94 -9.62 12.60 7.49
C ASN A 94 -8.73 11.60 8.22
N MET A 95 -7.45 11.58 7.87
CA MET A 95 -6.49 10.67 8.49
C MET A 95 -6.92 9.21 8.30
N ASP A 96 -7.40 8.89 7.10
CA ASP A 96 -7.83 7.55 6.79
C ASP A 96 -7.37 7.13 5.40
N LEU A 97 -6.15 6.61 5.30
CA LEU A 97 -5.60 6.18 4.03
C LEU A 97 -4.32 5.38 4.24
N LEU A 98 -3.24 6.06 4.60
CA LEU A 98 -1.96 5.41 4.83
C LEU A 98 -2.01 4.53 6.08
N LYS A 99 -2.87 4.89 7.03
CA LYS A 99 -3.02 4.14 8.26
C LYS A 99 -3.39 2.69 7.98
N GLN A 100 -4.14 2.47 6.92
CA GLN A 100 -4.56 1.13 6.54
C GLN A 100 -3.47 0.41 5.76
N ALA A 101 -2.75 1.16 4.92
CA ALA A 101 -1.68 0.59 4.12
C ALA A 101 -0.45 0.28 4.99
N LEU A 102 -0.23 1.11 6.00
CA LEU A 102 0.91 0.92 6.90
C LEU A 102 0.64 -0.20 7.90
N LEU A 103 -0.63 -0.33 8.31
CA LEU A 103 -1.02 -1.36 9.26
C LEU A 103 -1.09 -2.74 8.61
N ILE A 104 -1.36 -2.75 7.30
CA ILE A 104 -1.46 -4.01 6.57
C ILE A 104 -0.08 -4.55 6.21
N LEU A 105 0.84 -3.67 5.84
CA LEU A 105 2.20 -4.09 5.49
C LEU A 105 2.96 -4.55 6.71
N HIS A 106 2.74 -3.86 7.84
CA HIS A 106 3.41 -4.20 9.08
C HIS A 106 2.90 -5.53 9.65
N ASN A 107 1.58 -5.67 9.69
CA ASN A 107 0.97 -6.89 10.22
C ASN A 107 1.39 -8.11 9.39
N ASP A 108 1.23 -8.01 8.08
CA ASP A 108 1.58 -9.12 7.19
C ASP A 108 3.03 -9.54 7.39
N LEU A 109 3.90 -8.56 7.63
CA LEU A 109 5.32 -8.84 7.84
C LEU A 109 5.55 -9.53 9.18
N HIS A 110 4.86 -9.05 10.21
CA HIS A 110 4.99 -9.62 11.55
C HIS A 110 4.11 -10.87 11.71
N GLU A 111 3.26 -11.13 10.72
CA GLU A 111 2.37 -12.29 10.77
C GLU A 111 3.09 -13.55 10.30
N TYR A 112 4.38 -13.44 9.97
CA TYR A 112 5.16 -14.59 9.53
C TYR A 112 6.34 -14.83 10.44
N VAL A 113 6.91 -13.73 10.94
CA VAL A 113 8.06 -13.81 11.84
C VAL A 113 7.62 -13.84 13.30
N GLU A 114 6.65 -14.70 13.60
CA GLU A 114 6.13 -14.83 14.96
C GLU A 114 6.94 -15.84 15.76
N THR A 26 0.58 15.07 3.00
CA THR A 26 -0.40 15.17 1.92
C THR A 26 0.29 15.39 0.58
N SER A 27 -0.50 15.40 -0.49
CA SER A 27 0.03 15.60 -1.84
C SER A 27 0.81 14.38 -2.31
N LYS A 28 1.91 14.10 -1.63
CA LYS A 28 2.74 12.95 -1.98
C LYS A 28 3.14 12.16 -0.75
N GLN A 29 2.89 10.85 -0.78
CA GLN A 29 3.23 9.98 0.35
C GLN A 29 3.79 8.65 -0.15
N GLU A 30 4.77 8.13 0.59
CA GLU A 30 5.39 6.86 0.23
C GLU A 30 5.58 5.96 1.44
N LEU A 31 4.99 4.77 1.39
CA LEU A 31 5.09 3.81 2.48
C LEU A 31 6.19 2.78 2.20
N ILE A 32 7.35 2.99 2.80
CA ILE A 32 8.48 2.09 2.60
C ILE A 32 8.61 1.10 3.75
N LEU A 33 8.74 -0.17 3.40
CA LEU A 33 8.88 -1.23 4.41
C LEU A 33 9.20 -2.56 3.74
N VAL A 34 8.96 -3.65 4.46
CA VAL A 34 9.22 -4.99 3.94
C VAL A 34 10.72 -5.18 3.69
N LEU A 35 11.26 -6.22 4.28
CA LEU A 35 12.68 -6.52 4.14
C LEU A 35 12.90 -7.99 3.81
N LYS A 36 14.15 -8.36 3.56
CA LYS A 36 14.50 -9.74 3.24
C LYS A 36 13.93 -10.15 1.88
N GLY A 37 12.61 -10.24 1.79
CA GLY A 37 11.96 -10.61 0.55
C GLY A 37 11.53 -12.07 0.53
N GLU A 38 12.35 -12.92 -0.08
CA GLU A 38 12.04 -14.34 -0.16
C GLU A 38 10.71 -14.59 -0.84
N LEU A 39 10.35 -15.85 -1.03
CA LEU A 39 9.09 -16.22 -1.67
C LEU A 39 9.00 -15.62 -3.06
N ASP A 40 9.13 -16.47 -4.08
CA ASP A 40 9.07 -16.04 -5.46
C ASP A 40 7.78 -16.54 -6.13
N LEU A 41 7.70 -16.37 -7.45
CA LEU A 41 6.55 -16.79 -8.21
C LEU A 41 5.29 -16.02 -7.80
N HIS A 42 4.73 -16.38 -6.66
CA HIS A 42 3.54 -15.71 -6.15
C HIS A 42 3.81 -14.97 -4.85
N SER A 43 4.05 -13.67 -4.94
CA SER A 43 4.33 -12.86 -3.76
C SER A 43 3.03 -12.36 -3.13
N LYS A 44 2.99 -12.38 -1.81
CA LYS A 44 1.80 -11.92 -1.08
C LYS A 44 1.85 -10.41 -0.84
N ASN A 45 3.06 -9.87 -0.74
CA ASN A 45 3.24 -8.44 -0.50
C ASN A 45 2.56 -7.63 -1.60
N MET A 46 3.00 -7.82 -2.84
CA MET A 46 2.44 -7.09 -3.97
C MET A 46 0.94 -7.32 -4.06
N LYS A 47 0.51 -8.54 -3.76
CA LYS A 47 -0.90 -8.89 -3.80
C LYS A 47 -1.67 -8.20 -2.67
N ASN A 48 -0.96 -7.88 -1.60
CA ASN A 48 -1.58 -7.21 -0.45
C ASN A 48 -1.91 -5.77 -0.77
N VAL A 49 -1.07 -5.13 -1.58
CA VAL A 49 -1.30 -3.74 -1.96
C VAL A 49 -2.34 -3.62 -3.05
N ILE A 50 -2.24 -4.47 -4.07
CA ILE A 50 -3.18 -4.45 -5.18
C ILE A 50 -4.61 -4.65 -4.67
N ASN A 51 -4.75 -5.49 -3.65
CA ASN A 51 -6.06 -5.76 -3.07
C ASN A 51 -6.53 -4.60 -2.21
N ASN A 52 -5.71 -4.21 -1.23
CA ASN A 52 -6.04 -3.11 -0.35
C ASN A 52 -6.21 -1.81 -1.14
N ALA A 53 -5.28 -1.57 -2.05
CA ALA A 53 -5.31 -0.37 -2.88
C ALA A 53 -6.60 -0.33 -3.71
N LYS A 54 -7.13 -1.51 -4.03
CA LYS A 54 -8.35 -1.60 -4.81
C LYS A 54 -9.54 -1.10 -4.00
N LYS A 55 -9.63 -1.55 -2.75
CA LYS A 55 -10.72 -1.15 -1.87
C LYS A 55 -10.68 0.36 -1.63
N ASN A 56 -9.47 0.91 -1.53
CA ASN A 56 -9.29 2.34 -1.29
C ASN A 56 -9.81 3.15 -2.47
N LEU A 57 -9.28 2.87 -3.66
CA LEU A 57 -9.69 3.57 -4.88
C LEU A 57 -11.21 3.56 -5.01
N GLU A 58 -11.78 2.36 -5.05
CA GLU A 58 -13.23 2.21 -5.18
C GLU A 58 -13.95 2.85 -4.01
N LYS A 59 -13.28 2.91 -2.86
CA LYS A 59 -13.87 3.52 -1.67
C LYS A 59 -14.25 4.97 -1.93
N TYR A 60 -13.43 5.65 -2.73
CA TYR A 60 -13.67 7.04 -3.07
C TYR A 60 -14.73 7.15 -4.16
N PHE A 61 -14.70 6.20 -5.10
CA PHE A 61 -15.66 6.18 -6.20
C PHE A 61 -17.02 5.68 -5.73
N LYS A 62 -17.02 4.90 -4.64
CA LYS A 62 -18.26 4.37 -4.09
C LYS A 62 -18.89 5.34 -3.10
N GLU A 63 -18.05 6.08 -2.39
CA GLU A 63 -18.53 7.04 -1.40
C GLU A 63 -18.58 8.46 -1.96
N HIS A 64 -17.46 8.91 -2.53
CA HIS A 64 -17.38 10.27 -3.07
C HIS A 64 -17.39 10.28 -4.60
N PHE A 65 -17.66 9.12 -5.19
CA PHE A 65 -17.70 9.01 -6.64
C PHE A 65 -16.47 9.62 -7.30
N LYS A 66 -16.47 9.66 -8.63
CA LYS A 66 -15.34 10.22 -9.37
C LYS A 66 -14.03 9.52 -9.01
N GLU A 67 -13.00 9.77 -9.80
CA GLU A 67 -11.70 9.16 -9.57
C GLU A 67 -10.80 10.09 -8.77
N PHE A 68 -10.49 9.71 -7.54
CA PHE A 68 -9.64 10.52 -6.67
C PHE A 68 -8.79 9.63 -5.77
N ASP A 69 -7.64 10.15 -5.37
CA ASP A 69 -6.72 9.40 -4.50
C ASP A 69 -6.22 8.14 -5.20
N LYS A 70 -4.96 8.18 -5.63
CA LYS A 70 -4.35 7.04 -6.31
C LYS A 70 -3.18 6.50 -5.49
N ILE A 71 -2.76 5.28 -5.80
CA ILE A 71 -1.64 4.67 -5.08
C ILE A 71 -0.85 3.72 -5.97
N SER A 72 0.31 4.16 -6.42
CA SER A 72 1.17 3.34 -7.24
C SER A 72 2.19 2.63 -6.37
N TYR A 73 2.12 1.31 -6.36
CA TYR A 73 3.03 0.51 -5.54
C TYR A 73 4.02 -0.25 -6.40
N ASP A 74 5.22 -0.45 -5.85
CA ASP A 74 6.28 -1.16 -6.57
C ASP A 74 7.41 -1.56 -5.64
N ILE A 75 8.31 -2.40 -6.13
CA ILE A 75 9.45 -2.85 -5.35
C ILE A 75 10.76 -2.34 -5.94
N SER A 76 11.67 -1.89 -5.09
CA SER A 76 12.96 -1.38 -5.54
C SER A 76 14.10 -1.98 -4.73
N THR A 77 15.30 -1.42 -4.91
CA THR A 77 16.48 -1.89 -4.20
C THR A 77 16.81 -3.33 -4.56
N PRO A 78 18.08 -3.62 -4.92
CA PRO A 78 18.51 -4.96 -5.28
C PRO A 78 18.16 -6.00 -4.23
N ILE A 79 18.02 -5.53 -2.98
CA ILE A 79 17.68 -6.43 -1.87
C ILE A 79 16.22 -6.88 -1.94
N ASN A 80 15.46 -6.29 -2.85
CA ASN A 80 14.04 -6.63 -3.01
C ASN A 80 13.22 -6.12 -1.83
N PHE A 81 12.87 -4.85 -1.87
CA PHE A 81 12.07 -4.25 -0.81
C PHE A 81 10.76 -3.72 -1.35
N LEU A 82 9.79 -3.50 -0.46
CA LEU A 82 8.48 -3.00 -0.86
C LEU A 82 8.45 -1.47 -0.78
N CYS A 83 8.60 -0.83 -1.94
CA CYS A 83 8.57 0.62 -2.01
C CYS A 83 7.23 1.13 -2.50
N ILE A 84 6.35 1.48 -1.57
CA ILE A 84 5.03 1.97 -1.91
C ILE A 84 5.01 3.49 -2.01
N PHE A 85 4.48 3.99 -3.11
CA PHE A 85 4.39 5.43 -3.34
C PHE A 85 2.94 5.82 -3.63
N ILE A 86 2.19 6.11 -2.58
CA ILE A 86 0.79 6.49 -2.72
C ILE A 86 0.63 7.99 -3.00
N PRO A 87 0.36 8.37 -4.27
CA PRO A 87 0.19 9.76 -4.66
C PRO A 87 -1.26 10.21 -4.50
N THR A 88 -1.47 11.19 -3.62
CA THR A 88 -2.81 11.71 -3.38
C THR A 88 -2.76 13.00 -2.59
N LEU A 89 -3.67 13.93 -2.92
CA LEU A 89 -3.74 15.21 -2.24
C LEU A 89 -4.69 15.14 -1.04
N PHE A 90 -4.18 14.71 0.09
CA PHE A 90 -4.98 14.59 1.31
C PHE A 90 -5.63 15.91 1.66
N ASP A 91 -6.89 16.02 1.30
CA ASP A 91 -7.67 17.22 1.56
C ASP A 91 -9.08 17.08 1.02
N MET A 92 -9.22 16.41 -0.13
CA MET A 92 -10.53 16.21 -0.75
C MET A 92 -11.23 15.00 -0.17
N ASN A 93 -10.59 13.84 -0.26
CA ASN A 93 -11.17 12.60 0.26
C ASN A 93 -11.59 12.76 1.72
N ASN A 94 -10.90 13.65 2.44
CA ASN A 94 -11.21 13.90 3.84
C ASN A 94 -11.16 12.61 4.67
N MET A 95 -10.35 11.66 4.20
CA MET A 95 -10.22 10.38 4.89
C MET A 95 -8.78 9.88 4.82
N ASP A 96 -8.42 9.29 3.68
CA ASP A 96 -7.07 8.77 3.48
C ASP A 96 -6.75 7.69 4.51
N LEU A 97 -6.96 6.43 4.14
CA LEU A 97 -6.70 5.31 5.03
C LEU A 97 -5.31 4.73 4.78
N LEU A 98 -4.29 5.39 5.30
CA LEU A 98 -2.92 4.94 5.13
C LEU A 98 -2.51 3.96 6.24
N LYS A 99 -3.18 4.08 7.38
CA LYS A 99 -2.90 3.21 8.52
C LYS A 99 -3.05 1.73 8.14
N GLN A 100 -3.84 1.46 7.10
CA GLN A 100 -4.04 0.09 6.65
C GLN A 100 -2.89 -0.38 5.78
N ALA A 101 -2.37 0.54 4.96
CA ALA A 101 -1.25 0.22 4.08
C ALA A 101 -0.02 -0.19 4.88
N LEU A 102 0.21 0.51 5.99
CA LEU A 102 1.35 0.22 6.85
C LEU A 102 1.10 -1.02 7.70
N LEU A 103 -0.17 -1.26 8.01
CA LEU A 103 -0.55 -2.42 8.81
C LEU A 103 -0.49 -3.70 7.99
N ILE A 104 -0.70 -3.58 6.69
CA ILE A 104 -0.67 -4.73 5.80
C ILE A 104 0.75 -5.11 5.43
N LEU A 105 1.61 -4.12 5.25
CA LEU A 105 3.01 -4.37 4.90
C LEU A 105 3.79 -4.81 6.12
N HIS A 106 3.48 -4.22 7.27
CA HIS A 106 4.16 -4.56 8.52
C HIS A 106 3.76 -5.94 8.99
N ASN A 107 2.46 -6.20 9.03
CA ASN A 107 1.95 -7.50 9.47
C ASN A 107 2.50 -8.63 8.60
N ASP A 108 2.38 -8.45 7.29
CA ASP A 108 2.87 -9.46 6.34
C ASP A 108 4.36 -9.72 6.54
N LEU A 109 5.07 -8.70 7.03
CA LEU A 109 6.50 -8.82 7.26
C LEU A 109 6.79 -9.21 8.71
N HIS A 110 5.81 -9.05 9.59
CA HIS A 110 5.96 -9.38 11.00
C HIS A 110 6.42 -10.83 11.19
N GLU A 111 6.22 -11.66 10.17
CA GLU A 111 6.62 -13.06 10.24
C GLU A 111 8.14 -13.23 10.07
N TYR A 112 8.86 -12.13 9.91
CA TYR A 112 10.31 -12.19 9.74
C TYR A 112 10.99 -11.01 10.43
N VAL A 113 10.50 -9.81 10.18
CA VAL A 113 11.07 -8.61 10.77
C VAL A 113 10.96 -8.65 12.29
N GLU A 114 12.08 -8.96 12.95
CA GLU A 114 12.13 -9.03 14.41
C GLU A 114 13.41 -8.40 14.92
N THR A 26 1.52 17.67 1.74
CA THR A 26 0.48 16.75 1.29
C THR A 26 0.64 16.45 -0.20
N SER A 27 -0.21 15.56 -0.71
CA SER A 27 -0.18 15.17 -2.12
C SER A 27 0.87 14.08 -2.39
N LYS A 28 1.80 13.89 -1.45
CA LYS A 28 2.84 12.89 -1.61
C LYS A 28 3.02 12.06 -0.34
N GLN A 29 2.95 10.74 -0.49
CA GLN A 29 3.12 9.83 0.63
C GLN A 29 3.78 8.54 0.18
N GLU A 30 4.66 8.01 1.03
CA GLU A 30 5.37 6.78 0.71
C GLU A 30 5.39 5.82 1.90
N LEU A 31 5.16 4.54 1.63
CA LEU A 31 5.16 3.52 2.67
C LEU A 31 5.97 2.31 2.23
N ILE A 32 7.08 2.06 2.92
CA ILE A 32 7.95 0.94 2.60
C ILE A 32 7.40 -0.36 3.16
N LEU A 33 7.69 -1.47 2.47
CA LEU A 33 7.24 -2.78 2.89
C LEU A 33 8.38 -3.79 2.85
N VAL A 34 8.27 -4.84 3.66
CA VAL A 34 9.29 -5.87 3.72
C VAL A 34 10.54 -5.36 4.42
N LEU A 35 11.05 -6.15 5.35
CA LEU A 35 12.24 -5.79 6.10
C LEU A 35 13.25 -6.94 6.11
N LYS A 36 12.79 -8.12 6.50
CA LYS A 36 13.65 -9.30 6.55
C LYS A 36 12.83 -10.57 6.73
N GLY A 37 12.56 -11.25 5.62
CA GLY A 37 11.78 -12.47 5.68
C GLY A 37 11.92 -13.30 4.41
N GLU A 38 11.29 -12.86 3.34
CA GLU A 38 11.34 -13.57 2.07
C GLU A 38 12.66 -13.31 1.36
N LEU A 39 13.13 -14.31 0.63
CA LEU A 39 14.39 -14.19 -0.11
C LEU A 39 14.25 -14.75 -1.52
N ASP A 40 13.86 -16.01 -1.61
CA ASP A 40 13.70 -16.67 -2.91
C ASP A 40 12.64 -15.95 -3.75
N LEU A 41 11.38 -16.12 -3.37
CA LEU A 41 10.27 -15.49 -4.08
C LEU A 41 9.24 -14.92 -3.11
N HIS A 42 8.18 -14.33 -3.65
CA HIS A 42 7.12 -13.76 -2.83
C HIS A 42 5.81 -13.73 -3.59
N SER A 43 5.74 -12.92 -4.64
CA SER A 43 4.54 -12.80 -5.45
C SER A 43 3.42 -12.08 -4.69
N LYS A 44 2.98 -12.69 -3.59
CA LYS A 44 1.92 -12.12 -2.77
C LYS A 44 2.18 -10.65 -2.46
N ASN A 45 3.45 -10.27 -2.47
CA ASN A 45 3.81 -8.88 -2.18
C ASN A 45 3.09 -7.91 -3.12
N MET A 46 3.40 -7.98 -4.41
CA MET A 46 2.78 -7.12 -5.40
C MET A 46 1.26 -7.28 -5.38
N LYS A 47 0.80 -8.47 -5.04
CA LYS A 47 -0.62 -8.77 -4.97
C LYS A 47 -1.25 -8.17 -3.72
N ASN A 48 -0.42 -7.95 -2.71
CA ASN A 48 -0.89 -7.40 -1.44
C ASN A 48 -1.16 -5.90 -1.57
N VAL A 49 -0.32 -5.21 -2.36
CA VAL A 49 -0.48 -3.78 -2.55
C VAL A 49 -1.63 -3.49 -3.52
N ILE A 50 -1.69 -4.24 -4.62
CA ILE A 50 -2.73 -4.05 -5.61
C ILE A 50 -4.12 -4.26 -5.01
N ASN A 51 -4.24 -5.30 -4.19
CA ASN A 51 -5.52 -5.61 -3.54
C ASN A 51 -5.91 -4.51 -2.58
N ASN A 52 -5.01 -4.19 -1.64
CA ASN A 52 -5.27 -3.16 -0.66
C ASN A 52 -5.51 -1.81 -1.34
N ALA A 53 -4.65 -1.48 -2.30
CA ALA A 53 -4.77 -0.23 -3.03
C ALA A 53 -6.13 -0.12 -3.70
N LYS A 54 -6.67 -1.27 -4.08
CA LYS A 54 -7.98 -1.31 -4.73
C LYS A 54 -9.10 -1.05 -3.72
N LYS A 55 -8.90 -1.53 -2.50
CA LYS A 55 -9.88 -1.35 -1.44
C LYS A 55 -10.10 0.14 -1.17
N ASN A 56 -9.00 0.86 -0.96
CA ASN A 56 -9.07 2.29 -0.69
C ASN A 56 -9.73 3.03 -1.86
N LEU A 57 -9.17 2.86 -3.05
CA LEU A 57 -9.71 3.50 -4.25
C LEU A 57 -11.21 3.29 -4.35
N GLU A 58 -11.63 2.03 -4.35
CA GLU A 58 -13.04 1.69 -4.43
C GLU A 58 -13.80 2.27 -3.24
N LYS A 59 -13.11 2.44 -2.12
CA LYS A 59 -13.72 2.99 -0.92
C LYS A 59 -14.31 4.37 -1.20
N TYR A 60 -13.63 5.14 -2.05
CA TYR A 60 -14.08 6.48 -2.40
C TYR A 60 -15.13 6.40 -3.51
N PHE A 61 -14.99 5.41 -4.39
CA PHE A 61 -15.92 5.23 -5.49
C PHE A 61 -17.25 4.67 -5.00
N LYS A 62 -17.20 3.93 -3.90
CA LYS A 62 -18.40 3.34 -3.33
C LYS A 62 -19.10 4.30 -2.37
N GLU A 63 -18.32 5.20 -1.78
CA GLU A 63 -18.87 6.17 -0.83
C GLU A 63 -19.13 7.51 -1.50
N HIS A 64 -18.15 8.01 -2.25
CA HIS A 64 -18.28 9.30 -2.93
C HIS A 64 -18.71 9.12 -4.38
N PHE A 65 -19.09 7.89 -4.74
CA PHE A 65 -19.52 7.60 -6.10
C PHE A 65 -18.50 8.09 -7.13
N LYS A 66 -17.24 8.19 -6.71
CA LYS A 66 -16.18 8.65 -7.60
C LYS A 66 -14.83 8.09 -7.16
N GLU A 67 -13.94 7.88 -8.13
CA GLU A 67 -12.61 7.35 -7.84
C GLU A 67 -11.66 8.46 -7.40
N PHE A 68 -11.20 8.39 -6.16
CA PHE A 68 -10.29 9.39 -5.62
C PHE A 68 -9.06 8.73 -5.00
N ASP A 69 -8.05 9.53 -4.70
CA ASP A 69 -6.82 9.03 -4.10
C ASP A 69 -6.10 8.08 -5.04
N LYS A 70 -4.82 8.33 -5.28
CA LYS A 70 -4.02 7.50 -6.18
C LYS A 70 -2.89 6.81 -5.42
N ILE A 71 -2.48 5.65 -5.89
CA ILE A 71 -1.41 4.90 -5.25
C ILE A 71 -0.55 4.18 -6.27
N SER A 72 0.76 4.40 -6.20
CA SER A 72 1.71 3.75 -7.10
C SER A 72 2.61 2.82 -6.32
N TYR A 73 2.53 1.53 -6.61
CA TYR A 73 3.34 0.55 -5.91
C TYR A 73 4.39 -0.05 -6.83
N ASP A 74 5.48 -0.54 -6.25
CA ASP A 74 6.55 -1.13 -7.02
C ASP A 74 7.45 -2.01 -6.14
N ILE A 75 8.07 -3.00 -6.77
CA ILE A 75 8.95 -3.91 -6.05
C ILE A 75 10.41 -3.64 -6.39
N SER A 76 11.30 -4.00 -5.47
CA SER A 76 12.74 -3.80 -5.67
C SER A 76 13.50 -5.12 -5.58
N THR A 77 14.01 -5.58 -6.72
CA THR A 77 14.76 -6.83 -6.76
C THR A 77 16.21 -6.63 -6.32
N PRO A 78 16.91 -5.62 -6.89
CA PRO A 78 18.29 -5.34 -6.54
C PRO A 78 18.55 -5.32 -5.05
N ILE A 79 17.50 -5.01 -4.27
CA ILE A 79 17.63 -4.95 -2.82
C ILE A 79 16.51 -5.72 -2.13
N ASN A 80 15.79 -6.54 -2.89
CA ASN A 80 14.69 -7.35 -2.37
C ASN A 80 13.83 -6.54 -1.40
N PHE A 81 13.73 -5.25 -1.65
CA PHE A 81 12.93 -4.35 -0.81
C PHE A 81 11.67 -3.90 -1.53
N LEU A 82 10.74 -3.32 -0.80
CA LEU A 82 9.49 -2.85 -1.39
C LEU A 82 9.29 -1.36 -1.15
N CYS A 83 8.86 -0.65 -2.19
CA CYS A 83 8.62 0.78 -2.09
C CYS A 83 7.26 1.15 -2.68
N ILE A 84 6.37 1.65 -1.83
CA ILE A 84 5.04 2.03 -2.27
C ILE A 84 4.83 3.54 -2.21
N PHE A 85 5.10 4.20 -3.33
CA PHE A 85 4.92 5.64 -3.41
C PHE A 85 3.48 5.98 -3.74
N ILE A 86 2.66 6.06 -2.70
CA ILE A 86 1.24 6.37 -2.86
C ILE A 86 0.99 7.87 -2.96
N PRO A 87 0.67 8.38 -4.17
CA PRO A 87 0.41 9.81 -4.38
C PRO A 87 -1.03 10.17 -4.04
N THR A 88 -1.20 11.03 -3.04
CA THR A 88 -2.53 11.46 -2.62
C THR A 88 -2.46 12.76 -1.83
N LEU A 89 -3.47 13.61 -2.03
CA LEU A 89 -3.54 14.89 -1.33
C LEU A 89 -4.22 14.75 0.03
N PHE A 90 -4.92 13.63 0.23
CA PHE A 90 -5.62 13.39 1.49
C PHE A 90 -6.70 14.44 1.72
N ASP A 91 -7.93 13.96 1.94
CA ASP A 91 -9.07 14.83 2.18
C ASP A 91 -10.36 14.03 2.23
N MET A 92 -10.44 13.00 1.40
CA MET A 92 -11.62 12.15 1.35
C MET A 92 -11.90 11.51 2.71
N ASN A 93 -10.91 10.77 3.22
CA ASN A 93 -11.05 10.11 4.51
C ASN A 93 -11.36 11.13 5.62
N ASN A 94 -10.94 12.36 5.41
CA ASN A 94 -11.17 13.43 6.37
C ASN A 94 -10.67 13.03 7.76
N MET A 95 -9.65 12.17 7.80
CA MET A 95 -9.07 11.72 9.05
C MET A 95 -7.70 11.09 8.83
N ASP A 96 -7.69 9.86 8.34
CA ASP A 96 -6.44 9.15 8.09
C ASP A 96 -6.33 8.74 6.62
N LEU A 97 -5.27 8.00 6.30
CA LEU A 97 -5.06 7.53 4.93
C LEU A 97 -3.97 6.46 4.88
N LEU A 98 -2.94 6.62 5.70
CA LEU A 98 -1.84 5.66 5.74
C LEU A 98 -2.13 4.52 6.71
N LYS A 99 -3.05 4.76 7.64
CA LYS A 99 -3.41 3.76 8.64
C LYS A 99 -3.82 2.44 7.99
N GLN A 100 -4.31 2.53 6.76
CA GLN A 100 -4.74 1.34 6.02
C GLN A 100 -3.55 0.67 5.36
N ALA A 101 -2.69 1.47 4.74
CA ALA A 101 -1.51 0.95 4.07
C ALA A 101 -0.44 0.53 5.08
N LEU A 102 -0.46 1.15 6.25
CA LEU A 102 0.50 0.84 7.30
C LEU A 102 0.09 -0.42 8.06
N LEU A 103 -1.22 -0.64 8.19
CA LEU A 103 -1.74 -1.80 8.89
C LEU A 103 -1.63 -3.06 8.04
N ILE A 104 -1.67 -2.89 6.72
CA ILE A 104 -1.59 -4.02 5.81
C ILE A 104 -0.13 -4.45 5.56
N LEU A 105 0.77 -3.47 5.47
CA LEU A 105 2.17 -3.78 5.24
C LEU A 105 2.86 -4.25 6.52
N HIS A 106 2.46 -3.66 7.64
CA HIS A 106 3.02 -4.02 8.93
C HIS A 106 2.55 -5.41 9.37
N ASN A 107 1.24 -5.59 9.40
CA ASN A 107 0.65 -6.87 9.79
C ASN A 107 1.12 -7.99 8.88
N ASP A 108 1.39 -7.65 7.62
CA ASP A 108 1.85 -8.63 6.65
C ASP A 108 3.25 -9.13 7.00
N LEU A 109 4.09 -8.22 7.47
CA LEU A 109 5.47 -8.57 7.83
C LEU A 109 5.62 -8.77 9.34
N HIS A 110 4.53 -8.58 10.07
CA HIS A 110 4.56 -8.73 11.53
C HIS A 110 4.61 -10.20 11.93
N GLU A 111 3.49 -10.90 11.76
CA GLU A 111 3.41 -12.31 12.11
C GLU A 111 3.85 -13.20 10.95
N TYR A 112 3.11 -13.14 9.86
CA TYR A 112 3.42 -13.94 8.67
C TYR A 112 2.29 -13.86 7.64
N VAL A 113 1.09 -14.20 8.08
CA VAL A 113 -0.09 -14.16 7.20
C VAL A 113 0.21 -14.75 5.83
N GLU A 114 0.86 -15.90 5.81
CA GLU A 114 1.21 -16.57 4.56
C GLU A 114 0.74 -18.02 4.56
N THR A 26 -1.06 19.04 -1.18
CA THR A 26 -0.88 17.75 -1.84
C THR A 26 0.57 17.30 -1.76
N SER A 27 0.79 16.11 -1.22
CA SER A 27 2.13 15.58 -1.08
C SER A 27 2.21 14.11 -1.48
N LYS A 28 3.35 13.49 -1.24
CA LYS A 28 3.56 12.09 -1.58
C LYS A 28 3.91 11.27 -0.34
N GLN A 29 3.46 10.01 -0.33
CA GLN A 29 3.73 9.12 0.79
C GLN A 29 4.16 7.75 0.28
N GLU A 30 5.09 7.14 0.99
CA GLU A 30 5.61 5.84 0.59
C GLU A 30 5.72 4.89 1.78
N LEU A 31 5.14 3.70 1.63
CA LEU A 31 5.18 2.69 2.68
C LEU A 31 6.29 1.68 2.43
N ILE A 32 7.28 1.67 3.30
CA ILE A 32 8.42 0.77 3.16
C ILE A 32 8.06 -0.66 3.60
N LEU A 33 7.97 -1.57 2.64
CA LEU A 33 7.66 -2.96 2.93
C LEU A 33 8.92 -3.80 2.90
N VAL A 34 9.15 -4.57 3.95
CA VAL A 34 10.33 -5.42 4.03
C VAL A 34 9.94 -6.89 4.05
N LEU A 35 10.14 -7.54 2.93
CA LEU A 35 9.83 -8.95 2.76
C LEU A 35 11.08 -9.80 2.97
N LYS A 36 10.87 -11.07 3.30
CA LYS A 36 11.97 -11.99 3.51
C LYS A 36 12.41 -12.63 2.20
N GLY A 37 13.13 -11.86 1.38
CA GLY A 37 13.60 -12.36 0.10
C GLY A 37 14.75 -13.34 0.26
N GLU A 38 14.72 -14.41 -0.53
CA GLU A 38 15.77 -15.41 -0.49
C GLU A 38 15.57 -16.46 -1.59
N LEU A 39 15.35 -15.98 -2.81
CA LEU A 39 15.15 -16.86 -3.96
C LEU A 39 13.90 -17.71 -3.75
N ASP A 40 12.83 -17.09 -3.26
CA ASP A 40 11.57 -17.80 -3.02
C ASP A 40 10.39 -16.86 -3.19
N LEU A 41 9.45 -17.25 -4.04
CA LEU A 41 8.26 -16.44 -4.28
C LEU A 41 7.06 -16.99 -3.52
N HIS A 42 6.76 -16.39 -2.37
CA HIS A 42 5.64 -16.82 -1.55
C HIS A 42 5.11 -15.66 -0.70
N SER A 43 5.00 -14.50 -1.30
CA SER A 43 4.52 -13.31 -0.60
C SER A 43 3.38 -12.64 -1.37
N LYS A 44 2.24 -12.47 -0.71
CA LYS A 44 1.08 -11.86 -1.32
C LYS A 44 1.12 -10.33 -1.18
N ASN A 45 2.14 -9.82 -0.49
CA ASN A 45 2.29 -8.38 -0.29
C ASN A 45 1.93 -7.59 -1.53
N MET A 46 2.63 -7.88 -2.63
CA MET A 46 2.37 -7.18 -3.89
C MET A 46 0.90 -7.29 -4.29
N LYS A 47 0.39 -8.51 -4.34
CA LYS A 47 -1.00 -8.73 -4.70
C LYS A 47 -1.92 -8.05 -3.70
N ASN A 48 -1.43 -7.86 -2.48
CA ASN A 48 -2.21 -7.20 -1.44
C ASN A 48 -2.38 -5.73 -1.75
N VAL A 49 -1.32 -5.10 -2.23
CA VAL A 49 -1.36 -3.68 -2.58
C VAL A 49 -2.38 -3.44 -3.68
N ILE A 50 -2.34 -4.27 -4.72
CA ILE A 50 -3.27 -4.14 -5.84
C ILE A 50 -4.71 -4.28 -5.36
N ASN A 51 -4.92 -5.17 -4.40
CA ASN A 51 -6.26 -5.41 -3.86
C ASN A 51 -6.66 -4.28 -2.90
N ASN A 52 -5.78 -3.97 -1.96
CA ASN A 52 -6.05 -2.93 -0.97
C ASN A 52 -6.11 -1.56 -1.65
N ALA A 53 -5.04 -1.22 -2.37
CA ALA A 53 -4.98 0.06 -3.07
C ALA A 53 -6.17 0.24 -4.00
N LYS A 54 -6.67 -0.88 -4.52
CA LYS A 54 -7.83 -0.85 -5.42
C LYS A 54 -9.13 -0.77 -4.63
N LYS A 55 -9.29 -1.68 -3.68
CA LYS A 55 -10.49 -1.71 -2.85
C LYS A 55 -10.68 -0.38 -2.12
N ASN A 56 -9.59 0.13 -1.56
CA ASN A 56 -9.62 1.40 -0.84
C ASN A 56 -10.01 2.54 -1.77
N LEU A 57 -9.24 2.70 -2.85
CA LEU A 57 -9.51 3.75 -3.82
C LEU A 57 -10.99 3.76 -4.21
N GLU A 58 -11.44 2.64 -4.76
CA GLU A 58 -12.83 2.51 -5.18
C GLU A 58 -13.78 2.73 -4.00
N LYS A 59 -13.30 2.44 -2.79
CA LYS A 59 -14.11 2.62 -1.59
C LYS A 59 -14.56 4.07 -1.46
N TYR A 60 -13.70 4.99 -1.85
CA TYR A 60 -14.02 6.42 -1.78
C TYR A 60 -14.78 6.86 -3.01
N PHE A 61 -14.45 6.28 -4.16
CA PHE A 61 -15.12 6.62 -5.41
C PHE A 61 -16.55 6.11 -5.42
N LYS A 62 -16.80 5.02 -4.71
CA LYS A 62 -18.14 4.43 -4.65
C LYS A 62 -18.97 5.07 -3.55
N GLU A 63 -18.31 5.47 -2.46
CA GLU A 63 -19.00 6.08 -1.34
C GLU A 63 -19.17 7.59 -1.55
N HIS A 64 -18.09 8.26 -1.94
CA HIS A 64 -18.13 9.69 -2.18
C HIS A 64 -18.30 10.01 -3.66
N PHE A 65 -18.58 8.98 -4.45
CA PHE A 65 -18.77 9.15 -5.89
C PHE A 65 -17.49 9.63 -6.57
N LYS A 66 -17.15 10.89 -6.34
CA LYS A 66 -15.95 11.48 -6.93
C LYS A 66 -15.08 12.13 -5.85
N GLU A 67 -14.04 11.42 -5.44
CA GLU A 67 -13.13 11.93 -4.42
C GLU A 67 -11.74 12.18 -4.99
N PHE A 68 -10.82 12.63 -4.14
CA PHE A 68 -9.45 12.91 -4.56
C PHE A 68 -8.46 12.04 -3.79
N ASP A 69 -7.93 11.02 -4.45
CA ASP A 69 -6.96 10.12 -3.82
C ASP A 69 -6.39 9.13 -4.83
N LYS A 70 -5.09 8.89 -4.73
CA LYS A 70 -4.41 7.98 -5.63
C LYS A 70 -3.44 7.08 -4.87
N ILE A 71 -3.38 5.80 -5.24
CA ILE A 71 -2.49 4.86 -4.59
C ILE A 71 -1.73 4.02 -5.60
N SER A 72 -0.42 3.91 -5.40
CA SER A 72 0.43 3.14 -6.28
C SER A 72 1.45 2.33 -5.49
N TYR A 73 2.21 1.49 -6.18
CA TYR A 73 3.23 0.67 -5.52
C TYR A 73 4.27 0.18 -6.53
N ASP A 74 5.46 -0.13 -6.05
CA ASP A 74 6.53 -0.59 -6.92
C ASP A 74 7.66 -1.25 -6.14
N ILE A 75 8.56 -1.91 -6.86
CA ILE A 75 9.70 -2.59 -6.24
C ILE A 75 10.99 -1.80 -6.47
N SER A 76 11.91 -1.91 -5.51
CA SER A 76 13.18 -1.21 -5.60
C SER A 76 14.27 -1.93 -4.80
N THR A 77 15.45 -1.33 -4.78
CA THR A 77 16.60 -1.90 -4.05
C THR A 77 17.11 -3.15 -4.74
N PRO A 78 18.45 -3.36 -4.76
CA PRO A 78 19.05 -4.53 -5.39
C PRO A 78 18.35 -5.82 -4.98
N ILE A 79 17.81 -5.82 -3.76
CA ILE A 79 17.09 -6.98 -3.25
C ILE A 79 15.59 -6.79 -3.45
N ASN A 80 14.83 -7.86 -3.31
CA ASN A 80 13.38 -7.80 -3.48
C ASN A 80 12.73 -6.90 -2.42
N PHE A 81 12.94 -5.60 -2.55
CA PHE A 81 12.37 -4.63 -1.61
C PHE A 81 11.05 -4.08 -2.13
N LEU A 82 10.02 -4.15 -1.30
CA LEU A 82 8.70 -3.67 -1.70
C LEU A 82 8.47 -2.24 -1.20
N CYS A 83 8.60 -1.28 -2.11
CA CYS A 83 8.41 0.13 -1.77
C CYS A 83 7.12 0.67 -2.38
N ILE A 84 6.19 1.07 -1.51
CA ILE A 84 4.91 1.61 -1.94
C ILE A 84 4.98 3.10 -2.22
N PHE A 85 4.27 3.56 -3.24
CA PHE A 85 4.24 4.96 -3.61
C PHE A 85 2.80 5.44 -3.75
N ILE A 86 2.20 5.85 -2.65
CA ILE A 86 0.83 6.32 -2.65
C ILE A 86 0.75 7.85 -2.76
N PRO A 87 0.38 8.38 -3.96
CA PRO A 87 0.26 9.82 -4.19
C PRO A 87 -1.09 10.36 -3.75
N THR A 88 -1.10 11.31 -2.82
CA THR A 88 -2.35 11.88 -2.33
C THR A 88 -2.12 13.08 -1.42
N LEU A 89 -3.21 13.74 -1.07
CA LEU A 89 -3.17 14.91 -0.20
C LEU A 89 -3.71 14.58 1.18
N PHE A 90 -2.83 14.18 2.09
CA PHE A 90 -3.24 13.83 3.45
C PHE A 90 -3.82 15.05 4.16
N ASP A 91 -5.12 15.27 3.94
CA ASP A 91 -5.82 16.39 4.55
C ASP A 91 -7.29 16.38 4.17
N MET A 92 -7.57 16.09 2.90
CA MET A 92 -8.95 16.05 2.42
C MET A 92 -9.81 15.10 3.25
N ASN A 93 -9.39 13.84 3.31
CA ASN A 93 -10.13 12.84 4.07
C ASN A 93 -10.16 13.21 5.56
N ASN A 94 -9.19 14.01 5.99
CA ASN A 94 -9.12 14.44 7.38
C ASN A 94 -9.19 13.24 8.33
N MET A 95 -8.71 12.09 7.87
CA MET A 95 -8.72 10.88 8.68
C MET A 95 -7.34 10.24 8.72
N ASP A 96 -7.01 9.48 7.67
CA ASP A 96 -5.71 8.81 7.60
C ASP A 96 -5.57 8.05 6.30
N LEU A 97 -6.42 7.05 6.10
CA LEU A 97 -6.41 6.22 4.89
C LEU A 97 -5.22 5.26 4.90
N LEU A 98 -4.01 5.82 4.96
CA LEU A 98 -2.79 5.02 4.97
C LEU A 98 -2.84 3.95 6.06
N LYS A 99 -3.66 4.18 7.08
CA LYS A 99 -3.80 3.23 8.19
C LYS A 99 -3.99 1.81 7.67
N GLN A 100 -4.57 1.68 6.48
CA GLN A 100 -4.80 0.36 5.90
C GLN A 100 -3.50 -0.19 5.31
N ALA A 101 -2.91 0.56 4.40
CA ALA A 101 -1.67 0.18 3.76
C ALA A 101 -0.57 -0.04 4.80
N LEU A 102 -0.52 0.88 5.77
CA LEU A 102 0.47 0.80 6.84
C LEU A 102 0.27 -0.47 7.67
N LEU A 103 -0.97 -0.92 7.76
CA LEU A 103 -1.30 -2.12 8.50
C LEU A 103 -0.78 -3.37 7.79
N ILE A 104 -0.61 -3.25 6.47
CA ILE A 104 -0.13 -4.36 5.67
C ILE A 104 1.39 -4.52 5.82
N LEU A 105 2.11 -3.41 5.76
CA LEU A 105 3.56 -3.43 5.88
C LEU A 105 3.98 -3.88 7.29
N HIS A 106 3.19 -3.51 8.28
CA HIS A 106 3.47 -3.87 9.66
C HIS A 106 3.25 -5.36 9.89
N ASN A 107 2.15 -5.88 9.36
CA ASN A 107 1.83 -7.30 9.51
C ASN A 107 2.85 -8.17 8.79
N ASP A 108 3.44 -7.64 7.73
CA ASP A 108 4.43 -8.38 6.96
C ASP A 108 5.80 -8.34 7.65
N LEU A 109 6.07 -7.27 8.38
CA LEU A 109 7.34 -7.12 9.09
C LEU A 109 7.23 -7.67 10.51
N HIS A 110 6.03 -7.61 11.07
CA HIS A 110 5.80 -8.11 12.43
C HIS A 110 5.77 -9.64 12.47
N GLU A 111 5.81 -10.27 11.29
CA GLU A 111 5.78 -11.72 11.21
C GLU A 111 6.91 -12.33 12.05
N TYR A 112 8.15 -12.05 11.66
CA TYR A 112 9.32 -12.58 12.37
C TYR A 112 10.57 -11.79 12.00
N VAL A 113 11.05 -12.00 10.78
CA VAL A 113 12.26 -11.32 10.30
C VAL A 113 13.36 -11.30 11.36
N GLU A 114 13.55 -12.44 12.03
CA GLU A 114 14.57 -12.54 13.07
C GLU A 114 15.76 -13.37 12.58
N THR A 26 -0.05 19.09 -3.01
CA THR A 26 0.76 17.88 -3.20
C THR A 26 0.84 17.07 -1.91
N SER A 27 0.53 15.78 -2.00
CA SER A 27 0.58 14.90 -0.85
C SER A 27 1.03 13.49 -1.25
N LYS A 28 2.32 13.37 -1.57
CA LYS A 28 2.88 12.09 -1.96
C LYS A 28 3.28 11.28 -0.74
N GLN A 29 2.66 10.12 -0.56
CA GLN A 29 2.96 9.26 0.57
C GLN A 29 3.55 7.93 0.11
N GLU A 30 4.50 7.42 0.89
CA GLU A 30 5.15 6.17 0.55
C GLU A 30 5.27 5.26 1.77
N LEU A 31 4.99 3.98 1.57
CA LEU A 31 5.06 3.00 2.65
C LEU A 31 6.06 1.89 2.34
N ILE A 32 7.13 1.82 3.12
CA ILE A 32 8.16 0.81 2.91
C ILE A 32 7.71 -0.54 3.47
N LEU A 33 7.63 -1.54 2.60
CA LEU A 33 7.23 -2.88 3.00
C LEU A 33 8.43 -3.83 3.02
N VAL A 34 8.16 -5.10 3.29
CA VAL A 34 9.22 -6.11 3.35
C VAL A 34 8.73 -7.44 2.80
N LEU A 35 9.37 -7.89 1.74
CA LEU A 35 9.02 -9.15 1.11
C LEU A 35 9.39 -10.34 2.01
N LYS A 36 8.60 -11.40 1.92
CA LYS A 36 8.83 -12.59 2.71
C LYS A 36 8.56 -13.85 1.89
N GLY A 37 8.81 -15.01 2.50
CA GLY A 37 8.58 -16.27 1.82
C GLY A 37 7.98 -17.33 2.73
N GLU A 38 6.99 -18.04 2.23
CA GLU A 38 6.33 -19.09 2.99
C GLU A 38 5.83 -20.21 2.09
N LEU A 39 6.30 -21.43 2.35
CA LEU A 39 5.91 -22.58 1.55
C LEU A 39 6.49 -22.50 0.14
N ASP A 40 6.01 -21.53 -0.64
CA ASP A 40 6.48 -21.34 -2.01
C ASP A 40 6.40 -19.87 -2.41
N LEU A 41 6.97 -19.55 -3.58
CA LEU A 41 6.94 -18.18 -4.07
C LEU A 41 5.53 -17.75 -4.42
N HIS A 42 4.94 -16.92 -3.56
CA HIS A 42 3.58 -16.44 -3.79
C HIS A 42 3.58 -14.93 -4.07
N SER A 43 4.49 -14.22 -3.42
CA SER A 43 4.59 -12.77 -3.60
C SER A 43 3.29 -12.08 -3.18
N LYS A 44 2.89 -12.31 -1.93
CA LYS A 44 1.66 -11.71 -1.41
C LYS A 44 1.80 -10.20 -1.24
N ASN A 45 3.05 -9.73 -1.16
CA ASN A 45 3.30 -8.30 -1.00
C ASN A 45 2.65 -7.49 -2.12
N MET A 46 3.02 -7.79 -3.36
CA MET A 46 2.46 -7.09 -4.51
C MET A 46 0.95 -7.30 -4.59
N LYS A 47 0.51 -8.47 -4.15
CA LYS A 47 -0.91 -8.79 -4.16
C LYS A 47 -1.64 -8.10 -3.02
N ASN A 48 -0.90 -7.74 -1.98
CA ASN A 48 -1.47 -7.07 -0.82
C ASN A 48 -1.78 -5.62 -1.13
N VAL A 49 -0.94 -4.99 -1.95
CA VAL A 49 -1.14 -3.60 -2.32
C VAL A 49 -2.20 -3.46 -3.40
N ILE A 50 -2.15 -4.35 -4.39
CA ILE A 50 -3.12 -4.31 -5.49
C ILE A 50 -4.54 -4.51 -4.96
N ASN A 51 -4.67 -5.38 -3.95
CA ASN A 51 -5.97 -5.67 -3.36
C ASN A 51 -6.45 -4.48 -2.53
N ASN A 52 -5.59 -4.02 -1.63
CA ASN A 52 -5.91 -2.89 -0.78
C ASN A 52 -6.07 -1.61 -1.60
N ALA A 53 -5.09 -1.34 -2.44
CA ALA A 53 -5.12 -0.14 -3.28
C ALA A 53 -6.37 -0.12 -4.15
N LYS A 54 -6.88 -1.30 -4.47
CA LYS A 54 -8.09 -1.42 -5.29
C LYS A 54 -9.34 -1.13 -4.46
N LYS A 55 -9.52 -1.88 -3.38
CA LYS A 55 -10.67 -1.71 -2.50
C LYS A 55 -10.75 -0.27 -2.00
N ASN A 56 -9.60 0.34 -1.75
CA ASN A 56 -9.54 1.71 -1.28
C ASN A 56 -9.97 2.68 -2.37
N LEU A 57 -9.49 2.44 -3.59
CA LEU A 57 -9.82 3.29 -4.74
C LEU A 57 -11.33 3.46 -4.86
N GLU A 58 -12.02 2.34 -5.07
CA GLU A 58 -13.47 2.37 -5.21
C GLU A 58 -14.12 2.97 -3.96
N LYS A 59 -13.44 2.84 -2.82
CA LYS A 59 -13.95 3.38 -1.56
C LYS A 59 -14.14 4.88 -1.66
N TYR A 60 -13.27 5.54 -2.41
CA TYR A 60 -13.35 6.98 -2.60
C TYR A 60 -14.39 7.32 -3.66
N PHE A 61 -14.51 6.47 -4.67
CA PHE A 61 -15.48 6.67 -5.74
C PHE A 61 -16.90 6.47 -5.24
N LYS A 62 -17.06 5.62 -4.24
CA LYS A 62 -18.38 5.34 -3.67
C LYS A 62 -18.74 6.33 -2.58
N GLU A 63 -17.73 6.80 -1.85
CA GLU A 63 -17.94 7.74 -0.75
C GLU A 63 -17.70 9.19 -1.18
N HIS A 64 -16.54 9.44 -1.79
CA HIS A 64 -16.19 10.79 -2.22
C HIS A 64 -16.32 10.96 -3.73
N PHE A 65 -16.92 9.97 -4.39
CA PHE A 65 -17.12 10.02 -5.83
C PHE A 65 -15.85 10.49 -6.56
N LYS A 66 -16.01 10.88 -7.81
CA LYS A 66 -14.88 11.36 -8.61
C LYS A 66 -14.24 12.59 -8.00
N GLU A 67 -13.05 12.42 -7.42
CA GLU A 67 -12.33 13.52 -6.80
C GLU A 67 -11.00 13.04 -6.23
N PHE A 68 -11.01 11.84 -5.66
CA PHE A 68 -9.80 11.27 -5.08
C PHE A 68 -8.67 11.19 -6.11
N ASP A 69 -7.44 11.14 -5.61
CA ASP A 69 -6.26 11.07 -6.47
C ASP A 69 -6.03 9.63 -6.94
N LYS A 70 -4.78 9.29 -7.26
CA LYS A 70 -4.45 7.95 -7.72
C LYS A 70 -3.38 7.33 -6.84
N ILE A 71 -3.39 6.00 -6.74
CA ILE A 71 -2.40 5.30 -5.92
C ILE A 71 -1.56 4.38 -6.76
N SER A 72 -0.28 4.28 -6.39
CA SER A 72 0.66 3.44 -7.11
C SER A 72 1.57 2.68 -6.15
N TYR A 73 2.31 1.71 -6.68
CA TYR A 73 3.22 0.92 -5.87
C TYR A 73 4.27 0.25 -6.73
N ASP A 74 5.43 -0.04 -6.14
CA ASP A 74 6.51 -0.67 -6.87
C ASP A 74 7.37 -1.54 -5.95
N ILE A 75 8.12 -2.47 -6.54
CA ILE A 75 8.98 -3.36 -5.78
C ILE A 75 10.45 -3.09 -6.08
N SER A 76 11.27 -3.07 -5.04
CA SER A 76 12.70 -2.83 -5.19
C SER A 76 13.49 -4.12 -5.02
N THR A 77 13.60 -4.89 -6.10
CA THR A 77 14.33 -6.16 -6.07
C THR A 77 15.78 -5.95 -5.63
N PRO A 78 16.57 -5.18 -6.41
CA PRO A 78 17.97 -4.92 -6.08
C PRO A 78 18.16 -4.37 -4.68
N ILE A 79 17.11 -3.74 -4.15
CA ILE A 79 17.15 -3.17 -2.80
C ILE A 79 16.67 -4.17 -1.76
N ASN A 80 15.98 -5.22 -2.22
CA ASN A 80 15.46 -6.25 -1.31
C ASN A 80 14.40 -5.68 -0.40
N PHE A 81 13.81 -4.55 -0.80
CA PHE A 81 12.76 -3.90 0.00
C PHE A 81 11.61 -3.46 -0.88
N LEU A 82 10.51 -3.06 -0.26
CA LEU A 82 9.33 -2.60 -0.99
C LEU A 82 9.20 -1.09 -0.93
N CYS A 83 8.86 -0.47 -2.05
CA CYS A 83 8.70 0.98 -2.11
C CYS A 83 7.32 1.36 -2.64
N ILE A 84 6.40 1.60 -1.73
CA ILE A 84 5.04 1.98 -2.10
C ILE A 84 4.97 3.48 -2.38
N PHE A 85 4.34 3.85 -3.49
CA PHE A 85 4.21 5.25 -3.87
C PHE A 85 2.75 5.60 -4.18
N ILE A 86 2.08 6.22 -3.23
CA ILE A 86 0.68 6.60 -3.40
C ILE A 86 0.55 8.11 -3.67
N PRO A 87 0.42 8.50 -4.96
CA PRO A 87 0.29 9.91 -5.34
C PRO A 87 -1.09 10.49 -4.99
N THR A 88 -1.12 11.30 -3.96
CA THR A 88 -2.35 11.93 -3.51
C THR A 88 -2.15 13.42 -3.28
N LEU A 89 -3.20 14.22 -3.51
CA LEU A 89 -3.10 15.66 -3.33
C LEU A 89 -3.83 16.13 -2.06
N PHE A 90 -4.12 15.19 -1.16
CA PHE A 90 -4.80 15.53 0.08
C PHE A 90 -6.17 16.15 -0.20
N ASP A 91 -7.22 15.51 0.30
CA ASP A 91 -8.58 16.00 0.12
C ASP A 91 -9.60 14.94 0.56
N MET A 92 -9.24 13.68 0.37
CA MET A 92 -10.12 12.58 0.75
C MET A 92 -9.54 11.79 1.92
N ASN A 93 -10.39 11.46 2.89
CA ASN A 93 -9.98 10.70 4.07
C ASN A 93 -8.64 11.20 4.61
N ASN A 94 -8.37 12.49 4.42
CA ASN A 94 -7.12 13.08 4.90
C ASN A 94 -6.93 12.83 6.39
N MET A 95 -8.04 12.64 7.10
CA MET A 95 -7.98 12.38 8.53
C MET A 95 -7.20 11.11 8.84
N ASP A 96 -7.66 9.99 8.29
CA ASP A 96 -7.00 8.71 8.52
C ASP A 96 -7.52 7.66 7.54
N LEU A 97 -6.64 6.74 7.15
CA LEU A 97 -7.00 5.66 6.22
C LEU A 97 -5.81 4.76 5.94
N LEU A 98 -4.62 5.35 5.93
CA LEU A 98 -3.39 4.59 5.67
C LEU A 98 -3.25 3.39 6.62
N LYS A 99 -3.98 3.44 7.73
CA LYS A 99 -3.94 2.36 8.73
C LYS A 99 -4.03 0.99 8.06
N GLN A 100 -4.67 0.94 6.90
CA GLN A 100 -4.81 -0.32 6.17
C GLN A 100 -3.51 -0.69 5.48
N ALA A 101 -2.88 0.29 4.85
CA ALA A 101 -1.62 0.09 4.16
C ALA A 101 -0.50 -0.24 5.15
N LEU A 102 -0.59 0.35 6.33
CA LEU A 102 0.39 0.13 7.39
C LEU A 102 0.14 -1.20 8.08
N LEU A 103 -1.11 -1.62 8.12
CA LEU A 103 -1.48 -2.88 8.77
C LEU A 103 -0.98 -4.08 7.96
N ILE A 104 -0.87 -3.90 6.66
CA ILE A 104 -0.42 -4.97 5.79
C ILE A 104 1.11 -5.02 5.72
N LEU A 105 1.74 -3.85 5.56
CA LEU A 105 3.19 -3.78 5.48
C LEU A 105 3.80 -4.17 6.82
N HIS A 106 3.12 -3.83 7.91
CA HIS A 106 3.60 -4.16 9.25
C HIS A 106 3.37 -5.63 9.56
N ASN A 107 2.29 -6.18 8.98
CA ASN A 107 1.96 -7.58 9.19
C ASN A 107 3.07 -8.49 8.64
N ASP A 108 3.63 -8.10 7.51
CA ASP A 108 4.70 -8.86 6.89
C ASP A 108 6.07 -8.44 7.42
N LEU A 109 6.12 -7.29 8.09
CA LEU A 109 7.37 -6.78 8.63
C LEU A 109 7.78 -7.55 9.89
N HIS A 110 6.95 -7.47 10.93
CA HIS A 110 7.24 -8.15 12.18
C HIS A 110 7.26 -9.67 12.00
N GLU A 111 6.71 -10.15 10.88
CA GLU A 111 6.67 -11.58 10.61
C GLU A 111 8.07 -12.19 10.70
N TYR A 112 9.09 -11.39 10.39
CA TYR A 112 10.47 -11.85 10.46
C TYR A 112 11.42 -10.73 10.06
N VAL A 113 11.23 -10.18 8.86
CA VAL A 113 12.06 -9.10 8.34
C VAL A 113 13.54 -9.36 8.62
N GLU A 114 14.00 -10.58 8.29
CA GLU A 114 15.39 -10.95 8.50
C GLU A 114 16.06 -11.30 7.17
N THR A 26 -0.13 19.31 -3.16
CA THR A 26 -0.22 17.84 -3.16
C THR A 26 0.70 17.24 -2.10
N SER A 27 0.15 16.33 -1.30
CA SER A 27 0.92 15.67 -0.25
C SER A 27 1.34 14.27 -0.67
N LYS A 28 2.60 14.13 -1.05
CA LYS A 28 3.14 12.84 -1.48
C LYS A 28 3.51 11.99 -0.28
N GLN A 29 3.12 10.72 -0.33
CA GLN A 29 3.42 9.79 0.76
C GLN A 29 3.93 8.46 0.22
N GLU A 30 4.88 7.86 0.93
CA GLU A 30 5.46 6.60 0.51
C GLU A 30 5.59 5.64 1.68
N LEU A 31 5.24 4.37 1.45
CA LEU A 31 5.32 3.35 2.48
C LEU A 31 6.48 2.39 2.21
N ILE A 32 7.06 1.86 3.27
CA ILE A 32 8.19 0.94 3.15
C ILE A 32 7.78 -0.48 3.54
N LEU A 33 7.99 -1.43 2.62
CA LEU A 33 7.66 -2.82 2.87
C LEU A 33 8.88 -3.71 2.71
N VAL A 34 8.86 -4.86 3.38
CA VAL A 34 9.97 -5.81 3.31
C VAL A 34 9.48 -7.23 3.45
N LEU A 35 9.70 -8.02 2.40
CA LEU A 35 9.27 -9.41 2.37
C LEU A 35 10.49 -10.34 2.41
N LYS A 36 10.25 -11.62 2.10
CA LYS A 36 11.32 -12.61 2.09
C LYS A 36 10.80 -13.95 1.58
N GLY A 37 11.52 -14.53 0.62
CA GLY A 37 11.12 -15.81 0.08
C GLY A 37 10.71 -15.72 -1.39
N GLU A 38 11.29 -14.74 -2.09
CA GLU A 38 10.98 -14.54 -3.50
C GLU A 38 12.01 -15.25 -4.39
N LEU A 39 11.66 -16.46 -4.83
CA LEU A 39 12.56 -17.23 -5.69
C LEU A 39 11.92 -17.48 -7.06
N ASP A 40 10.69 -17.96 -7.06
CA ASP A 40 9.98 -18.23 -8.30
C ASP A 40 8.55 -17.70 -8.25
N LEU A 41 7.84 -18.03 -7.18
CA LEU A 41 6.46 -17.58 -7.01
C LEU A 41 6.23 -17.09 -5.59
N HIS A 42 5.91 -15.79 -5.47
CA HIS A 42 5.67 -15.19 -4.18
C HIS A 42 5.25 -13.72 -4.33
N SER A 43 4.04 -13.50 -4.86
CA SER A 43 3.52 -12.16 -5.06
C SER A 43 2.45 -11.83 -4.04
N LYS A 44 2.57 -12.42 -2.85
CA LYS A 44 1.61 -12.18 -1.78
C LYS A 44 1.59 -10.71 -1.38
N ASN A 45 2.76 -10.09 -1.37
CA ASN A 45 2.88 -8.68 -1.01
C ASN A 45 2.29 -7.79 -2.10
N MET A 46 2.71 -8.01 -3.33
CA MET A 46 2.21 -7.22 -4.46
C MET A 46 0.69 -7.27 -4.54
N LYS A 47 0.15 -8.49 -4.56
CA LYS A 47 -1.30 -8.67 -4.62
C LYS A 47 -1.99 -8.02 -3.43
N ASN A 48 -1.26 -7.86 -2.34
CA ASN A 48 -1.82 -7.26 -1.14
C ASN A 48 -2.07 -5.76 -1.32
N VAL A 49 -1.16 -5.11 -2.04
CA VAL A 49 -1.28 -3.67 -2.29
C VAL A 49 -2.37 -3.38 -3.32
N ILE A 50 -2.35 -4.10 -4.42
CA ILE A 50 -3.33 -3.92 -5.48
C ILE A 50 -4.75 -4.12 -4.95
N ASN A 51 -4.90 -5.04 -4.01
CA ASN A 51 -6.21 -5.31 -3.42
C ASN A 51 -6.61 -4.21 -2.44
N ASN A 52 -5.67 -3.78 -1.62
CA ASN A 52 -5.93 -2.72 -0.65
C ASN A 52 -6.07 -1.37 -1.32
N ALA A 53 -5.08 -1.01 -2.13
CA ALA A 53 -5.10 0.27 -2.85
C ALA A 53 -6.36 0.40 -3.70
N LYS A 54 -6.88 -0.74 -4.15
CA LYS A 54 -8.08 -0.75 -4.98
C LYS A 54 -9.33 -0.55 -4.13
N LYS A 55 -9.42 -1.30 -3.04
CA LYS A 55 -10.57 -1.21 -2.13
C LYS A 55 -10.75 0.22 -1.65
N ASN A 56 -9.65 0.88 -1.32
CA ASN A 56 -9.70 2.26 -0.84
C ASN A 56 -10.18 3.17 -1.96
N LEU A 57 -9.42 3.24 -3.05
CA LEU A 57 -9.77 4.06 -4.21
C LEU A 57 -11.25 3.92 -4.55
N GLU A 58 -11.66 2.68 -4.78
CA GLU A 58 -13.05 2.39 -5.12
C GLU A 58 -14.01 2.95 -4.07
N LYS A 59 -13.61 2.85 -2.81
CA LYS A 59 -14.44 3.36 -1.72
C LYS A 59 -14.72 4.84 -1.89
N TYR A 60 -13.84 5.54 -2.60
CA TYR A 60 -13.99 6.98 -2.82
C TYR A 60 -14.96 7.28 -3.97
N PHE A 61 -14.69 6.73 -5.15
CA PHE A 61 -15.54 6.99 -6.31
C PHE A 61 -16.75 6.06 -6.35
N LYS A 62 -16.60 4.87 -5.79
CA LYS A 62 -17.68 3.89 -5.77
C LYS A 62 -18.60 4.09 -4.57
N GLU A 63 -18.01 4.44 -3.42
CA GLU A 63 -18.79 4.63 -2.20
C GLU A 63 -19.08 6.11 -1.96
N HIS A 64 -18.04 6.95 -2.00
CA HIS A 64 -18.21 8.38 -1.78
C HIS A 64 -18.47 9.12 -3.09
N PHE A 65 -18.71 8.37 -4.16
CA PHE A 65 -18.98 8.95 -5.47
C PHE A 65 -18.04 10.12 -5.78
N LYS A 66 -16.81 10.01 -5.30
CA LYS A 66 -15.82 11.06 -5.53
C LYS A 66 -14.48 10.47 -5.93
N GLU A 67 -13.67 11.26 -6.63
CA GLU A 67 -12.36 10.82 -7.09
C GLU A 67 -11.25 11.50 -6.29
N PHE A 68 -10.82 10.86 -5.21
CA PHE A 68 -9.77 11.40 -4.37
C PHE A 68 -8.98 10.28 -3.69
N ASP A 69 -7.80 10.63 -3.19
CA ASP A 69 -6.94 9.65 -2.51
C ASP A 69 -6.51 8.54 -3.45
N LYS A 70 -5.36 8.71 -4.07
CA LYS A 70 -4.82 7.71 -5.00
C LYS A 70 -3.62 7.00 -4.39
N ILE A 71 -3.35 5.79 -4.86
CA ILE A 71 -2.23 5.01 -4.33
C ILE A 71 -1.39 4.40 -5.45
N SER A 72 -0.10 4.30 -5.19
CA SER A 72 0.84 3.74 -6.15
C SER A 72 1.85 2.85 -5.44
N TYR A 73 2.08 1.65 -5.99
CA TYR A 73 3.03 0.72 -5.39
C TYR A 73 3.95 0.13 -6.45
N ASP A 74 5.10 -0.37 -6.01
CA ASP A 74 6.08 -0.96 -6.90
C ASP A 74 6.98 -1.95 -6.16
N ILE A 75 7.53 -2.92 -6.88
CA ILE A 75 8.40 -3.92 -6.29
C ILE A 75 9.87 -3.62 -6.59
N SER A 76 10.73 -3.89 -5.61
CA SER A 76 12.16 -3.64 -5.78
C SER A 76 12.92 -4.96 -5.87
N THR A 77 13.48 -5.23 -7.05
CA THR A 77 14.23 -6.46 -7.27
C THR A 77 15.50 -6.50 -6.42
N PRO A 78 16.43 -5.54 -6.63
CA PRO A 78 17.67 -5.47 -5.89
C PRO A 78 17.46 -5.52 -4.37
N ILE A 79 17.98 -6.57 -3.74
CA ILE A 79 17.84 -6.74 -2.28
C ILE A 79 16.42 -7.12 -1.90
N ASN A 80 15.58 -7.41 -2.90
CA ASN A 80 14.19 -7.78 -2.65
C ASN A 80 13.49 -6.80 -1.72
N PHE A 81 13.39 -5.54 -2.17
CA PHE A 81 12.77 -4.50 -1.37
C PHE A 81 11.40 -4.14 -1.95
N LEU A 82 10.57 -3.48 -1.14
CA LEU A 82 9.24 -3.07 -1.57
C LEU A 82 9.07 -1.56 -1.43
N CYS A 83 9.03 -0.87 -2.57
CA CYS A 83 8.86 0.58 -2.58
C CYS A 83 7.41 0.96 -2.88
N ILE A 84 6.77 1.60 -1.91
CA ILE A 84 5.39 2.02 -2.06
C ILE A 84 5.27 3.55 -2.04
N PHE A 85 4.56 4.09 -3.02
CA PHE A 85 4.37 5.54 -3.12
C PHE A 85 2.89 5.88 -3.27
N ILE A 86 2.22 6.10 -2.14
CA ILE A 86 0.80 6.43 -2.14
C ILE A 86 0.59 7.95 -2.26
N PRO A 87 0.16 8.43 -3.46
CA PRO A 87 -0.07 9.85 -3.69
C PRO A 87 -1.40 10.32 -3.12
N THR A 88 -1.34 11.15 -2.09
CA THR A 88 -2.54 11.68 -1.45
C THR A 88 -2.51 13.20 -1.38
N LEU A 89 -3.53 13.78 -0.77
CA LEU A 89 -3.62 15.23 -0.64
C LEU A 89 -3.45 15.67 0.82
N PHE A 90 -3.46 14.71 1.73
CA PHE A 90 -3.31 15.01 3.15
C PHE A 90 -4.48 15.83 3.66
N ASP A 91 -4.99 15.46 4.83
CA ASP A 91 -6.12 16.15 5.44
C ASP A 91 -7.41 15.87 4.66
N MET A 92 -7.45 14.74 3.98
CA MET A 92 -8.61 14.36 3.20
C MET A 92 -8.78 12.84 3.19
N ASN A 93 -9.38 12.33 4.26
CA ASN A 93 -9.61 10.89 4.38
C ASN A 93 -8.29 10.12 4.32
N ASN A 94 -7.19 10.79 4.67
CA ASN A 94 -5.87 10.17 4.64
C ASN A 94 -5.78 9.06 5.68
N MET A 95 -6.50 9.23 6.79
CA MET A 95 -6.49 8.25 7.86
C MET A 95 -7.22 6.97 7.44
N ASP A 96 -8.20 7.13 6.55
CA ASP A 96 -8.97 5.99 6.07
C ASP A 96 -8.34 5.40 4.81
N LEU A 97 -7.04 5.11 4.89
CA LEU A 97 -6.31 4.54 3.76
C LEU A 97 -4.93 4.06 4.19
N LEU A 98 -4.10 4.99 4.66
CA LEU A 98 -2.76 4.66 5.11
C LEU A 98 -2.79 3.67 6.26
N LYS A 99 -3.86 3.73 7.05
CA LYS A 99 -4.01 2.83 8.19
C LYS A 99 -3.98 1.37 7.75
N GLN A 100 -4.51 1.11 6.55
CA GLN A 100 -4.54 -0.24 6.01
C GLN A 100 -3.17 -0.63 5.45
N ALA A 101 -2.61 0.25 4.62
CA ALA A 101 -1.31 0.00 4.03
C ALA A 101 -0.24 -0.19 5.11
N LEU A 102 -0.29 0.67 6.12
CA LEU A 102 0.67 0.60 7.22
C LEU A 102 0.47 -0.67 8.04
N LEU A 103 -0.77 -1.14 8.09
CA LEU A 103 -1.08 -2.36 8.85
C LEU A 103 -0.50 -3.59 8.17
N ILE A 104 -0.37 -3.53 6.84
CA ILE A 104 0.17 -4.64 6.07
C ILE A 104 1.69 -4.72 6.21
N LEU A 105 2.37 -3.63 5.91
CA LEU A 105 3.82 -3.57 6.00
C LEU A 105 4.30 -3.91 7.40
N HIS A 106 3.47 -3.60 8.41
CA HIS A 106 3.81 -3.87 9.79
C HIS A 106 3.71 -5.37 10.08
N ASN A 107 2.56 -5.96 9.77
CA ASN A 107 2.35 -7.37 9.99
C ASN A 107 3.28 -8.21 9.13
N ASP A 108 3.40 -7.84 7.87
CA ASP A 108 4.26 -8.55 6.93
C ASP A 108 5.72 -8.52 7.40
N LEU A 109 6.07 -7.50 8.17
CA LEU A 109 7.42 -7.35 8.67
C LEU A 109 7.57 -7.95 10.07
N HIS A 110 6.50 -7.87 10.85
CA HIS A 110 6.51 -8.40 12.21
C HIS A 110 6.26 -9.91 12.23
N GLU A 111 5.71 -10.44 11.14
CA GLU A 111 5.42 -11.87 11.05
C GLU A 111 6.68 -12.71 11.26
N TYR A 112 7.82 -12.23 10.76
CA TYR A 112 9.07 -12.94 10.90
C TYR A 112 10.25 -12.07 10.47
N VAL A 113 10.14 -11.48 9.30
CA VAL A 113 11.20 -10.62 8.78
C VAL A 113 11.29 -9.31 9.56
N GLU A 114 11.66 -9.42 10.83
CA GLU A 114 11.79 -8.25 11.69
C GLU A 114 13.20 -7.67 11.62
N THR A 26 -1.27 19.51 -3.44
CA THR A 26 -1.09 18.07 -3.65
C THR A 26 0.07 17.53 -2.81
N SER A 27 0.25 16.21 -2.86
CA SER A 27 1.31 15.56 -2.11
C SER A 27 1.34 14.06 -2.40
N LYS A 28 2.07 13.31 -1.57
CA LYS A 28 2.17 11.88 -1.74
C LYS A 28 2.99 11.25 -0.62
N GLN A 29 2.52 10.11 -0.12
CA GLN A 29 3.21 9.40 0.96
C GLN A 29 3.70 8.05 0.46
N GLU A 30 4.87 7.65 0.94
CA GLU A 30 5.45 6.38 0.54
C GLU A 30 5.72 5.48 1.74
N LEU A 31 5.06 4.33 1.77
CA LEU A 31 5.22 3.38 2.86
C LEU A 31 6.25 2.32 2.50
N ILE A 32 7.01 1.86 3.49
CA ILE A 32 8.03 0.85 3.27
C ILE A 32 7.68 -0.47 3.96
N LEU A 33 7.82 -1.55 3.21
CA LEU A 33 7.53 -2.88 3.73
C LEU A 33 8.80 -3.72 3.80
N VAL A 34 8.89 -4.60 4.79
CA VAL A 34 10.05 -5.45 4.96
C VAL A 34 9.67 -6.92 4.98
N LEU A 35 10.01 -7.60 3.90
CA LEU A 35 9.70 -9.00 3.75
C LEU A 35 10.81 -9.87 4.34
N LYS A 36 11.14 -9.61 5.61
CA LYS A 36 12.19 -10.37 6.29
C LYS A 36 11.71 -11.76 6.65
N GLY A 37 12.54 -12.76 6.40
CA GLY A 37 12.19 -14.14 6.71
C GLY A 37 11.55 -14.84 5.52
N GLU A 38 12.27 -14.87 4.40
CA GLU A 38 11.76 -15.52 3.19
C GLU A 38 12.90 -16.11 2.37
N LEU A 39 12.87 -17.43 2.16
CA LEU A 39 13.90 -18.09 1.38
C LEU A 39 13.28 -19.12 0.42
N ASP A 40 12.13 -18.77 -0.14
CA ASP A 40 11.45 -19.65 -1.07
C ASP A 40 10.83 -18.85 -2.22
N LEU A 41 10.07 -17.82 -1.87
CA LEU A 41 9.43 -16.97 -2.87
C LEU A 41 8.85 -15.72 -2.22
N HIS A 42 8.45 -14.77 -3.05
CA HIS A 42 7.88 -13.52 -2.56
C HIS A 42 7.12 -12.79 -3.66
N SER A 43 5.90 -13.24 -3.93
CA SER A 43 5.08 -12.63 -4.97
C SER A 43 3.68 -12.32 -4.45
N LYS A 44 3.47 -12.49 -3.15
CA LYS A 44 2.17 -12.23 -2.54
C LYS A 44 2.04 -10.76 -2.14
N ASN A 45 3.16 -10.18 -1.71
CA ASN A 45 3.18 -8.78 -1.30
C ASN A 45 2.73 -7.87 -2.43
N MET A 46 3.25 -8.12 -3.62
CA MET A 46 2.91 -7.32 -4.79
C MET A 46 1.40 -7.36 -5.05
N LYS A 47 0.83 -8.55 -4.97
CA LYS A 47 -0.61 -8.72 -5.19
C LYS A 47 -1.41 -8.06 -4.07
N ASN A 48 -0.77 -7.90 -2.91
CA ASN A 48 -1.43 -7.29 -1.76
C ASN A 48 -1.59 -5.79 -1.97
N VAL A 49 -0.56 -5.16 -2.52
CA VAL A 49 -0.59 -3.72 -2.78
C VAL A 49 -1.60 -3.39 -3.86
N ILE A 50 -1.53 -4.12 -4.97
CA ILE A 50 -2.44 -3.89 -6.09
C ILE A 50 -3.88 -4.12 -5.67
N ASN A 51 -4.10 -5.14 -4.85
CA ASN A 51 -5.44 -5.47 -4.36
C ASN A 51 -5.90 -4.44 -3.33
N ASN A 52 -5.00 -4.09 -2.41
CA ASN A 52 -5.33 -3.12 -1.37
C ASN A 52 -5.54 -1.73 -1.97
N ALA A 53 -4.63 -1.32 -2.84
CA ALA A 53 -4.72 -0.02 -3.50
C ALA A 53 -6.04 0.09 -4.26
N LYS A 54 -6.53 -1.04 -4.76
CA LYS A 54 -7.78 -1.07 -5.51
C LYS A 54 -8.98 -1.00 -4.56
N LYS A 55 -8.97 -1.86 -3.55
CA LYS A 55 -10.05 -1.89 -2.56
C LYS A 55 -10.20 -0.54 -1.88
N ASN A 56 -9.08 0.15 -1.71
CA ASN A 56 -9.08 1.47 -1.07
C ASN A 56 -9.73 2.50 -1.97
N LEU A 57 -9.31 2.54 -3.23
CA LEU A 57 -9.86 3.48 -4.21
C LEU A 57 -11.38 3.44 -4.20
N GLU A 58 -11.93 2.26 -4.47
CA GLU A 58 -13.38 2.08 -4.48
C GLU A 58 -13.98 2.42 -3.13
N LYS A 59 -13.22 2.21 -2.07
CA LYS A 59 -13.67 2.50 -0.71
C LYS A 59 -14.11 3.96 -0.59
N TYR A 60 -13.38 4.84 -1.28
CA TYR A 60 -13.70 6.26 -1.26
C TYR A 60 -14.86 6.57 -2.18
N PHE A 61 -14.93 5.86 -3.29
CA PHE A 61 -16.00 6.06 -4.27
C PHE A 61 -17.31 5.43 -3.81
N LYS A 62 -17.20 4.41 -2.96
CA LYS A 62 -18.39 3.73 -2.44
C LYS A 62 -18.93 4.41 -1.19
N GLU A 63 -18.03 4.98 -0.40
CA GLU A 63 -18.42 5.65 0.84
C GLU A 63 -18.53 7.16 0.66
N HIS A 64 -17.49 7.78 0.10
CA HIS A 64 -17.48 9.23 -0.09
C HIS A 64 -17.60 9.62 -1.56
N PHE A 65 -17.90 8.64 -2.40
CA PHE A 65 -18.05 8.90 -3.84
C PHE A 65 -16.89 9.75 -4.38
N LYS A 66 -15.72 9.61 -3.75
CA LYS A 66 -14.55 10.36 -4.16
C LYS A 66 -13.60 9.49 -4.98
N GLU A 67 -13.08 10.05 -6.07
CA GLU A 67 -12.16 9.32 -6.93
C GLU A 67 -10.75 9.89 -6.85
N PHE A 68 -10.64 11.15 -6.44
CA PHE A 68 -9.35 11.82 -6.31
C PHE A 68 -8.43 11.04 -5.36
N ASP A 69 -7.67 10.11 -5.93
CA ASP A 69 -6.75 9.30 -5.14
C ASP A 69 -5.98 8.33 -6.03
N LYS A 70 -4.71 8.62 -6.26
CA LYS A 70 -3.86 7.77 -7.09
C LYS A 70 -2.91 6.95 -6.23
N ILE A 71 -2.49 5.80 -6.75
CA ILE A 71 -1.56 4.93 -6.03
C ILE A 71 -0.49 4.36 -6.94
N SER A 72 0.71 4.26 -6.40
CA SER A 72 1.84 3.72 -7.15
C SER A 72 2.67 2.78 -6.28
N TYR A 73 2.81 1.53 -6.72
CA TYR A 73 3.58 0.55 -5.96
C TYR A 73 4.64 -0.10 -6.83
N ASP A 74 5.71 -0.57 -6.20
CA ASP A 74 6.80 -1.21 -6.92
C ASP A 74 7.70 -2.00 -5.97
N ILE A 75 8.58 -2.82 -6.54
CA ILE A 75 9.50 -3.63 -5.75
C ILE A 75 10.95 -3.34 -6.11
N SER A 76 11.82 -3.38 -5.10
CA SER A 76 13.25 -3.12 -5.31
C SER A 76 14.08 -3.57 -4.12
N THR A 77 15.35 -3.22 -4.14
CA THR A 77 16.26 -3.58 -3.04
C THR A 77 16.50 -5.10 -3.00
N PRO A 78 17.77 -5.53 -3.16
CA PRO A 78 18.11 -6.97 -3.12
C PRO A 78 17.75 -7.62 -1.79
N ILE A 79 17.51 -6.80 -0.77
CA ILE A 79 17.17 -7.30 0.55
C ILE A 79 15.65 -7.40 0.75
N ASN A 80 14.94 -7.66 -0.34
CA ASN A 80 13.48 -7.78 -0.29
C ASN A 80 12.85 -6.56 0.37
N PHE A 81 12.91 -5.42 -0.29
CA PHE A 81 12.34 -4.19 0.23
C PHE A 81 11.25 -3.65 -0.70
N LEU A 82 10.06 -3.46 -0.17
CA LEU A 82 8.95 -2.96 -0.96
C LEU A 82 8.84 -1.45 -0.88
N CYS A 83 8.90 -0.80 -2.03
CA CYS A 83 8.82 0.66 -2.10
C CYS A 83 7.47 1.09 -2.68
N ILE A 84 6.56 1.50 -1.81
CA ILE A 84 5.24 1.93 -2.24
C ILE A 84 5.12 3.45 -2.22
N PHE A 85 4.78 4.02 -3.37
CA PHE A 85 4.63 5.47 -3.48
C PHE A 85 3.21 5.82 -3.91
N ILE A 86 2.32 5.94 -2.93
CA ILE A 86 0.92 6.27 -3.20
C ILE A 86 0.74 7.79 -3.33
N PRO A 87 0.53 8.30 -4.57
CA PRO A 87 0.35 9.73 -4.83
C PRO A 87 -1.09 10.17 -4.61
N THR A 88 -1.31 11.07 -3.66
CA THR A 88 -2.65 11.56 -3.37
C THR A 88 -2.64 13.00 -2.86
N LEU A 89 -3.83 13.58 -2.74
CA LEU A 89 -3.97 14.95 -2.27
C LEU A 89 -4.77 15.00 -0.96
N PHE A 90 -4.11 14.65 0.14
CA PHE A 90 -4.76 14.65 1.44
C PHE A 90 -5.27 16.03 1.81
N ASP A 91 -6.47 16.34 1.35
CA ASP A 91 -7.09 17.64 1.62
C ASP A 91 -8.49 17.70 1.00
N MET A 92 -8.60 17.23 -0.23
CA MET A 92 -9.88 17.24 -0.93
C MET A 92 -10.75 16.08 -0.49
N ASN A 93 -10.18 14.88 -0.51
CA ASN A 93 -10.92 13.68 -0.10
C ASN A 93 -11.43 13.83 1.33
N ASN A 94 -10.72 14.60 2.14
CA ASN A 94 -11.11 14.83 3.53
C ASN A 94 -11.23 13.51 4.29
N MET A 95 -10.56 12.47 3.79
CA MET A 95 -10.60 11.17 4.42
C MET A 95 -9.38 10.33 4.05
N ASP A 96 -8.28 11.00 3.73
CA ASP A 96 -7.05 10.31 3.36
C ASP A 96 -6.56 9.44 4.50
N LEU A 97 -6.90 8.15 4.44
CA LEU A 97 -6.49 7.20 5.46
C LEU A 97 -5.33 6.33 4.99
N LEU A 98 -4.11 6.85 5.15
CA LEU A 98 -2.91 6.12 4.75
C LEU A 98 -2.60 5.00 5.75
N LYS A 99 -3.18 5.09 6.93
CA LYS A 99 -2.96 4.09 7.98
C LYS A 99 -3.33 2.69 7.49
N GLN A 100 -4.16 2.62 6.45
CA GLN A 100 -4.57 1.34 5.91
C GLN A 100 -3.40 0.66 5.19
N ALA A 101 -2.75 1.42 4.32
CA ALA A 101 -1.61 0.92 3.58
C ALA A 101 -0.51 0.45 4.53
N LEU A 102 -0.24 1.27 5.55
CA LEU A 102 0.79 0.94 6.53
C LEU A 102 0.40 -0.31 7.32
N LEU A 103 -0.90 -0.50 7.50
CA LEU A 103 -1.41 -1.65 8.24
C LEU A 103 -1.21 -2.93 7.43
N ILE A 104 -1.45 -2.84 6.13
CA ILE A 104 -1.30 -4.00 5.25
C ILE A 104 0.14 -4.51 5.26
N LEU A 105 1.10 -3.60 5.09
CA LEU A 105 2.51 -3.98 5.08
C LEU A 105 2.97 -4.36 6.49
N HIS A 106 2.65 -3.52 7.46
CA HIS A 106 3.03 -3.77 8.84
C HIS A 106 2.42 -5.08 9.36
N ASN A 107 1.11 -5.21 9.20
CA ASN A 107 0.41 -6.41 9.67
C ASN A 107 0.97 -7.65 9.01
N ASP A 108 1.32 -7.55 7.74
CA ASP A 108 1.87 -8.69 7.00
C ASP A 108 3.16 -9.18 7.64
N LEU A 109 3.98 -8.25 8.11
CA LEU A 109 5.24 -8.60 8.75
C LEU A 109 5.04 -9.00 10.20
N HIS A 110 4.08 -8.37 10.85
CA HIS A 110 3.79 -8.64 12.25
C HIS A 110 2.90 -9.88 12.41
N GLU A 111 2.26 -10.29 11.32
CA GLU A 111 1.38 -11.46 11.36
C GLU A 111 2.18 -12.75 11.27
N TYR A 112 2.86 -12.96 10.14
CA TYR A 112 3.66 -14.16 9.95
C TYR A 112 4.61 -14.00 8.77
N VAL A 113 4.04 -13.92 7.57
CA VAL A 113 4.83 -13.75 6.34
C VAL A 113 6.06 -14.67 6.34
N GLU A 114 5.85 -15.92 6.73
CA GLU A 114 6.94 -16.90 6.77
C GLU A 114 6.50 -18.22 6.15
N THR A 26 2.26 16.99 2.08
CA THR A 26 1.06 16.34 1.57
C THR A 26 1.12 16.19 0.06
N SER A 27 0.13 15.48 -0.50
CA SER A 27 0.05 15.24 -1.95
C SER A 27 0.85 14.01 -2.36
N LYS A 28 1.90 13.70 -1.60
CA LYS A 28 2.74 12.54 -1.90
C LYS A 28 2.97 11.69 -0.66
N GLN A 29 2.46 10.46 -0.69
CA GLN A 29 2.61 9.54 0.42
C GLN A 29 3.27 8.24 -0.03
N GLU A 30 4.19 7.74 0.78
CA GLU A 30 4.90 6.50 0.45
C GLU A 30 5.02 5.60 1.67
N LEU A 31 4.57 4.35 1.52
CA LEU A 31 4.64 3.38 2.61
C LEU A 31 5.89 2.52 2.49
N ILE A 32 6.60 2.35 3.61
CA ILE A 32 7.83 1.57 3.63
C ILE A 32 7.54 0.09 3.86
N LEU A 33 7.46 -0.68 2.78
CA LEU A 33 7.20 -2.11 2.88
C LEU A 33 8.43 -2.90 2.44
N VAL A 34 8.50 -4.17 2.84
CA VAL A 34 9.63 -5.01 2.49
C VAL A 34 9.18 -6.45 2.27
N LEU A 35 9.42 -6.92 1.05
CA LEU A 35 9.06 -8.28 0.68
C LEU A 35 10.02 -9.28 1.30
N LYS A 36 9.64 -10.55 1.28
CA LYS A 36 10.46 -11.61 1.85
C LYS A 36 11.37 -12.22 0.79
N GLY A 37 12.31 -13.04 1.24
CA GLY A 37 13.24 -13.67 0.33
C GLY A 37 12.65 -14.90 -0.35
N GLU A 38 12.56 -16.00 0.40
CA GLU A 38 12.00 -17.24 -0.13
C GLU A 38 10.48 -17.19 -0.15
N LEU A 39 9.87 -17.41 1.01
CA LEU A 39 8.42 -17.39 1.12
C LEU A 39 7.78 -18.40 0.18
N ASP A 40 6.46 -18.32 0.02
CA ASP A 40 5.73 -19.23 -0.85
C ASP A 40 5.90 -18.83 -2.31
N LEU A 41 5.34 -19.63 -3.22
CA LEU A 41 5.43 -19.37 -4.64
C LEU A 41 4.69 -18.08 -4.99
N HIS A 42 5.24 -17.33 -5.94
CA HIS A 42 4.63 -16.07 -6.37
C HIS A 42 4.62 -15.06 -5.23
N SER A 43 5.12 -13.86 -5.51
CA SER A 43 5.16 -12.80 -4.51
C SER A 43 3.75 -12.40 -4.08
N LYS A 44 3.36 -12.82 -2.89
CA LYS A 44 2.04 -12.51 -2.35
C LYS A 44 1.95 -11.06 -1.92
N ASN A 45 3.10 -10.46 -1.61
CA ASN A 45 3.16 -9.08 -1.18
C ASN A 45 2.53 -8.16 -2.22
N MET A 46 2.99 -8.26 -3.45
CA MET A 46 2.46 -7.43 -4.54
C MET A 46 0.95 -7.57 -4.64
N LYS A 47 0.46 -8.78 -4.38
CA LYS A 47 -0.97 -9.05 -4.42
C LYS A 47 -1.69 -8.41 -3.24
N ASN A 48 -0.94 -8.19 -2.16
CA ASN A 48 -1.50 -7.58 -0.97
C ASN A 48 -1.76 -6.09 -1.19
N VAL A 49 -0.86 -5.45 -1.94
CA VAL A 49 -0.99 -4.03 -2.21
C VAL A 49 -2.11 -3.76 -3.22
N ILE A 50 -2.10 -4.51 -4.32
CA ILE A 50 -3.12 -4.36 -5.35
C ILE A 50 -4.51 -4.60 -4.77
N ASN A 51 -4.58 -5.41 -3.72
CA ASN A 51 -5.86 -5.71 -3.07
C ASN A 51 -6.32 -4.53 -2.21
N ASN A 52 -5.39 -3.98 -1.44
CA ASN A 52 -5.70 -2.85 -0.56
C ASN A 52 -5.81 -1.56 -1.38
N ALA A 53 -4.83 -1.32 -2.24
CA ALA A 53 -4.82 -0.12 -3.07
C ALA A 53 -6.07 -0.06 -3.95
N LYS A 54 -6.61 -1.22 -4.28
CA LYS A 54 -7.81 -1.29 -5.11
C LYS A 54 -9.06 -1.03 -4.27
N LYS A 55 -9.12 -1.66 -3.10
CA LYS A 55 -10.26 -1.48 -2.20
C LYS A 55 -10.40 -0.02 -1.80
N ASN A 56 -9.28 0.64 -1.58
CA ASN A 56 -9.28 2.04 -1.19
C ASN A 56 -9.71 2.92 -2.36
N LEU A 57 -9.11 2.68 -3.53
CA LEU A 57 -9.44 3.43 -4.73
C LEU A 57 -10.95 3.50 -4.94
N GLU A 58 -11.56 2.33 -5.07
CA GLU A 58 -13.01 2.25 -5.27
C GLU A 58 -13.75 2.89 -4.11
N LYS A 59 -13.16 2.84 -2.93
CA LYS A 59 -13.77 3.42 -1.74
C LYS A 59 -14.07 4.90 -1.96
N TYR A 60 -13.19 5.58 -2.68
CA TYR A 60 -13.36 7.00 -2.98
C TYR A 60 -14.32 7.17 -4.15
N PHE A 61 -14.29 6.24 -5.09
CA PHE A 61 -15.14 6.28 -6.26
C PHE A 61 -16.61 6.08 -5.88
N LYS A 62 -16.84 5.33 -4.81
CA LYS A 62 -18.19 5.06 -4.35
C LYS A 62 -18.68 6.13 -3.39
N GLU A 63 -17.74 6.78 -2.69
CA GLU A 63 -18.09 7.82 -1.73
C GLU A 63 -17.98 9.22 -2.36
N HIS A 64 -16.86 9.49 -3.01
CA HIS A 64 -16.65 10.79 -3.64
C HIS A 64 -16.44 10.69 -5.15
N PHE A 65 -16.68 9.51 -5.69
CA PHE A 65 -16.52 9.28 -7.13
C PHE A 65 -15.15 9.76 -7.62
N LYS A 66 -14.91 9.61 -8.91
CA LYS A 66 -13.64 10.03 -9.50
C LYS A 66 -13.42 11.52 -9.31
N GLU A 67 -12.30 11.88 -8.69
CA GLU A 67 -11.96 13.28 -8.44
C GLU A 67 -10.52 13.42 -7.99
N PHE A 68 -10.15 12.69 -6.95
CA PHE A 68 -8.79 12.75 -6.41
C PHE A 68 -8.47 11.51 -5.60
N ASP A 69 -7.27 11.48 -5.02
CA ASP A 69 -6.84 10.34 -4.20
C ASP A 69 -6.59 9.11 -5.05
N LYS A 70 -5.36 8.62 -5.02
CA LYS A 70 -4.98 7.44 -5.79
C LYS A 70 -3.91 6.64 -5.06
N ILE A 71 -3.69 5.40 -5.46
CA ILE A 71 -2.68 4.57 -4.82
C ILE A 71 -1.85 3.80 -5.83
N SER A 72 -0.54 3.77 -5.60
CA SER A 72 0.40 3.08 -6.47
C SER A 72 1.44 2.35 -5.64
N TYR A 73 2.21 1.48 -6.29
CA TYR A 73 3.24 0.72 -5.59
C TYR A 73 4.28 0.18 -6.57
N ASP A 74 5.52 0.07 -6.10
CA ASP A 74 6.61 -0.42 -6.94
C ASP A 74 7.67 -1.15 -6.12
N ILE A 75 8.59 -1.82 -6.82
CA ILE A 75 9.67 -2.56 -6.18
C ILE A 75 11.00 -2.29 -6.88
N SER A 76 12.10 -2.38 -6.13
CA SER A 76 13.42 -2.15 -6.68
C SER A 76 14.51 -2.67 -5.75
N THR A 77 15.76 -2.37 -6.09
CA THR A 77 16.91 -2.79 -5.29
C THR A 77 17.11 -4.31 -5.37
N PRO A 78 18.39 -4.76 -5.44
CA PRO A 78 18.71 -6.18 -5.53
C PRO A 78 18.21 -6.98 -4.31
N ILE A 79 18.28 -6.36 -3.14
CA ILE A 79 17.84 -7.00 -1.91
C ILE A 79 16.33 -7.25 -1.90
N ASN A 80 15.63 -6.69 -2.90
CA ASN A 80 14.19 -6.85 -3.01
C ASN A 80 13.46 -5.96 -2.01
N PHE A 81 13.25 -4.71 -2.40
CA PHE A 81 12.56 -3.75 -1.55
C PHE A 81 11.18 -3.45 -2.11
N LEU A 82 10.20 -3.32 -1.22
CA LEU A 82 8.83 -3.03 -1.63
C LEU A 82 8.52 -1.55 -1.40
N CYS A 83 8.71 -0.75 -2.45
CA CYS A 83 8.44 0.69 -2.39
C CYS A 83 7.00 0.99 -2.73
N ILE A 84 6.23 1.42 -1.74
CA ILE A 84 4.83 1.76 -1.94
C ILE A 84 4.64 3.26 -2.08
N PHE A 85 4.18 3.67 -3.26
CA PHE A 85 3.95 5.09 -3.54
C PHE A 85 2.45 5.36 -3.69
N ILE A 86 1.83 5.80 -2.60
CA ILE A 86 0.41 6.11 -2.61
C ILE A 86 0.15 7.61 -2.66
N PRO A 87 -0.21 8.15 -3.85
CA PRO A 87 -0.46 9.59 -4.02
C PRO A 87 -1.72 10.03 -3.30
N THR A 88 -1.63 11.14 -2.56
CA THR A 88 -2.78 11.66 -1.83
C THR A 88 -2.48 13.04 -1.23
N LEU A 89 -3.43 13.95 -1.39
CA LEU A 89 -3.30 15.30 -0.87
C LEU A 89 -3.94 15.43 0.51
N PHE A 90 -4.85 14.51 0.82
CA PHE A 90 -5.53 14.51 2.10
C PHE A 90 -6.31 15.81 2.29
N ASP A 91 -7.64 15.70 2.24
CA ASP A 91 -8.52 16.85 2.40
C ASP A 91 -9.94 16.49 1.96
N MET A 92 -10.04 15.80 0.82
CA MET A 92 -11.33 15.39 0.28
C MET A 92 -11.58 13.90 0.54
N ASN A 93 -10.53 13.16 0.89
CA ASN A 93 -10.66 11.74 1.16
C ASN A 93 -11.78 11.46 2.16
N ASN A 94 -11.87 12.28 3.19
CA ASN A 94 -12.90 12.13 4.22
C ASN A 94 -12.78 10.79 4.92
N MET A 95 -11.60 10.16 4.82
CA MET A 95 -11.35 8.87 5.46
C MET A 95 -9.96 8.36 5.12
N ASP A 96 -8.97 8.85 5.86
CA ASP A 96 -7.58 8.44 5.64
C ASP A 96 -7.43 6.94 5.84
N LEU A 97 -7.29 6.22 4.73
CA LEU A 97 -7.13 4.76 4.78
C LEU A 97 -5.66 4.37 4.66
N LEU A 98 -4.79 5.21 5.19
CA LEU A 98 -3.35 4.94 5.14
C LEU A 98 -2.93 4.03 6.30
N LYS A 99 -3.64 4.14 7.41
CA LYS A 99 -3.34 3.32 8.59
C LYS A 99 -3.53 1.83 8.28
N GLN A 100 -4.33 1.53 7.27
CA GLN A 100 -4.59 0.15 6.89
C GLN A 100 -3.41 -0.42 6.10
N ALA A 101 -2.75 0.45 5.35
CA ALA A 101 -1.60 0.04 4.54
C ALA A 101 -0.36 -0.11 5.40
N LEU A 102 -0.28 0.68 6.48
CA LEU A 102 0.86 0.63 7.38
C LEU A 102 0.78 -0.57 8.31
N LEU A 103 -0.43 -0.92 8.73
CA LEU A 103 -0.63 -2.07 9.63
C LEU A 103 -0.50 -3.39 8.88
N ILE A 104 -0.86 -3.38 7.60
CA ILE A 104 -0.78 -4.58 6.78
C ILE A 104 0.67 -4.90 6.40
N LEU A 105 1.43 -3.86 6.09
CA LEU A 105 2.84 -4.03 5.72
C LEU A 105 3.68 -4.44 6.92
N HIS A 106 3.30 -3.94 8.09
CA HIS A 106 4.03 -4.26 9.32
C HIS A 106 3.72 -5.68 9.77
N ASN A 107 2.43 -6.04 9.72
CA ASN A 107 1.99 -7.37 10.13
C ASN A 107 2.61 -8.43 9.24
N ASP A 108 2.55 -8.21 7.93
CA ASP A 108 3.10 -9.16 6.97
C ASP A 108 4.60 -9.34 7.18
N LEU A 109 5.26 -8.26 7.58
CA LEU A 109 6.70 -8.31 7.82
C LEU A 109 7.02 -9.15 9.05
N HIS A 110 6.46 -8.75 10.20
CA HIS A 110 6.67 -9.47 11.44
C HIS A 110 6.14 -10.90 11.36
N GLU A 111 5.10 -11.09 10.56
CA GLU A 111 4.48 -12.41 10.39
C GLU A 111 5.50 -13.42 9.87
N TYR A 112 6.57 -12.92 9.24
CA TYR A 112 7.60 -13.79 8.70
C TYR A 112 8.99 -13.24 9.00
N VAL A 113 9.36 -12.16 8.30
CA VAL A 113 10.66 -11.51 8.48
C VAL A 113 11.78 -12.54 8.63
N GLU A 114 11.91 -13.41 7.62
CA GLU A 114 12.95 -14.44 7.63
C GLU A 114 13.97 -14.19 6.53
N THR A 26 -0.16 18.96 -5.68
CA THR A 26 -0.28 17.52 -5.48
C THR A 26 0.43 17.08 -4.21
N SER A 27 -0.01 15.97 -3.65
CA SER A 27 0.57 15.43 -2.43
C SER A 27 1.02 13.99 -2.62
N LYS A 28 2.33 13.77 -2.56
CA LYS A 28 2.90 12.43 -2.73
C LYS A 28 3.19 11.79 -1.38
N GLN A 29 2.88 10.49 -1.28
CA GLN A 29 3.12 9.75 -0.04
C GLN A 29 3.70 8.38 -0.34
N GLU A 30 4.67 7.97 0.47
CA GLU A 30 5.32 6.68 0.31
C GLU A 30 5.49 5.96 1.64
N LEU A 31 5.22 4.66 1.63
CA LEU A 31 5.33 3.85 2.84
C LEU A 31 6.47 2.84 2.71
N ILE A 32 7.10 2.52 3.83
CA ILE A 32 8.22 1.58 3.84
C ILE A 32 7.72 0.14 3.93
N LEU A 33 8.19 -0.70 3.03
CA LEU A 33 7.81 -2.11 3.01
C LEU A 33 9.04 -3.01 2.95
N VAL A 34 8.91 -4.23 3.48
CA VAL A 34 10.00 -5.17 3.49
C VAL A 34 9.51 -6.60 3.39
N LEU A 35 9.91 -7.27 2.32
CA LEU A 35 9.52 -8.65 2.09
C LEU A 35 10.71 -9.58 2.27
N LYS A 36 10.44 -10.89 2.29
CA LYS A 36 11.49 -11.88 2.46
C LYS A 36 10.91 -13.30 2.39
N GLY A 37 11.27 -14.02 1.33
CA GLY A 37 10.79 -15.37 1.15
C GLY A 37 11.65 -16.19 0.23
N GLU A 38 11.21 -17.40 -0.09
CA GLU A 38 11.96 -18.28 -0.98
C GLU A 38 11.02 -19.20 -1.74
N LEU A 39 10.30 -18.63 -2.69
CA LEU A 39 9.35 -19.39 -3.52
C LEU A 39 9.75 -19.37 -4.98
N ASP A 40 8.86 -19.83 -5.84
CA ASP A 40 9.12 -19.85 -7.28
C ASP A 40 8.08 -19.04 -8.04
N LEU A 41 6.83 -19.18 -7.65
CA LEU A 41 5.74 -18.46 -8.29
C LEU A 41 4.81 -17.83 -7.26
N HIS A 42 3.72 -17.25 -7.74
CA HIS A 42 2.74 -16.62 -6.86
C HIS A 42 3.36 -15.44 -6.12
N SER A 43 3.19 -14.24 -6.66
CA SER A 43 3.73 -13.03 -6.05
C SER A 43 2.68 -12.36 -5.17
N LYS A 44 2.75 -12.64 -3.87
CA LYS A 44 1.81 -12.08 -2.91
C LYS A 44 2.07 -10.59 -2.69
N ASN A 45 3.31 -10.18 -2.89
CA ASN A 45 3.70 -8.78 -2.70
C ASN A 45 2.86 -7.86 -3.60
N MET A 46 3.01 -8.02 -4.91
CA MET A 46 2.28 -7.20 -5.86
C MET A 46 0.78 -7.44 -5.73
N LYS A 47 0.41 -8.66 -5.37
CA LYS A 47 -1.00 -9.02 -5.19
C LYS A 47 -1.56 -8.39 -3.93
N ASN A 48 -0.69 -8.13 -2.96
CA ASN A 48 -1.10 -7.54 -1.70
C ASN A 48 -1.42 -6.06 -1.87
N VAL A 49 -0.64 -5.37 -2.70
CA VAL A 49 -0.86 -3.94 -2.94
C VAL A 49 -2.05 -3.72 -3.87
N ILE A 50 -2.12 -4.51 -4.93
CA ILE A 50 -3.22 -4.39 -5.89
C ILE A 50 -4.56 -4.62 -5.21
N ASN A 51 -4.58 -5.50 -4.20
CA ASN A 51 -5.80 -5.81 -3.47
C ASN A 51 -6.17 -4.66 -2.54
N ASN A 52 -5.19 -4.19 -1.76
CA ASN A 52 -5.42 -3.09 -0.83
C ASN A 52 -5.61 -1.77 -1.57
N ALA A 53 -4.69 -1.48 -2.48
CA ALA A 53 -4.74 -0.25 -3.27
C ALA A 53 -6.09 -0.13 -3.98
N LYS A 54 -6.68 -1.27 -4.32
CA LYS A 54 -7.96 -1.28 -5.02
C LYS A 54 -9.11 -1.10 -4.02
N LYS A 55 -9.02 -1.81 -2.90
CA LYS A 55 -10.05 -1.74 -1.86
C LYS A 55 -10.18 -0.31 -1.35
N ASN A 56 -9.04 0.37 -1.21
CA ASN A 56 -9.03 1.75 -0.73
C ASN A 56 -9.61 2.69 -1.78
N LEU A 57 -9.05 2.63 -2.99
CA LEU A 57 -9.52 3.47 -4.09
C LEU A 57 -11.04 3.41 -4.22
N GLU A 58 -11.56 2.18 -4.35
CA GLU A 58 -12.99 1.98 -4.47
C GLU A 58 -13.72 2.50 -3.23
N LYS A 59 -13.04 2.47 -2.10
CA LYS A 59 -13.61 2.94 -0.84
C LYS A 59 -14.05 4.39 -0.96
N TYR A 60 -13.26 5.18 -1.70
CA TYR A 60 -13.56 6.59 -1.90
C TYR A 60 -14.65 6.77 -2.96
N PHE A 61 -14.53 6.01 -4.04
CA PHE A 61 -15.50 6.08 -5.13
C PHE A 61 -16.84 5.47 -4.70
N LYS A 62 -16.80 4.62 -3.68
CA LYS A 62 -18.01 3.98 -3.18
C LYS A 62 -18.69 4.84 -2.13
N GLU A 63 -17.92 5.72 -1.49
CA GLU A 63 -18.44 6.59 -0.44
C GLU A 63 -18.79 7.98 -0.98
N HIS A 64 -17.89 8.56 -1.76
CA HIS A 64 -18.13 9.90 -2.30
C HIS A 64 -18.14 9.92 -3.84
N PHE A 65 -18.10 8.74 -4.44
CA PHE A 65 -18.11 8.62 -5.91
C PHE A 65 -17.36 9.77 -6.58
N LYS A 66 -16.05 9.64 -6.67
CA LYS A 66 -15.22 10.68 -7.30
C LYS A 66 -13.73 10.36 -7.17
N GLU A 67 -13.37 9.57 -6.15
CA GLU A 67 -11.97 9.18 -5.90
C GLU A 67 -11.01 10.33 -6.20
N PHE A 68 -10.71 11.12 -5.17
CA PHE A 68 -9.81 12.26 -5.31
C PHE A 68 -8.38 11.87 -4.92
N ASP A 69 -7.94 10.69 -5.33
CA ASP A 69 -6.60 10.22 -5.01
C ASP A 69 -6.35 8.84 -5.60
N LYS A 70 -5.15 8.64 -6.16
CA LYS A 70 -4.78 7.36 -6.75
C LYS A 70 -3.67 6.71 -5.93
N ILE A 71 -3.54 5.39 -6.06
CA ILE A 71 -2.51 4.66 -5.33
C ILE A 71 -1.61 3.87 -6.26
N SER A 72 -0.33 3.85 -5.93
CA SER A 72 0.67 3.13 -6.72
C SER A 72 1.65 2.41 -5.79
N TYR A 73 2.41 1.49 -6.36
CA TYR A 73 3.38 0.72 -5.57
C TYR A 73 4.62 0.39 -6.39
N ASP A 74 5.71 0.07 -5.69
CA ASP A 74 6.97 -0.28 -6.34
C ASP A 74 7.73 -1.32 -5.53
N ILE A 75 8.10 -2.42 -6.18
CA ILE A 75 8.83 -3.49 -5.53
C ILE A 75 10.31 -3.45 -5.88
N SER A 76 11.16 -3.26 -4.87
CA SER A 76 12.59 -3.21 -5.09
C SER A 76 13.31 -4.12 -4.09
N THR A 77 12.73 -5.30 -3.87
CA THR A 77 13.31 -6.27 -2.95
C THR A 77 14.66 -6.78 -3.46
N PRO A 78 14.70 -7.32 -4.68
CA PRO A 78 15.95 -7.83 -5.26
C PRO A 78 16.96 -6.71 -5.52
N ILE A 79 16.44 -5.50 -5.71
CA ILE A 79 17.28 -4.35 -5.96
C ILE A 79 17.73 -3.71 -4.65
N ASN A 80 16.87 -3.75 -3.65
CA ASN A 80 17.18 -3.18 -2.33
C ASN A 80 16.06 -3.43 -1.33
N PHE A 81 15.03 -2.58 -1.37
CA PHE A 81 13.90 -2.72 -0.46
C PHE A 81 12.57 -2.52 -1.16
N LEU A 82 11.48 -2.82 -0.43
CA LEU A 82 10.14 -2.67 -0.97
C LEU A 82 9.54 -1.34 -0.52
N CYS A 83 9.30 -0.44 -1.47
CA CYS A 83 8.74 0.87 -1.15
C CYS A 83 7.47 1.14 -1.96
N ILE A 84 6.43 1.62 -1.29
CA ILE A 84 5.18 1.93 -1.96
C ILE A 84 5.05 3.43 -2.21
N PHE A 85 4.42 3.78 -3.32
CA PHE A 85 4.23 5.18 -3.68
C PHE A 85 2.76 5.45 -4.01
N ILE A 86 2.06 6.10 -3.09
CA ILE A 86 0.66 6.41 -3.28
C ILE A 86 0.48 7.88 -3.67
N PRO A 87 0.21 8.17 -4.95
CA PRO A 87 0.03 9.53 -5.45
C PRO A 87 -1.37 10.08 -5.18
N THR A 88 -1.46 11.04 -4.28
CA THR A 88 -2.73 11.66 -3.94
C THR A 88 -2.69 13.17 -4.18
N LEU A 89 -3.35 13.62 -5.24
CA LEU A 89 -3.37 15.04 -5.58
C LEU A 89 -3.77 15.90 -4.37
N PHE A 90 -4.59 15.35 -3.51
CA PHE A 90 -5.05 16.06 -2.31
C PHE A 90 -5.86 17.29 -2.70
N ASP A 91 -6.99 17.46 -2.03
CA ASP A 91 -7.88 18.59 -2.28
C ASP A 91 -9.08 18.56 -1.35
N MET A 92 -9.87 17.50 -1.46
CA MET A 92 -11.06 17.34 -0.63
C MET A 92 -11.00 16.02 0.14
N ASN A 93 -9.79 15.59 0.46
CA ASN A 93 -9.59 14.34 1.19
C ASN A 93 -9.39 14.60 2.68
N ASN A 94 -8.74 15.72 3.00
CA ASN A 94 -8.47 16.07 4.39
C ASN A 94 -7.62 15.01 5.08
N MET A 95 -6.38 14.87 4.62
CA MET A 95 -5.46 13.88 5.19
C MET A 95 -5.96 12.47 4.91
N ASP A 96 -5.44 11.85 3.84
CA ASP A 96 -5.82 10.50 3.47
C ASP A 96 -5.69 9.54 4.65
N LEU A 97 -6.02 8.27 4.42
CA LEU A 97 -5.93 7.25 5.46
C LEU A 97 -4.84 6.24 5.15
N LEU A 98 -3.59 6.65 5.39
CA LEU A 98 -2.44 5.77 5.15
C LEU A 98 -2.33 4.69 6.22
N LYS A 99 -3.12 4.83 7.29
CA LYS A 99 -3.10 3.87 8.38
C LYS A 99 -3.38 2.45 7.88
N GLN A 100 -4.03 2.34 6.72
CA GLN A 100 -4.36 1.05 6.16
C GLN A 100 -3.13 0.43 5.50
N ALA A 101 -2.48 1.18 4.63
CA ALA A 101 -1.29 0.72 3.93
C ALA A 101 -0.22 0.23 4.91
N LEU A 102 -0.05 0.96 6.01
CA LEU A 102 0.95 0.60 7.01
C LEU A 102 0.49 -0.57 7.86
N LEU A 103 -0.78 -0.61 8.22
CA LEU A 103 -1.31 -1.70 9.05
C LEU A 103 -1.36 -3.01 8.26
N ILE A 104 -1.39 -2.91 6.94
CA ILE A 104 -1.43 -4.10 6.09
C ILE A 104 -0.04 -4.69 5.90
N LEU A 105 0.94 -3.82 5.66
CA LEU A 105 2.32 -4.26 5.46
C LEU A 105 2.92 -4.77 6.76
N HIS A 106 2.45 -4.23 7.89
CA HIS A 106 2.95 -4.62 9.20
C HIS A 106 2.37 -5.97 9.60
N ASN A 107 1.05 -6.09 9.54
CA ASN A 107 0.37 -7.33 9.91
C ASN A 107 0.87 -8.49 9.05
N ASP A 108 1.14 -8.21 7.78
CA ASP A 108 1.64 -9.23 6.86
C ASP A 108 3.05 -9.64 7.21
N LEU A 109 3.83 -8.70 7.72
CA LEU A 109 5.22 -8.96 8.11
C LEU A 109 5.27 -9.68 9.45
N HIS A 110 4.34 -9.35 10.33
CA HIS A 110 4.29 -9.95 11.66
C HIS A 110 3.92 -11.43 11.57
N GLU A 111 3.11 -11.76 10.56
CA GLU A 111 2.68 -13.14 10.36
C GLU A 111 3.83 -14.01 9.84
N TYR A 112 4.30 -13.69 8.64
CA TYR A 112 5.39 -14.43 8.03
C TYR A 112 5.75 -13.83 6.67
N VAL A 113 4.75 -13.70 5.80
CA VAL A 113 4.95 -13.14 4.47
C VAL A 113 6.22 -13.70 3.81
N GLU A 114 6.34 -15.01 3.79
CA GLU A 114 7.51 -15.67 3.20
C GLU A 114 7.17 -16.21 1.82
N THR A 26 1.37 17.22 -4.64
CA THR A 26 0.76 17.87 -3.48
C THR A 26 1.16 17.17 -2.19
N SER A 27 0.73 15.92 -2.06
CA SER A 27 1.05 15.13 -0.87
C SER A 27 1.48 13.71 -1.26
N LYS A 28 2.73 13.58 -1.64
CA LYS A 28 3.27 12.28 -2.04
C LYS A 28 3.73 11.48 -0.82
N GLN A 29 3.09 10.33 -0.60
CA GLN A 29 3.44 9.48 0.53
C GLN A 29 3.92 8.11 0.04
N GLU A 30 4.90 7.56 0.74
CA GLU A 30 5.46 6.26 0.38
C GLU A 30 5.58 5.35 1.59
N LEU A 31 5.09 4.12 1.44
CA LEU A 31 5.14 3.14 2.52
C LEU A 31 6.26 2.13 2.28
N ILE A 32 6.96 1.75 3.35
CA ILE A 32 8.04 0.79 3.24
C ILE A 32 7.59 -0.62 3.58
N LEU A 33 7.81 -1.54 2.66
CA LEU A 33 7.43 -2.93 2.85
C LEU A 33 8.64 -3.84 2.83
N VAL A 34 8.50 -5.04 3.37
CA VAL A 34 9.59 -6.01 3.42
C VAL A 34 9.07 -7.44 3.45
N LEU A 35 9.44 -8.21 2.44
CA LEU A 35 9.01 -9.59 2.34
C LEU A 35 10.20 -10.54 2.43
N LYS A 36 10.54 -10.93 3.65
CA LYS A 36 11.67 -11.83 3.88
C LYS A 36 11.34 -12.86 4.93
N GLY A 37 12.12 -13.94 4.99
CA GLY A 37 11.88 -14.98 5.95
C GLY A 37 11.24 -16.21 5.34
N GLU A 38 10.24 -15.98 4.48
CA GLU A 38 9.54 -17.07 3.82
C GLU A 38 10.11 -17.34 2.45
N LEU A 39 10.56 -18.58 2.22
CA LEU A 39 11.14 -18.96 0.93
C LEU A 39 10.10 -18.85 -0.18
N ASP A 40 10.28 -17.86 -1.05
CA ASP A 40 9.37 -17.66 -2.17
C ASP A 40 10.05 -16.90 -3.30
N LEU A 41 9.34 -16.74 -4.42
CA LEU A 41 9.89 -16.04 -5.58
C LEU A 41 8.88 -14.99 -6.09
N HIS A 42 7.72 -15.46 -6.50
CA HIS A 42 6.68 -14.58 -7.02
C HIS A 42 6.27 -13.55 -5.97
N SER A 43 6.12 -14.00 -4.72
CA SER A 43 5.74 -13.13 -3.64
C SER A 43 4.37 -12.50 -3.88
N LYS A 44 3.42 -12.83 -3.01
CA LYS A 44 2.06 -12.30 -3.12
C LYS A 44 1.97 -10.88 -2.60
N ASN A 45 3.08 -10.36 -2.06
CA ASN A 45 3.10 -9.00 -1.53
C ASN A 45 2.62 -8.00 -2.58
N MET A 46 3.11 -8.13 -3.79
CA MET A 46 2.73 -7.23 -4.88
C MET A 46 1.22 -7.26 -5.09
N LYS A 47 0.65 -8.46 -5.12
CA LYS A 47 -0.78 -8.63 -5.32
C LYS A 47 -1.55 -8.12 -4.11
N ASN A 48 -0.89 -8.08 -2.96
CA ASN A 48 -1.52 -7.61 -1.74
C ASN A 48 -1.74 -6.10 -1.78
N VAL A 49 -0.74 -5.37 -2.27
CA VAL A 49 -0.83 -3.92 -2.38
C VAL A 49 -1.87 -3.51 -3.41
N ILE A 50 -1.77 -4.09 -4.61
CA ILE A 50 -2.70 -3.79 -5.68
C ILE A 50 -4.14 -4.11 -5.26
N ASN A 51 -4.29 -5.10 -4.39
CA ASN A 51 -5.60 -5.50 -3.89
C ASN A 51 -6.12 -4.49 -2.87
N ASN A 52 -5.26 -4.12 -1.92
CA ASN A 52 -5.63 -3.16 -0.89
C ASN A 52 -5.79 -1.76 -1.49
N ALA A 53 -4.82 -1.37 -2.31
CA ALA A 53 -4.85 -0.07 -2.96
C ALA A 53 -6.10 0.08 -3.80
N LYS A 54 -6.59 -1.03 -4.34
CA LYS A 54 -7.80 -1.02 -5.16
C LYS A 54 -9.05 -0.93 -4.29
N LYS A 55 -9.09 -1.77 -3.26
CA LYS A 55 -10.23 -1.78 -2.35
C LYS A 55 -10.41 -0.41 -1.70
N ASN A 56 -9.30 0.24 -1.40
CA ASN A 56 -9.33 1.56 -0.79
C ASN A 56 -9.89 2.59 -1.76
N LEU A 57 -9.26 2.72 -2.92
CA LEU A 57 -9.69 3.66 -3.95
C LEU A 57 -11.21 3.62 -4.12
N GLU A 58 -11.73 2.44 -4.38
CA GLU A 58 -13.17 2.26 -4.56
C GLU A 58 -13.95 2.77 -3.36
N LYS A 59 -13.39 2.58 -2.17
CA LYS A 59 -14.04 3.04 -0.96
C LYS A 59 -14.24 4.55 -0.97
N TYR A 60 -13.39 5.26 -1.71
CA TYR A 60 -13.47 6.71 -1.79
C TYR A 60 -14.52 7.18 -2.81
N PHE A 61 -14.45 6.65 -4.03
CA PHE A 61 -15.40 7.06 -5.06
C PHE A 61 -16.67 6.23 -5.03
N LYS A 62 -16.56 4.99 -4.60
CA LYS A 62 -17.71 4.09 -4.55
C LYS A 62 -18.46 4.22 -3.21
N GLU A 63 -17.72 4.42 -2.13
CA GLU A 63 -18.33 4.55 -0.81
C GLU A 63 -18.52 6.02 -0.42
N HIS A 64 -17.66 6.88 -0.93
CA HIS A 64 -17.73 8.31 -0.61
C HIS A 64 -18.13 9.13 -1.84
N PHE A 65 -18.53 8.45 -2.91
CA PHE A 65 -18.94 9.12 -4.15
C PHE A 65 -17.97 10.23 -4.54
N LYS A 66 -17.06 9.91 -5.45
CA LYS A 66 -16.07 10.89 -5.92
C LYS A 66 -15.15 11.33 -4.78
N GLU A 67 -13.86 11.42 -5.06
CA GLU A 67 -12.88 11.83 -4.07
C GLU A 67 -11.56 12.25 -4.72
N PHE A 68 -10.66 12.79 -3.92
CA PHE A 68 -9.36 13.24 -4.42
C PHE A 68 -8.23 12.46 -3.76
N ASP A 69 -7.82 11.36 -4.39
CA ASP A 69 -6.74 10.54 -3.86
C ASP A 69 -6.45 9.36 -4.78
N LYS A 70 -5.18 8.94 -4.81
CA LYS A 70 -4.76 7.82 -5.66
C LYS A 70 -3.70 6.99 -4.94
N ILE A 71 -3.53 5.74 -5.38
CA ILE A 71 -2.55 4.86 -4.78
C ILE A 71 -1.74 4.10 -5.82
N SER A 72 -0.44 4.04 -5.61
CA SER A 72 0.46 3.35 -6.51
C SER A 72 1.50 2.56 -5.71
N TYR A 73 2.24 1.70 -6.37
CA TYR A 73 3.26 0.89 -5.70
C TYR A 73 4.29 0.35 -6.68
N ASP A 74 5.45 -0.01 -6.14
CA ASP A 74 6.54 -0.56 -6.96
C ASP A 74 7.40 -1.50 -6.13
N ILE A 75 8.05 -2.44 -6.83
CA ILE A 75 8.92 -3.41 -6.16
C ILE A 75 10.39 -3.06 -6.35
N SER A 76 11.14 -3.05 -5.26
CA SER A 76 12.56 -2.72 -5.31
C SER A 76 13.39 -4.00 -5.40
N THR A 77 13.94 -4.24 -6.59
CA THR A 77 14.78 -5.42 -6.82
C THR A 77 13.95 -6.69 -6.68
N PRO A 78 14.21 -7.70 -7.55
CA PRO A 78 13.48 -8.97 -7.52
C PRO A 78 13.48 -9.62 -6.13
N ILE A 79 14.48 -9.28 -5.32
CA ILE A 79 14.59 -9.83 -4.00
C ILE A 79 15.47 -8.95 -3.11
N ASN A 80 14.88 -7.90 -2.56
CA ASN A 80 15.59 -6.97 -1.70
C ASN A 80 14.63 -6.21 -0.78
N PHE A 81 14.04 -5.15 -1.29
CA PHE A 81 13.10 -4.35 -0.51
C PHE A 81 11.87 -3.97 -1.32
N LEU A 82 10.86 -3.43 -0.65
CA LEU A 82 9.63 -3.02 -1.32
C LEU A 82 9.39 -1.53 -1.13
N CYS A 83 9.05 -0.84 -2.21
CA CYS A 83 8.81 0.60 -2.16
C CYS A 83 7.40 0.94 -2.63
N ILE A 84 6.57 1.41 -1.71
CA ILE A 84 5.20 1.78 -2.03
C ILE A 84 5.10 3.31 -2.23
N PHE A 85 4.40 3.72 -3.29
CA PHE A 85 4.24 5.13 -3.58
C PHE A 85 2.76 5.49 -3.76
N ILE A 86 2.12 5.87 -2.66
CA ILE A 86 0.70 6.25 -2.68
C ILE A 86 0.55 7.75 -2.91
N PRO A 87 0.13 8.17 -4.12
CA PRO A 87 -0.06 9.58 -4.44
C PRO A 87 -1.40 10.12 -3.97
N THR A 88 -1.36 11.01 -2.98
CA THR A 88 -2.59 11.60 -2.44
C THR A 88 -2.48 13.12 -2.38
N LEU A 89 -3.61 13.79 -2.57
CA LEU A 89 -3.64 15.26 -2.54
C LEU A 89 -4.43 15.74 -1.33
N PHE A 90 -3.76 15.86 -0.20
CA PHE A 90 -4.38 16.32 1.03
C PHE A 90 -4.98 17.71 0.86
N ASP A 91 -6.21 17.75 0.36
CA ASP A 91 -6.91 19.00 0.13
C ASP A 91 -8.41 18.84 0.37
N MET A 92 -8.79 17.85 1.16
CA MET A 92 -10.19 17.59 1.46
C MET A 92 -10.34 16.86 2.80
N ASN A 93 -9.88 15.61 2.84
CA ASN A 93 -9.96 14.80 4.05
C ASN A 93 -8.99 15.32 5.11
N ASN A 94 -8.06 16.18 4.69
CA ASN A 94 -7.07 16.75 5.61
C ASN A 94 -6.26 15.65 6.30
N MET A 95 -6.27 14.45 5.72
CA MET A 95 -5.54 13.31 6.27
C MET A 95 -6.00 12.01 5.62
N ASP A 96 -5.35 11.64 4.53
CA ASP A 96 -5.68 10.41 3.80
C ASP A 96 -5.65 9.21 4.73
N LEU A 97 -6.55 8.25 4.49
CA LEU A 97 -6.62 7.04 5.31
C LEU A 97 -5.46 6.10 5.01
N LEU A 98 -4.26 6.53 5.36
CA LEU A 98 -3.06 5.73 5.12
C LEU A 98 -2.88 4.67 6.21
N LYS A 99 -3.64 4.79 7.30
CA LYS A 99 -3.55 3.85 8.41
C LYS A 99 -3.80 2.42 7.93
N GLN A 100 -4.48 2.27 6.79
CA GLN A 100 -4.76 0.96 6.24
C GLN A 100 -3.51 0.37 5.60
N ALA A 101 -2.97 1.09 4.62
CA ALA A 101 -1.76 0.65 3.93
C ALA A 101 -0.64 0.36 4.92
N LEU A 102 -0.51 1.24 5.92
CA LEU A 102 0.51 1.08 6.94
C LEU A 102 0.29 -0.19 7.74
N LEU A 103 -0.98 -0.58 7.89
CA LEU A 103 -1.34 -1.77 8.62
C LEU A 103 -1.02 -3.04 7.82
N ILE A 104 -1.30 -2.99 6.53
CA ILE A 104 -1.04 -4.13 5.65
C ILE A 104 0.43 -4.53 5.68
N LEU A 105 1.30 -3.55 5.44
CA LEU A 105 2.75 -3.82 5.44
C LEU A 105 3.21 -4.29 6.82
N HIS A 106 2.72 -3.64 7.87
CA HIS A 106 3.09 -4.00 9.23
C HIS A 106 2.64 -5.41 9.57
N ASN A 107 1.40 -5.73 9.21
CA ASN A 107 0.85 -7.05 9.47
C ASN A 107 1.68 -8.13 8.81
N ASP A 108 2.32 -7.78 7.70
CA ASP A 108 3.16 -8.73 6.96
C ASP A 108 4.45 -8.99 7.70
N LEU A 109 4.98 -7.96 8.35
CA LEU A 109 6.23 -8.08 9.11
C LEU A 109 5.96 -8.49 10.55
N HIS A 110 4.78 -8.13 11.06
CA HIS A 110 4.40 -8.45 12.43
C HIS A 110 4.01 -9.93 12.57
N GLU A 111 3.92 -10.64 11.44
CA GLU A 111 3.55 -12.05 11.46
C GLU A 111 4.39 -12.83 12.46
N TYR A 112 5.70 -12.90 12.22
CA TYR A 112 6.60 -13.61 13.10
C TYR A 112 8.04 -13.55 12.58
N VAL A 113 8.28 -14.22 11.46
CA VAL A 113 9.61 -14.25 10.84
C VAL A 113 10.70 -14.47 11.88
N GLU A 114 10.44 -15.32 12.86
CA GLU A 114 11.40 -15.61 13.91
C GLU A 114 11.97 -17.02 13.75
N THR A 26 0.32 19.27 -5.50
CA THR A 26 -0.08 17.89 -5.20
C THR A 26 0.81 17.32 -4.09
N SER A 27 0.27 16.33 -3.37
CA SER A 27 1.01 15.69 -2.29
C SER A 27 1.13 14.19 -2.54
N LYS A 28 1.68 13.49 -1.56
CA LYS A 28 1.86 12.04 -1.68
C LYS A 28 2.46 11.45 -0.40
N GLN A 29 2.42 10.13 -0.30
CA GLN A 29 2.94 9.42 0.86
C GLN A 29 3.67 8.16 0.41
N GLU A 30 4.76 7.83 1.10
CA GLU A 30 5.54 6.66 0.77
C GLU A 30 5.76 5.75 1.98
N LEU A 31 5.38 4.50 1.84
CA LEU A 31 5.54 3.52 2.92
C LEU A 31 6.55 2.45 2.54
N ILE A 32 7.26 1.93 3.54
CA ILE A 32 8.26 0.90 3.30
C ILE A 32 7.84 -0.42 3.93
N LEU A 33 8.13 -1.52 3.25
CA LEU A 33 7.79 -2.85 3.74
C LEU A 33 8.97 -3.81 3.60
N VAL A 34 8.95 -4.88 4.38
CA VAL A 34 10.02 -5.87 4.34
C VAL A 34 9.52 -7.23 4.79
N LEU A 35 9.64 -8.20 3.90
CA LEU A 35 9.20 -9.56 4.17
C LEU A 35 10.39 -10.48 4.41
N LYS A 36 10.29 -11.32 5.43
CA LYS A 36 11.36 -12.25 5.76
C LYS A 36 10.89 -13.28 6.80
N GLY A 37 11.02 -14.56 6.45
CA GLY A 37 10.61 -15.61 7.35
C GLY A 37 11.16 -16.96 6.97
N GLU A 38 10.88 -17.38 5.74
CA GLU A 38 11.35 -18.67 5.24
C GLU A 38 12.09 -18.51 3.93
N LEU A 39 11.39 -18.01 2.91
CA LEU A 39 11.99 -17.80 1.60
C LEU A 39 11.22 -16.74 0.81
N ASP A 40 11.83 -16.23 -0.25
CA ASP A 40 11.21 -15.21 -1.09
C ASP A 40 9.90 -15.74 -1.69
N LEU A 41 10.03 -16.54 -2.75
CA LEU A 41 8.86 -17.11 -3.42
C LEU A 41 7.88 -16.02 -3.85
N HIS A 42 6.73 -16.42 -4.36
CA HIS A 42 5.71 -15.47 -4.79
C HIS A 42 5.22 -14.63 -3.63
N SER A 43 5.98 -13.59 -3.30
CA SER A 43 5.63 -12.70 -2.21
C SER A 43 4.25 -12.09 -2.42
N LYS A 44 3.43 -12.11 -1.37
CA LYS A 44 2.08 -11.57 -1.44
C LYS A 44 2.07 -10.04 -1.26
N ASN A 45 3.25 -9.48 -1.00
CA ASN A 45 3.37 -8.04 -0.80
C ASN A 45 2.79 -7.28 -1.99
N MET A 46 3.25 -7.62 -3.19
CA MET A 46 2.78 -6.97 -4.41
C MET A 46 1.27 -7.13 -4.55
N LYS A 47 0.79 -8.33 -4.32
CA LYS A 47 -0.64 -8.63 -4.42
C LYS A 47 -1.41 -7.98 -3.27
N ASN A 48 -0.70 -7.68 -2.19
CA ASN A 48 -1.31 -7.05 -1.03
C ASN A 48 -1.61 -5.58 -1.29
N VAL A 49 -0.74 -4.92 -2.05
CA VAL A 49 -0.92 -3.52 -2.38
C VAL A 49 -1.98 -3.34 -3.46
N ILE A 50 -1.94 -4.18 -4.48
CA ILE A 50 -2.91 -4.10 -5.57
C ILE A 50 -4.32 -4.33 -5.05
N ASN A 51 -4.44 -5.22 -4.07
CA ASN A 51 -5.74 -5.52 -3.47
C ASN A 51 -6.21 -4.39 -2.58
N ASN A 52 -5.31 -3.87 -1.75
CA ASN A 52 -5.63 -2.78 -0.84
C ASN A 52 -5.80 -1.47 -1.61
N ALA A 53 -4.88 -1.19 -2.50
CA ALA A 53 -4.93 0.02 -3.32
C ALA A 53 -6.23 0.09 -4.10
N LYS A 54 -6.76 -1.07 -4.47
CA LYS A 54 -8.00 -1.14 -5.23
C LYS A 54 -9.20 -1.02 -4.29
N LYS A 55 -9.16 -1.76 -3.18
CA LYS A 55 -10.24 -1.72 -2.21
C LYS A 55 -10.40 -0.33 -1.64
N ASN A 56 -9.29 0.39 -1.50
CA ASN A 56 -9.32 1.75 -0.98
C ASN A 56 -9.91 2.71 -2.01
N LEU A 57 -9.40 2.62 -3.25
CA LEU A 57 -9.88 3.48 -4.32
C LEU A 57 -11.41 3.45 -4.40
N GLU A 58 -11.95 2.26 -4.59
CA GLU A 58 -13.40 2.09 -4.67
C GLU A 58 -14.07 2.53 -3.38
N LYS A 59 -13.32 2.48 -2.28
CA LYS A 59 -13.85 2.88 -0.98
C LYS A 59 -14.26 4.35 -1.00
N TYR A 60 -13.56 5.15 -1.79
CA TYR A 60 -13.87 6.57 -1.91
C TYR A 60 -14.94 6.80 -2.96
N PHE A 61 -14.90 6.01 -4.03
CA PHE A 61 -15.88 6.14 -5.11
C PHE A 61 -17.22 5.55 -4.71
N LYS A 62 -17.20 4.51 -3.88
CA LYS A 62 -18.42 3.86 -3.44
C LYS A 62 -18.98 4.52 -2.18
N GLU A 63 -18.09 4.90 -1.27
CA GLU A 63 -18.49 5.53 -0.02
C GLU A 63 -18.59 7.05 -0.14
N HIS A 64 -17.52 7.67 -0.62
CA HIS A 64 -17.50 9.12 -0.76
C HIS A 64 -17.77 9.57 -2.20
N PHE A 65 -18.18 8.63 -3.04
CA PHE A 65 -18.49 8.92 -4.43
C PHE A 65 -17.28 9.54 -5.15
N LYS A 66 -16.99 9.04 -6.35
CA LYS A 66 -15.88 9.54 -7.13
C LYS A 66 -14.55 9.27 -6.43
N GLU A 67 -13.54 8.89 -7.20
CA GLU A 67 -12.22 8.61 -6.64
C GLU A 67 -11.21 9.68 -7.04
N PHE A 68 -10.22 9.91 -6.18
CA PHE A 68 -9.20 10.91 -6.45
C PHE A 68 -7.83 10.43 -5.96
N ASP A 69 -7.79 9.88 -4.75
CA ASP A 69 -6.55 9.39 -4.18
C ASP A 69 -5.95 8.27 -5.03
N LYS A 70 -4.78 8.53 -5.59
CA LYS A 70 -4.09 7.55 -6.42
C LYS A 70 -2.90 6.97 -5.68
N ILE A 71 -2.47 5.77 -6.07
CA ILE A 71 -1.34 5.13 -5.43
C ILE A 71 -0.43 4.43 -6.43
N SER A 72 0.87 4.47 -6.15
CA SER A 72 1.86 3.83 -7.00
C SER A 72 2.77 2.95 -6.14
N TYR A 73 2.74 1.65 -6.41
CA TYR A 73 3.55 0.72 -5.63
C TYR A 73 4.51 -0.06 -6.53
N ASP A 74 5.61 -0.50 -5.93
CA ASP A 74 6.63 -1.27 -6.66
C ASP A 74 7.36 -2.23 -5.73
N ILE A 75 7.88 -3.31 -6.29
CA ILE A 75 8.60 -4.30 -5.50
C ILE A 75 10.00 -4.54 -6.07
N SER A 76 10.96 -4.73 -5.17
CA SER A 76 12.35 -4.96 -5.58
C SER A 76 12.86 -6.27 -4.97
N THR A 77 12.96 -7.30 -5.81
CA THR A 77 13.43 -8.60 -5.37
C THR A 77 14.96 -8.59 -5.18
N PRO A 78 15.71 -8.11 -6.17
CA PRO A 78 17.16 -8.06 -6.11
C PRO A 78 17.67 -7.46 -4.80
N ILE A 79 16.91 -6.51 -4.27
CA ILE A 79 17.29 -5.85 -3.03
C ILE A 79 16.46 -6.38 -1.85
N ASN A 80 15.38 -7.10 -2.14
CA ASN A 80 14.52 -7.65 -1.09
C ASN A 80 13.86 -6.54 -0.30
N PHE A 81 13.61 -5.41 -0.96
CA PHE A 81 12.96 -4.28 -0.31
C PHE A 81 11.68 -3.90 -1.04
N LEU A 82 10.70 -3.42 -0.28
CA LEU A 82 9.41 -3.02 -0.85
C LEU A 82 9.24 -1.51 -0.79
N CYS A 83 9.12 -0.89 -1.97
CA CYS A 83 8.95 0.56 -2.05
C CYS A 83 7.52 0.91 -2.48
N ILE A 84 6.93 1.86 -1.77
CA ILE A 84 5.57 2.30 -2.08
C ILE A 84 5.48 3.82 -2.09
N PHE A 85 4.95 4.36 -3.19
CA PHE A 85 4.79 5.80 -3.33
C PHE A 85 3.36 6.13 -3.75
N ILE A 86 2.49 6.39 -2.78
CA ILE A 86 1.10 6.70 -3.07
C ILE A 86 0.88 8.19 -3.35
N PRO A 87 0.67 8.57 -4.63
CA PRO A 87 0.45 9.96 -5.02
C PRO A 87 -1.02 10.36 -4.92
N THR A 88 -1.31 11.28 -4.02
CA THR A 88 -2.68 11.74 -3.82
C THR A 88 -2.72 13.18 -3.31
N LEU A 89 -3.92 13.71 -3.12
CA LEU A 89 -4.08 15.07 -2.63
C LEU A 89 -4.93 15.09 -1.35
N PHE A 90 -4.25 15.20 -0.22
CA PHE A 90 -4.94 15.22 1.07
C PHE A 90 -5.72 16.53 1.23
N ASP A 91 -6.95 16.52 0.74
CA ASP A 91 -7.81 17.69 0.83
C ASP A 91 -9.23 17.37 0.37
N MET A 92 -9.38 17.10 -0.93
CA MET A 92 -10.68 16.77 -1.49
C MET A 92 -11.24 15.50 -0.87
N ASN A 93 -10.35 14.61 -0.45
CA ASN A 93 -10.76 13.35 0.17
C ASN A 93 -11.66 13.59 1.37
N ASN A 94 -11.35 14.64 2.12
CA ASN A 94 -12.13 15.00 3.31
C ASN A 94 -12.21 13.82 4.27
N MET A 95 -11.24 12.91 4.19
CA MET A 95 -11.20 11.75 5.07
C MET A 95 -10.05 10.82 4.68
N ASP A 96 -8.84 11.19 5.10
CA ASP A 96 -7.65 10.39 4.80
C ASP A 96 -7.58 9.18 5.71
N LEU A 97 -7.10 8.06 5.17
CA LEU A 97 -6.97 6.83 5.94
C LEU A 97 -5.74 6.04 5.52
N LEU A 98 -4.57 6.53 5.89
CA LEU A 98 -3.32 5.86 5.56
C LEU A 98 -3.12 4.60 6.40
N LYS A 99 -3.97 4.42 7.40
CA LYS A 99 -3.89 3.25 8.28
C LYS A 99 -4.04 1.95 7.48
N GLN A 100 -4.61 2.05 6.29
CA GLN A 100 -4.80 0.88 5.45
C GLN A 100 -3.47 0.42 4.88
N ALA A 101 -2.71 1.36 4.32
CA ALA A 101 -1.41 1.06 3.75
C ALA A 101 -0.46 0.53 4.82
N LEU A 102 -0.43 1.22 5.96
CA LEU A 102 0.43 0.82 7.07
C LEU A 102 0.08 -0.59 7.53
N LEU A 103 -1.19 -0.96 7.38
CA LEU A 103 -1.65 -2.28 7.77
C LEU A 103 -1.08 -3.34 6.84
N ILE A 104 -0.85 -2.95 5.59
CA ILE A 104 -0.31 -3.87 4.59
C ILE A 104 1.15 -4.21 4.89
N LEU A 105 1.95 -3.17 5.13
CA LEU A 105 3.37 -3.35 5.43
C LEU A 105 3.56 -3.98 6.81
N HIS A 106 2.66 -3.65 7.73
CA HIS A 106 2.73 -4.18 9.09
C HIS A 106 2.41 -5.67 9.11
N ASN A 107 1.35 -6.05 8.42
CA ASN A 107 0.93 -7.45 8.36
C ASN A 107 1.92 -8.27 7.54
N ASP A 108 2.54 -7.63 6.55
CA ASP A 108 3.51 -8.30 5.69
C ASP A 108 4.77 -8.66 6.48
N LEU A 109 5.11 -7.83 7.46
CA LEU A 109 6.29 -8.07 8.29
C LEU A 109 5.91 -8.70 9.61
N HIS A 110 4.66 -8.51 10.03
CA HIS A 110 4.18 -9.06 11.29
C HIS A 110 4.06 -10.59 11.22
N GLU A 111 4.26 -11.16 10.04
CA GLU A 111 4.16 -12.60 9.85
C GLU A 111 5.38 -13.33 10.40
N TYR A 112 6.32 -12.57 10.99
CA TYR A 112 7.53 -13.16 11.56
C TYR A 112 8.24 -12.13 12.42
N VAL A 113 8.79 -11.11 11.77
CA VAL A 113 9.50 -10.03 12.46
C VAL A 113 10.26 -10.56 13.68
N GLU A 114 10.15 -9.88 14.82
CA GLU A 114 10.85 -10.31 16.03
C GLU A 114 9.86 -10.75 17.11
N THR A 26 0.68 17.16 1.96
CA THR A 26 1.70 16.12 1.71
C THR A 26 1.98 15.98 0.23
N SER A 27 0.95 15.69 -0.55
CA SER A 27 1.08 15.52 -1.99
C SER A 27 1.70 14.17 -2.35
N LYS A 28 2.91 13.93 -1.85
CA LYS A 28 3.61 12.69 -2.12
C LYS A 28 3.79 11.87 -0.84
N GLN A 29 3.35 10.62 -0.87
CA GLN A 29 3.47 9.74 0.28
C GLN A 29 3.99 8.37 -0.14
N GLU A 30 4.82 7.78 0.71
CA GLU A 30 5.40 6.48 0.42
C GLU A 30 5.34 5.56 1.64
N LEU A 31 4.97 4.30 1.41
CA LEU A 31 4.87 3.32 2.49
C LEU A 31 6.04 2.36 2.45
N ILE A 32 6.64 2.12 3.62
CA ILE A 32 7.78 1.21 3.72
C ILE A 32 7.33 -0.22 3.95
N LEU A 33 7.47 -1.06 2.92
CA LEU A 33 7.07 -2.46 3.02
C LEU A 33 8.26 -3.37 2.75
N VAL A 34 8.37 -4.43 3.54
CA VAL A 34 9.47 -5.39 3.40
C VAL A 34 9.00 -6.66 2.68
N LEU A 35 9.42 -7.83 3.16
CA LEU A 35 9.04 -9.08 2.55
C LEU A 35 8.75 -10.13 3.60
N LYS A 36 7.63 -10.81 3.47
CA LYS A 36 7.23 -11.85 4.41
C LYS A 36 8.07 -13.11 4.20
N GLY A 37 7.90 -13.74 3.05
CA GLY A 37 8.64 -14.95 2.76
C GLY A 37 7.97 -15.80 1.69
N GLU A 38 7.90 -17.11 1.91
CA GLU A 38 7.29 -18.02 0.97
C GLU A 38 8.05 -18.03 -0.35
N LEU A 39 8.36 -19.22 -0.84
CA LEU A 39 9.10 -19.37 -2.10
C LEU A 39 8.14 -19.73 -3.23
N ASP A 40 6.95 -19.13 -3.23
CA ASP A 40 5.96 -19.38 -4.27
C ASP A 40 5.71 -18.13 -5.11
N LEU A 41 5.38 -18.33 -6.37
CA LEU A 41 5.11 -17.22 -7.27
C LEU A 41 6.34 -16.32 -7.40
N HIS A 42 6.40 -15.57 -8.50
CA HIS A 42 7.51 -14.66 -8.75
C HIS A 42 7.50 -13.51 -7.75
N SER A 43 6.36 -12.82 -7.66
CA SER A 43 6.24 -11.70 -6.73
C SER A 43 4.82 -11.63 -6.16
N LYS A 44 4.69 -11.98 -4.87
CA LYS A 44 3.41 -11.97 -4.21
C LYS A 44 3.11 -10.59 -3.62
N ASN A 45 4.17 -9.86 -3.29
CA ASN A 45 4.02 -8.52 -2.72
C ASN A 45 3.22 -7.62 -3.64
N MET A 46 3.60 -7.58 -4.92
CA MET A 46 2.91 -6.76 -5.90
C MET A 46 1.40 -7.00 -5.86
N LYS A 47 1.02 -8.28 -5.83
CA LYS A 47 -0.39 -8.65 -5.77
C LYS A 47 -1.03 -8.12 -4.51
N ASN A 48 -0.23 -7.97 -3.47
CA ASN A 48 -0.71 -7.47 -2.19
C ASN A 48 -1.20 -6.03 -2.33
N VAL A 49 -0.46 -5.22 -3.08
CA VAL A 49 -0.82 -3.83 -3.30
C VAL A 49 -2.05 -3.71 -4.19
N ILE A 50 -2.17 -4.62 -5.14
CA ILE A 50 -3.30 -4.61 -6.06
C ILE A 50 -4.62 -4.79 -5.30
N ASN A 51 -4.61 -5.68 -4.31
CA ASN A 51 -5.79 -5.94 -3.51
C ASN A 51 -6.08 -4.78 -2.55
N ASN A 52 -5.03 -4.30 -1.88
CA ASN A 52 -5.17 -3.20 -0.94
C ASN A 52 -5.43 -1.89 -1.67
N ALA A 53 -4.53 -1.53 -2.58
CA ALA A 53 -4.67 -0.30 -3.35
C ALA A 53 -6.04 -0.20 -4.02
N LYS A 54 -6.61 -1.36 -4.34
CA LYS A 54 -7.93 -1.41 -4.98
C LYS A 54 -9.03 -1.20 -3.95
N LYS A 55 -8.87 -1.80 -2.78
CA LYS A 55 -9.85 -1.68 -1.72
C LYS A 55 -10.01 -0.21 -1.30
N ASN A 56 -8.90 0.50 -1.20
CA ASN A 56 -8.91 1.90 -0.83
C ASN A 56 -9.53 2.75 -1.94
N LEU A 57 -9.06 2.54 -3.16
CA LEU A 57 -9.57 3.28 -4.31
C LEU A 57 -11.09 3.22 -4.39
N GLU A 58 -11.61 1.99 -4.44
CA GLU A 58 -13.05 1.79 -4.52
C GLU A 58 -13.74 2.35 -3.27
N LYS A 59 -13.01 2.36 -2.15
CA LYS A 59 -13.55 2.88 -0.89
C LYS A 59 -14.03 4.32 -1.08
N TYR A 60 -13.27 5.08 -1.86
CA TYR A 60 -13.61 6.47 -2.12
C TYR A 60 -14.75 6.55 -3.14
N PHE A 61 -14.67 5.72 -4.17
CA PHE A 61 -15.70 5.70 -5.20
C PHE A 61 -17.04 5.23 -4.64
N LYS A 62 -16.98 4.41 -3.59
CA LYS A 62 -18.19 3.90 -2.97
C LYS A 62 -18.72 4.84 -1.89
N GLU A 63 -17.85 5.68 -1.34
CA GLU A 63 -18.24 6.61 -0.29
C GLU A 63 -18.53 8.00 -0.84
N HIS A 64 -17.70 8.47 -1.77
CA HIS A 64 -17.87 9.80 -2.33
C HIS A 64 -18.36 9.75 -3.78
N PHE A 65 -18.74 8.56 -4.24
CA PHE A 65 -19.22 8.38 -5.61
C PHE A 65 -18.43 9.22 -6.61
N LYS A 66 -17.14 9.40 -6.33
CA LYS A 66 -16.28 10.18 -7.20
C LYS A 66 -14.89 9.57 -7.29
N GLU A 67 -14.35 9.16 -6.15
CA GLU A 67 -13.01 8.55 -6.10
C GLU A 67 -11.93 9.59 -6.37
N PHE A 68 -11.23 9.98 -5.31
CA PHE A 68 -10.16 10.97 -5.43
C PHE A 68 -8.82 10.36 -5.02
N ASP A 69 -7.74 11.13 -5.19
CA ASP A 69 -6.41 10.67 -4.85
C ASP A 69 -6.03 9.44 -5.65
N LYS A 70 -4.77 9.04 -5.57
CA LYS A 70 -4.27 7.87 -6.30
C LYS A 70 -3.22 7.13 -5.48
N ILE A 71 -3.01 5.85 -5.80
CA ILE A 71 -2.03 5.04 -5.12
C ILE A 71 -1.14 4.28 -6.08
N SER A 72 0.11 4.10 -5.70
CA SER A 72 1.07 3.40 -6.54
C SER A 72 1.94 2.46 -5.71
N TYR A 73 2.68 1.59 -6.41
CA TYR A 73 3.56 0.63 -5.73
C TYR A 73 4.64 0.15 -6.70
N ASP A 74 5.78 -0.25 -6.14
CA ASP A 74 6.89 -0.74 -6.95
C ASP A 74 7.84 -1.59 -6.13
N ILE A 75 8.76 -2.28 -6.81
CA ILE A 75 9.72 -3.14 -6.15
C ILE A 75 11.15 -2.80 -6.60
N SER A 76 12.13 -3.16 -5.79
CA SER A 76 13.53 -2.90 -6.11
C SER A 76 14.46 -3.72 -5.22
N THR A 77 15.76 -3.43 -5.31
CA THR A 77 16.76 -4.14 -4.52
C THR A 77 16.77 -5.62 -4.85
N PRO A 78 17.93 -6.28 -4.71
CA PRO A 78 18.08 -7.70 -4.99
C PRO A 78 17.44 -8.59 -3.93
N ILE A 79 17.20 -8.01 -2.75
CA ILE A 79 16.58 -8.75 -1.65
C ILE A 79 15.06 -8.64 -1.67
N ASN A 80 14.52 -8.16 -2.79
CA ASN A 80 13.08 -8.01 -2.93
C ASN A 80 12.52 -7.03 -1.89
N PHE A 81 12.57 -5.74 -2.21
CA PHE A 81 12.05 -4.71 -1.31
C PHE A 81 10.80 -4.07 -1.90
N LEU A 82 9.74 -4.02 -1.11
CA LEU A 82 8.48 -3.44 -1.55
C LEU A 82 8.39 -1.95 -1.19
N CYS A 83 8.76 -1.10 -2.14
CA CYS A 83 8.71 0.34 -1.92
C CYS A 83 7.43 0.92 -2.51
N ILE A 84 6.45 1.21 -1.66
CA ILE A 84 5.19 1.75 -2.10
C ILE A 84 5.23 3.28 -2.19
N PHE A 85 4.62 3.79 -3.26
CA PHE A 85 4.55 5.23 -3.49
C PHE A 85 3.11 5.65 -3.77
N ILE A 86 2.41 6.07 -2.73
CA ILE A 86 1.02 6.48 -2.86
C ILE A 86 0.89 7.99 -3.04
N PRO A 87 0.58 8.45 -4.27
CA PRO A 87 0.43 9.88 -4.56
C PRO A 87 -0.91 10.42 -4.05
N THR A 88 -0.85 11.27 -3.03
CA THR A 88 -2.05 11.84 -2.46
C THR A 88 -1.77 13.19 -1.81
N LEU A 89 -2.70 14.13 -1.98
CA LEU A 89 -2.56 15.47 -1.42
C LEU A 89 -3.32 15.60 -0.10
N PHE A 90 -4.17 14.63 0.18
CA PHE A 90 -4.95 14.63 1.42
C PHE A 90 -5.91 15.82 1.46
N ASP A 91 -7.18 15.53 1.70
CA ASP A 91 -8.20 16.57 1.77
C ASP A 91 -9.57 15.95 2.02
N MET A 92 -9.96 15.00 1.17
CA MET A 92 -11.24 14.33 1.29
C MET A 92 -11.24 13.35 2.46
N ASN A 93 -12.11 13.59 3.44
CA ASN A 93 -12.22 12.73 4.61
C ASN A 93 -11.12 13.03 5.64
N ASN A 94 -10.10 13.77 5.23
CA ASN A 94 -9.00 14.12 6.13
C ASN A 94 -8.42 12.87 6.80
N MET A 95 -8.07 11.88 5.98
CA MET A 95 -7.49 10.64 6.50
C MET A 95 -7.05 9.72 5.37
N ASP A 96 -7.89 9.61 4.33
CA ASP A 96 -7.59 8.77 3.19
C ASP A 96 -7.34 7.33 3.61
N LEU A 97 -7.90 6.95 4.77
CA LEU A 97 -7.76 5.60 5.29
C LEU A 97 -6.33 5.07 5.12
N LEU A 98 -5.34 5.89 5.46
CA LEU A 98 -3.94 5.51 5.34
C LEU A 98 -3.54 4.52 6.43
N LYS A 99 -4.28 4.55 7.54
CA LYS A 99 -4.01 3.65 8.67
C LYS A 99 -4.06 2.20 8.24
N GLN A 100 -4.72 1.92 7.13
CA GLN A 100 -4.85 0.55 6.63
C GLN A 100 -3.56 0.13 5.93
N ALA A 101 -3.10 0.97 5.00
CA ALA A 101 -1.88 0.68 4.25
C ALA A 101 -0.71 0.41 5.19
N LEU A 102 -0.56 1.29 6.18
CA LEU A 102 0.53 1.15 7.15
C LEU A 102 0.29 -0.04 8.09
N LEU A 103 -0.99 -0.41 8.23
CA LEU A 103 -1.34 -1.53 9.10
C LEU A 103 -1.14 -2.87 8.40
N ILE A 104 -1.50 -2.92 7.11
CA ILE A 104 -1.36 -4.14 6.33
C ILE A 104 0.10 -4.51 6.11
N LEU A 105 0.96 -3.50 6.01
CA LEU A 105 2.39 -3.74 5.81
C LEU A 105 3.07 -4.09 7.13
N HIS A 106 2.69 -3.40 8.20
CA HIS A 106 3.27 -3.63 9.51
C HIS A 106 2.77 -4.95 10.10
N ASN A 107 1.45 -5.12 10.11
CA ASN A 107 0.85 -6.33 10.66
C ASN A 107 1.30 -7.57 9.89
N ASP A 108 1.18 -7.53 8.57
CA ASP A 108 1.58 -8.65 7.73
C ASP A 108 3.04 -9.01 7.94
N LEU A 109 3.85 -8.00 8.25
CA LEU A 109 5.28 -8.21 8.47
C LEU A 109 5.61 -8.27 9.96
N HIS A 110 4.60 -8.12 10.82
CA HIS A 110 4.82 -8.15 12.27
C HIS A 110 5.09 -9.57 12.75
N GLU A 111 4.05 -10.40 12.78
CA GLU A 111 4.21 -11.78 13.24
C GLU A 111 4.59 -12.70 12.08
N TYR A 112 3.68 -12.85 11.12
CA TYR A 112 3.89 -13.69 9.95
C TYR A 112 2.56 -13.95 9.24
N VAL A 113 1.52 -14.13 10.05
CA VAL A 113 0.19 -14.39 9.53
C VAL A 113 -0.44 -13.12 8.99
N GLU A 114 -0.87 -13.15 7.74
CA GLU A 114 -1.48 -12.01 7.11
C GLU A 114 -3.00 -12.02 7.33
#